data_8P0I
#
_entry.id   8P0I
#
_cell.length_a   68.229
_cell.length_b   255.121
_cell.length_c   73.274
_cell.angle_alpha   90.000
_cell.angle_beta   110.000
_cell.angle_gamma   90.000
#
_symmetry.space_group_name_H-M   'P 1 21 1'
#
loop_
_entity.id
_entity.type
_entity.pdbx_description
1 polymer 'Leucyl-cystinyl aminopeptidase, pregnancy serum form'
2 branched beta-D-mannopyranose-(1-4)-2-acetamido-2-deoxy-beta-D-glucopyranose-(1-4)-2-acetamido-2-deoxy-beta-D-glucopyranose
3 branched alpha-D-mannopyranose-(1-3)-beta-D-mannopyranose-(1-4)-2-acetamido-2-deoxy-beta-D-glucopyranose-(1-4)-2-acetamido-2-deoxy-beta-D-glucopyranose
4 branched 2-acetamido-2-deoxy-beta-D-glucopyranose-(1-4)-2-acetamido-2-deoxy-beta-D-glucopyranose
5 non-polymer 2-acetamido-2-deoxy-beta-D-glucopyranose
6 non-polymer 2-[2-(3,5-dimethylpyrazol-1-yl)-6-(4-methoxyphenyl)pyrimidin-4-yl]oxy-N-methyl-N-[(2-methylpyridin-3-yl)methyl]ethanamide
7 non-polymer 'ZINC ION'
#
_entity_poly.entity_id   1
_entity_poly.type   'polypeptide(L)'
_entity_poly.pdbx_seq_one_letter_code
;ATNGKLFPWAQIRLPTAVVPLRYELSLHPNLTSMTFRGSVTISVQALQVTWNIILHSTGHNISRVTFMSAVSSQEKQAEI
LEYAYHGQIAIVAPEALLAGHNYTLKIEYSANISSSYYGFYGFSYTDESNEKKYFAATQFEPLAARSAFPCFDEPAFKAT
FIIKIIRDEQYTALSNMPKKSSVVLDDGLVQDEFSESVKMSTYLVAFIVGEMKNLSQDVNGTLVSIYAVPEKIGQVHYAL
ETTVKLLEFFQNYFEIQYPLKKLDLVAIPDFEAGAMENWGLLTFREETLLYDSNTSSMADRKLVTKIIAHELAHQWFGNL
VTMKWWNDLWLNEGFATFMEYFSLEKIFKELSSYEDFLDARFKTMKKDSLNSSHPISSSVQSSEQIEEMFDSLSYFKGSS
LLLMLKTYLSEDVFQHAVVLYLHNHSYASIQSDDLWDSFNEVTNQTLDVKRMMKTWTLQKGFPLVTVQKKGKELFIQQER
FFLNMKPEIQPSDTSYLWHIPLSYVTEGRNYSKYQSVSLLDKKSGVINLTEEVLWVKVNINMNGYYIVHYADDDWEALIH
QLKINPYVLSDKDRANLINNIFELAGLGKVPLKRAFDLINYLGNENHTAPITEALFQTDLIYNLLEKLGYMDLASRLVTR
VFKLLQNQIQQQTWTDEGTPSMRELRSALLEFACTHNLGNCSTTAMKLFDDWMASNGTQSLPTDVMTTVFKVGAKTDKGW
SFLLGKYISIGSEAEKNKILEALASSEDVRKLYWLMKSSLNGDNFRTQKLSFIIRTVGRHFPGHLLAWDFVKENWNKLVQ
KFPLGSYTIQNIVAGSTYLFSTKTHLSEVQAFFENQSEATFRLRCVQEALEVIQLNIQWMEKNLKSLTWWL
;
_entity_poly.pdbx_strand_id   A,B
#
loop_
_chem_comp.id
_chem_comp.type
_chem_comp.name
_chem_comp.formula
BMA D-saccharide, beta linking beta-D-mannopyranose 'C6 H12 O6'
MAN D-saccharide, alpha linking alpha-D-mannopyranose 'C6 H12 O6'
NAG D-saccharide, beta linking 2-acetamido-2-deoxy-beta-D-glucopyranose 'C8 H15 N O6'
WC3 non-polymer 2-[2-(3,5-dimethylpyrazol-1-yl)-6-(4-methoxyphenyl)pyrimidin-4-yl]oxy-N-methyl-N-[(2-methylpyridin-3-yl)methyl]ethanamide 'C26 H28 N6 O3'
ZN non-polymer 'ZINC ION' 'Zn 2'
#
# COMPACT_ATOMS: atom_id res chain seq x y z
N LEU A 6 -8.20 36.14 -38.36
CA LEU A 6 -7.90 37.26 -39.26
C LEU A 6 -6.52 37.85 -38.95
N PHE A 7 -6.10 37.70 -37.68
CA PHE A 7 -4.79 38.01 -37.11
C PHE A 7 -3.70 37.52 -38.08
N PRO A 8 -2.76 38.38 -38.46
CA PRO A 8 -1.87 38.01 -39.57
C PRO A 8 -0.79 37.00 -39.17
N TRP A 9 -0.22 37.12 -37.97
CA TRP A 9 0.89 36.25 -37.57
C TRP A 9 0.34 34.97 -36.94
N ALA A 10 0.28 33.90 -37.73
CA ALA A 10 -0.13 32.58 -37.26
C ALA A 10 1.07 31.71 -36.88
N GLN A 11 2.16 32.34 -36.46
CA GLN A 11 3.36 31.66 -36.02
C GLN A 11 3.64 32.07 -34.58
N ILE A 12 4.18 31.13 -33.78
CA ILE A 12 4.38 31.40 -32.36
C ILE A 12 5.42 32.49 -32.16
N ARG A 13 6.56 32.34 -32.82
CA ARG A 13 7.57 33.38 -32.79
C ARG A 13 7.03 34.64 -33.44
N LEU A 14 7.33 35.79 -32.82
CA LEU A 14 6.78 37.05 -33.26
C LEU A 14 7.33 37.41 -34.65
N PRO A 15 6.70 38.36 -35.32
CA PRO A 15 7.24 38.83 -36.60
C PRO A 15 8.61 39.47 -36.42
N THR A 16 9.51 39.17 -37.35
CA THR A 16 10.85 39.70 -37.35
C THR A 16 10.93 41.08 -38.02
N ALA A 17 9.78 41.69 -38.31
CA ALA A 17 9.75 42.95 -39.04
C ALA A 17 9.84 44.15 -38.10
N VAL A 18 8.74 44.44 -37.42
CA VAL A 18 8.65 45.59 -36.55
C VAL A 18 9.52 45.38 -35.31
N VAL A 19 10.05 46.46 -34.73
CA VAL A 19 11.04 46.34 -33.66
C VAL A 19 10.92 47.48 -32.65
N PRO A 20 11.04 47.19 -31.35
CA PRO A 20 10.95 48.22 -30.32
C PRO A 20 12.28 48.89 -30.00
N LEU A 21 12.21 50.20 -29.73
CA LEU A 21 13.41 50.95 -29.35
C LEU A 21 13.36 51.51 -27.94
N ARG A 22 12.24 52.11 -27.53
CA ARG A 22 12.12 52.72 -26.21
C ARG A 22 10.90 52.16 -25.50
N TYR A 23 10.90 52.27 -24.17
CA TYR A 23 9.80 51.78 -23.34
C TYR A 23 9.61 52.70 -22.15
N GLU A 24 8.38 53.22 -21.99
CA GLU A 24 7.96 53.94 -20.81
C GLU A 24 6.62 53.39 -20.34
N LEU A 25 6.40 53.35 -19.02
CA LEU A 25 5.22 52.64 -18.54
C LEU A 25 4.57 53.41 -17.40
N SER A 26 3.26 53.57 -17.49
CA SER A 26 2.44 54.12 -16.41
C SER A 26 1.54 53.03 -15.84
N LEU A 27 1.36 53.03 -14.53
CA LEU A 27 0.60 51.97 -13.88
C LEU A 27 0.04 52.49 -12.56
N HIS A 28 -1.19 52.11 -12.24
CA HIS A 28 -1.83 52.47 -10.98
C HIS A 28 -2.17 51.20 -10.23
N PRO A 29 -1.53 50.92 -9.10
CA PRO A 29 -1.78 49.65 -8.41
C PRO A 29 -2.62 49.85 -7.16
N ASN A 30 -3.91 49.50 -7.20
CA ASN A 30 -4.69 49.72 -5.99
C ASN A 30 -4.36 48.71 -4.91
N LEU A 31 -4.00 47.48 -5.28
CA LEU A 31 -3.57 46.42 -4.34
C LEU A 31 -4.72 45.94 -3.45
N THR A 32 -5.28 46.83 -2.63
CA THR A 32 -6.50 46.55 -1.88
C THR A 32 -7.63 46.10 -2.81
N SER A 33 -7.86 46.86 -3.88
CA SER A 33 -8.76 46.38 -4.91
C SER A 33 -8.17 45.18 -5.65
N MET A 34 -6.84 45.08 -5.69
CA MET A 34 -6.10 44.14 -6.53
C MET A 34 -6.32 44.40 -8.01
N THR A 35 -6.72 45.61 -8.35
CA THR A 35 -6.96 46.03 -9.72
C THR A 35 -5.99 47.14 -10.04
N PHE A 36 -5.69 47.27 -11.32
CA PHE A 36 -4.64 48.18 -11.72
C PHE A 36 -4.88 48.58 -13.16
N ARG A 37 -4.73 49.87 -13.40
CA ARG A 37 -4.82 50.43 -14.74
C ARG A 37 -3.55 51.20 -15.02
N GLY A 38 -3.22 51.32 -16.30
CA GLY A 38 -1.98 51.98 -16.62
C GLY A 38 -1.87 52.24 -18.10
N SER A 39 -0.77 52.88 -18.47
CA SER A 39 -0.49 53.23 -19.85
C SER A 39 0.87 52.69 -20.27
N VAL A 40 0.93 52.27 -21.51
CA VAL A 40 2.18 51.86 -22.14
C VAL A 40 2.73 53.05 -22.91
N THR A 41 4.06 53.11 -22.98
CA THR A 41 4.75 54.09 -23.81
C THR A 41 5.96 53.38 -24.41
N ILE A 42 6.01 53.28 -25.74
CA ILE A 42 6.98 52.42 -26.41
C ILE A 42 7.31 52.97 -27.78
N SER A 43 8.55 52.71 -28.22
CA SER A 43 9.07 53.24 -29.47
C SER A 43 9.43 52.10 -30.41
N VAL A 44 9.05 52.26 -31.67
CA VAL A 44 9.21 51.24 -32.70
C VAL A 44 9.94 51.84 -33.88
N GLN A 45 10.91 51.12 -34.44
CA GLN A 45 11.54 51.49 -35.71
C GLN A 45 11.50 50.28 -36.63
N ALA A 46 10.41 50.19 -37.41
CA ALA A 46 10.20 49.08 -38.32
C ALA A 46 11.32 48.97 -39.33
N LEU A 47 11.65 47.74 -39.70
CA LEU A 47 12.76 47.48 -40.61
C LEU A 47 12.32 46.83 -41.91
N GLN A 48 11.11 46.31 -41.97
CA GLN A 48 10.49 45.81 -43.19
C GLN A 48 9.08 46.38 -43.25
N VAL A 49 8.60 46.61 -44.46
CA VAL A 49 7.29 47.25 -44.65
C VAL A 49 6.21 46.32 -44.12
N THR A 50 5.44 46.79 -43.14
CA THR A 50 4.44 45.94 -42.53
C THR A 50 3.21 46.80 -42.27
N TRP A 51 2.07 46.41 -42.86
CA TRP A 51 0.84 47.13 -42.58
C TRP A 51 0.33 46.82 -41.17
N ASN A 52 0.58 45.61 -40.66
CA ASN A 52 0.11 45.19 -39.35
C ASN A 52 1.26 44.96 -38.36
N ILE A 53 0.99 45.21 -37.09
CA ILE A 53 2.01 45.01 -36.07
C ILE A 53 1.50 44.05 -35.04
N ILE A 54 2.32 43.05 -34.69
CA ILE A 54 1.92 41.98 -33.79
C ILE A 54 2.77 42.06 -32.52
N LEU A 55 2.12 41.96 -31.35
CA LEU A 55 2.76 42.12 -30.05
C LEU A 55 2.04 41.22 -29.05
N HIS A 56 2.65 41.05 -27.88
CA HIS A 56 2.15 40.15 -26.86
C HIS A 56 1.35 40.90 -25.80
N SER A 57 0.30 40.22 -25.31
CA SER A 57 -0.74 40.77 -24.48
C SER A 57 -1.66 39.70 -23.86
N THR A 58 -1.65 39.54 -22.54
CA THR A 58 -2.51 38.58 -21.86
C THR A 58 -3.41 39.33 -20.88
N GLY A 59 -4.71 39.36 -21.18
CA GLY A 59 -5.73 39.78 -20.24
C GLY A 59 -5.60 41.19 -19.68
N HIS A 60 -6.13 42.16 -20.43
CA HIS A 60 -6.28 43.54 -19.99
C HIS A 60 -7.57 44.15 -20.53
N ASN A 61 -7.90 45.31 -19.97
CA ASN A 61 -9.02 46.12 -20.47
C ASN A 61 -8.41 47.20 -21.36
N ILE A 62 -8.38 46.95 -22.67
CA ILE A 62 -7.91 47.94 -23.63
C ILE A 62 -9.05 48.91 -23.90
N SER A 63 -8.83 50.19 -23.60
CA SER A 63 -9.87 51.22 -23.74
C SER A 63 -9.70 52.01 -25.03
N ARG A 64 -8.56 52.66 -25.22
CA ARG A 64 -8.32 53.49 -26.39
C ARG A 64 -7.06 53.01 -27.11
N VAL A 65 -7.05 53.20 -28.42
CA VAL A 65 -5.98 52.71 -29.29
C VAL A 65 -5.54 53.86 -30.20
N THR A 66 -4.32 54.37 -29.97
CA THR A 66 -3.81 55.54 -30.67
C THR A 66 -2.50 55.22 -31.38
N PHE A 67 -2.41 55.59 -32.65
CA PHE A 67 -1.22 55.47 -33.48
C PHE A 67 -0.58 56.84 -33.68
N MET A 68 0.76 56.88 -33.67
CA MET A 68 1.53 58.09 -33.96
C MET A 68 2.31 57.91 -35.26
N SER A 69 2.07 58.80 -36.22
CA SER A 69 2.85 58.80 -37.45
C SER A 69 4.27 59.30 -37.25
N ALA A 70 4.53 60.01 -36.15
CA ALA A 70 5.80 60.66 -35.80
C ALA A 70 6.10 61.89 -36.67
N VAL A 71 5.25 62.22 -37.64
CA VAL A 71 5.39 63.44 -38.41
C VAL A 71 4.80 64.62 -37.65
N SER A 72 3.75 64.37 -36.86
CA SER A 72 3.05 65.40 -36.11
C SER A 72 2.76 64.88 -34.72
N SER A 73 2.28 65.78 -33.86
CA SER A 73 1.85 65.42 -32.52
C SER A 73 0.48 64.75 -32.50
N GLN A 74 -0.18 64.65 -33.65
CA GLN A 74 -1.47 63.96 -33.73
C GLN A 74 -1.28 62.46 -33.50
N GLU A 75 -2.23 61.86 -32.80
CA GLU A 75 -2.38 60.41 -32.66
C GLU A 75 -3.61 59.95 -33.47
N LYS A 76 -3.73 58.64 -33.67
CA LYS A 76 -4.74 58.13 -34.59
C LYS A 76 -5.30 56.81 -34.08
N GLN A 77 -6.62 56.66 -34.20
CA GLN A 77 -7.30 55.44 -33.76
C GLN A 77 -6.86 54.25 -34.59
N ALA A 78 -6.66 53.12 -33.92
CA ALA A 78 -6.10 51.93 -34.55
C ALA A 78 -6.79 50.71 -33.98
N GLU A 79 -7.71 50.13 -34.75
CA GLU A 79 -8.45 48.92 -34.39
C GLU A 79 -7.52 47.79 -33.97
N ILE A 80 -7.89 47.10 -32.89
CA ILE A 80 -7.02 46.15 -32.21
C ILE A 80 -7.64 44.76 -32.26
N LEU A 81 -6.81 43.74 -32.44
CA LEU A 81 -7.27 42.36 -32.55
C LEU A 81 -6.35 41.47 -31.74
N GLU A 82 -6.93 40.49 -31.05
CA GLU A 82 -6.22 39.61 -30.15
C GLU A 82 -6.41 38.15 -30.55
N TYR A 83 -5.36 37.36 -30.38
CA TYR A 83 -5.38 35.93 -30.66
C TYR A 83 -5.31 35.06 -29.42
N ALA A 84 -4.40 35.36 -28.48
CA ALA A 84 -4.42 34.82 -27.12
C ALA A 84 -4.03 33.35 -26.96
N TYR A 85 -4.31 32.50 -27.97
CA TYR A 85 -3.89 31.10 -27.95
C TYR A 85 -2.38 30.98 -27.78
N HIS A 86 -1.62 31.59 -28.69
CA HIS A 86 -0.22 31.86 -28.41
C HIS A 86 -0.06 33.08 -27.52
N GLY A 87 -1.00 34.02 -27.59
CA GLY A 87 -1.00 35.20 -26.72
C GLY A 87 -0.47 36.43 -27.41
N GLN A 88 -1.23 36.96 -28.37
CA GLN A 88 -0.74 38.04 -29.22
C GLN A 88 -1.82 39.09 -29.39
N ILE A 89 -1.39 40.30 -29.76
CA ILE A 89 -2.31 41.36 -30.14
C ILE A 89 -1.81 41.97 -31.45
N ALA A 90 -2.74 42.51 -32.23
CA ALA A 90 -2.46 43.06 -33.55
C ALA A 90 -3.01 44.47 -33.66
N ILE A 91 -2.24 45.35 -34.29
CA ILE A 91 -2.64 46.73 -34.53
C ILE A 91 -2.77 46.92 -36.03
N VAL A 92 -3.96 47.27 -36.49
CA VAL A 92 -4.20 47.53 -37.92
C VAL A 92 -3.99 49.03 -38.11
N ALA A 93 -2.72 49.40 -38.31
CA ALA A 93 -2.37 50.81 -38.47
C ALA A 93 -2.96 51.33 -39.78
N PRO A 94 -3.59 52.52 -39.77
CA PRO A 94 -4.08 53.08 -41.04
C PRO A 94 -2.94 53.43 -41.99
N GLU A 95 -1.90 54.07 -41.48
CA GLU A 95 -0.69 54.32 -42.25
C GLU A 95 0.20 53.09 -42.19
N ALA A 96 0.48 52.48 -43.34
CA ALA A 96 1.42 51.37 -43.42
C ALA A 96 2.81 51.85 -43.00
N LEU A 97 3.67 50.88 -42.69
CA LEU A 97 4.93 51.22 -42.06
C LEU A 97 6.08 51.06 -43.05
N LEU A 98 7.11 51.88 -42.85
CA LEU A 98 8.29 51.90 -43.68
C LEU A 98 9.53 51.81 -42.79
N ALA A 99 10.60 51.28 -43.36
CA ALA A 99 11.84 51.07 -42.60
C ALA A 99 12.44 52.40 -42.17
N GLY A 100 12.87 52.47 -40.91
CA GLY A 100 13.37 53.71 -40.35
C GLY A 100 12.32 54.76 -40.03
N HIS A 101 11.06 54.52 -40.38
CA HIS A 101 9.95 55.44 -40.08
C HIS A 101 9.45 55.00 -38.72
N ASN A 102 10.12 55.48 -37.68
CA ASN A 102 9.75 55.17 -36.31
C ASN A 102 8.43 55.83 -35.93
N TYR A 103 7.68 55.11 -35.11
CA TYR A 103 6.37 55.55 -34.63
C TYR A 103 6.32 55.38 -33.11
N THR A 104 5.23 55.83 -32.51
CA THR A 104 5.09 55.87 -31.05
C THR A 104 4.01 54.90 -30.62
N LEU A 105 4.33 54.08 -29.61
CA LEU A 105 3.44 53.03 -29.13
C LEU A 105 2.97 53.39 -27.73
N LYS A 106 1.71 53.82 -27.62
CA LYS A 106 1.10 54.12 -26.34
C LYS A 106 -0.30 53.51 -26.28
N ILE A 107 -0.61 52.90 -25.14
CA ILE A 107 -1.88 52.21 -24.94
C ILE A 107 -2.21 52.25 -23.46
N GLU A 108 -3.48 51.97 -23.14
CA GLU A 108 -3.97 52.06 -21.77
C GLU A 108 -4.81 50.83 -21.44
N TYR A 109 -4.58 50.24 -20.27
CA TYR A 109 -5.20 48.97 -19.93
C TYR A 109 -5.64 48.95 -18.47
N SER A 110 -6.77 48.29 -18.23
CA SER A 110 -7.24 47.92 -16.91
C SER A 110 -7.14 46.42 -16.76
N ALA A 111 -6.91 45.95 -15.53
CA ALA A 111 -6.61 44.53 -15.33
C ALA A 111 -6.69 44.18 -13.85
N ASN A 112 -6.69 42.88 -13.59
CA ASN A 112 -6.69 42.33 -12.23
C ASN A 112 -5.29 41.82 -11.89
N ILE A 113 -4.80 42.20 -10.69
CA ILE A 113 -3.49 41.74 -10.23
C ILE A 113 -3.50 40.21 -10.04
N SER A 114 -2.33 39.60 -10.16
CA SER A 114 -2.23 38.15 -10.19
C SER A 114 -2.56 37.52 -8.85
N SER A 115 -3.51 36.59 -8.86
CA SER A 115 -3.73 35.72 -7.70
C SER A 115 -2.56 34.77 -7.52
N SER A 116 -2.04 34.22 -8.62
CA SER A 116 -0.87 33.34 -8.60
C SER A 116 0.39 34.16 -8.30
N TYR A 117 1.54 33.52 -8.44
CA TYR A 117 2.81 34.18 -8.19
C TYR A 117 3.58 34.24 -9.49
N TYR A 118 2.87 34.64 -10.54
CA TYR A 118 3.33 34.59 -11.93
C TYR A 118 2.79 35.84 -12.63
N GLY A 119 3.64 36.85 -12.78
CA GLY A 119 3.21 38.12 -13.34
C GLY A 119 3.20 39.20 -12.29
N PHE A 120 2.28 40.17 -12.38
CA PHE A 120 2.13 41.19 -11.34
C PHE A 120 1.10 40.71 -10.33
N TYR A 121 1.58 40.36 -9.13
CA TYR A 121 0.81 39.55 -8.20
C TYR A 121 0.70 40.24 -6.85
N GLY A 122 -0.24 39.74 -6.04
CA GLY A 122 -0.51 40.32 -4.74
C GLY A 122 -0.61 39.28 -3.63
N PHE A 123 0.03 39.54 -2.51
CA PHE A 123 0.08 38.61 -1.40
C PHE A 123 0.03 39.37 -0.08
N SER A 124 -0.76 38.85 0.85
CA SER A 124 -1.01 39.47 2.14
C SER A 124 -0.25 38.71 3.22
N TYR A 125 0.40 39.44 4.12
CA TYR A 125 1.22 38.81 5.13
C TYR A 125 0.91 39.36 6.51
N THR A 126 0.98 38.49 7.51
CA THR A 126 0.76 38.88 8.89
C THR A 126 1.98 39.62 9.45
N ASP A 127 1.71 40.68 10.20
CA ASP A 127 2.70 41.49 10.89
C ASP A 127 3.17 40.75 12.14
N GLU A 128 4.15 41.32 12.85
CA GLU A 128 4.36 40.95 14.25
C GLU A 128 3.08 41.17 15.05
N SER A 129 2.38 42.29 14.80
CA SER A 129 1.02 42.47 15.28
C SER A 129 0.07 41.70 14.36
N ASN A 130 -1.23 41.76 14.66
CA ASN A 130 -2.24 41.14 13.82
C ASN A 130 -2.53 41.94 12.55
N GLU A 131 -1.84 43.05 12.34
CA GLU A 131 -1.81 43.81 11.09
C GLU A 131 -1.55 42.93 9.88
N LYS A 132 -2.53 42.83 9.01
CA LYS A 132 -2.42 42.12 7.74
C LYS A 132 -1.81 43.08 6.73
N LYS A 133 -0.48 43.24 6.80
CA LYS A 133 0.14 44.08 5.79
C LYS A 133 0.22 43.34 4.46
N TYR A 134 0.52 44.09 3.39
CA TYR A 134 0.43 43.63 2.02
C TYR A 134 1.70 44.00 1.25
N PHE A 135 1.83 43.42 0.05
CA PHE A 135 3.03 43.51 -0.76
C PHE A 135 2.65 43.08 -2.18
N ALA A 136 3.30 43.67 -3.17
CA ALA A 136 3.14 43.29 -4.57
C ALA A 136 4.50 43.22 -5.25
N ALA A 137 4.55 42.53 -6.38
CA ALA A 137 5.75 42.46 -7.19
C ALA A 137 5.47 41.78 -8.53
N THR A 138 6.53 41.43 -9.24
CA THR A 138 6.34 40.82 -10.54
C THR A 138 7.39 39.77 -10.84
N GLN A 139 6.96 38.69 -11.49
CA GLN A 139 7.86 37.66 -11.99
C GLN A 139 7.28 37.18 -13.32
N PHE A 140 7.95 37.48 -14.44
CA PHE A 140 7.44 37.12 -15.76
C PHE A 140 8.49 36.51 -16.65
N GLU A 141 9.48 35.80 -16.09
CA GLU A 141 10.56 35.22 -16.90
C GLU A 141 10.13 34.29 -18.02
N PRO A 142 9.28 33.23 -17.83
CA PRO A 142 8.95 32.36 -18.96
C PRO A 142 7.87 32.89 -19.89
N LEU A 143 8.06 34.13 -20.36
CA LEU A 143 7.09 34.81 -21.22
C LEU A 143 5.75 34.98 -20.49
N ALA A 144 5.77 35.88 -19.50
CA ALA A 144 4.57 36.28 -18.75
C ALA A 144 4.25 37.75 -18.86
N ALA A 145 5.22 38.59 -19.21
CA ALA A 145 5.03 40.03 -19.32
C ALA A 145 4.25 40.42 -20.55
N ARG A 146 3.84 39.47 -21.39
CA ARG A 146 2.65 39.60 -22.22
C ARG A 146 1.48 40.24 -21.44
N SER A 147 1.17 39.71 -20.26
CA SER A 147 0.25 40.40 -19.37
C SER A 147 0.95 41.62 -18.75
N ALA A 148 0.24 42.38 -17.90
CA ALA A 148 0.74 43.63 -17.29
C ALA A 148 0.99 44.57 -18.46
N PHE A 149 2.21 45.07 -18.68
CA PHE A 149 2.39 45.94 -19.84
C PHE A 149 2.38 45.11 -21.12
N PRO A 150 1.49 45.40 -22.06
CA PRO A 150 1.53 44.71 -23.35
C PRO A 150 2.81 45.08 -24.08
N CYS A 151 3.39 44.09 -24.76
CA CYS A 151 4.77 44.24 -25.20
C CYS A 151 5.30 43.08 -26.03
N PHE A 152 6.59 43.16 -26.36
CA PHE A 152 7.30 42.11 -27.10
C PHE A 152 8.01 41.23 -26.08
N ASP A 153 7.33 40.16 -25.65
CA ASP A 153 7.83 39.32 -24.57
C ASP A 153 9.08 38.54 -24.96
N GLU A 154 9.32 38.35 -26.26
CA GLU A 154 10.43 37.55 -26.75
C GLU A 154 11.75 38.19 -26.32
N PRO A 155 12.70 37.41 -25.79
CA PRO A 155 13.95 38.00 -25.26
C PRO A 155 14.85 38.62 -26.31
N ALA A 156 14.61 38.35 -27.60
CA ALA A 156 15.30 39.05 -28.67
C ALA A 156 15.00 40.55 -28.63
N PHE A 157 13.72 40.93 -28.71
CA PHE A 157 13.31 42.33 -28.83
C PHE A 157 13.58 43.05 -27.50
N LYS A 158 14.82 43.50 -27.35
CA LYS A 158 15.26 44.24 -26.16
C LYS A 158 15.10 45.74 -26.36
N ALA A 159 15.22 46.50 -25.26
CA ALA A 159 14.94 47.92 -25.33
C ALA A 159 15.28 48.59 -23.99
N THR A 160 15.22 49.92 -23.99
CA THR A 160 15.34 50.76 -22.80
C THR A 160 13.96 50.94 -22.18
N PHE A 161 13.92 50.96 -20.84
CA PHE A 161 12.66 50.91 -20.09
C PHE A 161 12.60 52.01 -19.04
N ILE A 162 11.58 52.86 -19.10
CA ILE A 162 11.26 53.75 -17.99
C ILE A 162 9.89 53.37 -17.49
N ILE A 163 9.64 53.49 -16.19
CA ILE A 163 8.35 53.07 -15.63
C ILE A 163 7.94 53.97 -14.47
N LYS A 164 6.69 54.46 -14.54
CA LYS A 164 6.13 55.37 -13.55
C LYS A 164 4.82 54.80 -13.05
N ILE A 165 4.71 54.60 -11.73
CA ILE A 165 3.55 53.97 -11.14
C ILE A 165 3.14 54.74 -9.89
N ILE A 166 1.87 54.55 -9.49
CA ILE A 166 1.30 55.22 -8.32
C ILE A 166 1.60 54.39 -7.09
N ARG A 167 1.72 55.08 -5.96
CA ARG A 167 2.10 54.45 -4.70
C ARG A 167 1.36 55.14 -3.57
N ASP A 168 1.59 54.66 -2.35
CA ASP A 168 1.21 55.35 -1.12
C ASP A 168 2.47 55.63 -0.32
N GLU A 169 2.37 56.56 0.63
CA GLU A 169 3.56 57.14 1.27
C GLU A 169 4.30 56.10 2.11
N GLN A 170 3.57 55.24 2.81
CA GLN A 170 4.20 54.19 3.61
C GLN A 170 4.90 53.17 2.73
N TYR A 171 4.28 52.81 1.60
CA TYR A 171 4.85 51.83 0.69
C TYR A 171 6.12 52.36 0.04
N THR A 172 7.23 51.69 0.28
CA THR A 172 8.49 51.99 -0.39
C THR A 172 8.50 51.21 -1.71
N ALA A 173 8.16 51.88 -2.80
CA ALA A 173 8.16 51.25 -4.11
C ALA A 173 9.58 51.24 -4.69
N LEU A 174 9.85 50.25 -5.54
CA LEU A 174 11.17 50.07 -6.11
C LEU A 174 11.07 49.49 -7.51
N SER A 175 12.14 49.62 -8.28
CA SER A 175 12.19 49.06 -9.62
C SER A 175 13.64 48.90 -10.04
N ASN A 176 13.83 48.49 -11.31
CA ASN A 176 15.13 48.11 -11.83
C ASN A 176 16.13 49.26 -11.80
N MET A 177 15.71 50.40 -12.19
CA MET A 177 16.51 51.60 -12.31
C MET A 177 16.32 52.51 -11.11
N PRO A 178 17.34 53.29 -10.76
CA PRO A 178 17.26 54.16 -9.59
C PRO A 178 16.19 55.24 -9.75
N LYS A 179 15.79 55.80 -8.61
CA LYS A 179 14.65 56.72 -8.57
C LYS A 179 15.06 58.13 -8.97
N LYS A 180 14.15 58.82 -9.65
CA LYS A 180 14.38 60.20 -10.07
C LYS A 180 13.32 61.14 -9.50
N SER A 181 12.13 61.15 -10.09
CA SER A 181 11.07 62.07 -9.69
C SER A 181 10.17 61.43 -8.64
N SER A 182 9.91 62.18 -7.55
CA SER A 182 9.07 61.71 -6.45
C SER A 182 8.11 62.84 -6.07
N VAL A 183 7.18 63.15 -6.98
CA VAL A 183 6.20 64.21 -6.75
C VAL A 183 5.18 63.73 -5.72
N VAL A 184 4.30 64.64 -5.29
CA VAL A 184 3.16 64.30 -4.44
C VAL A 184 1.90 64.76 -5.17
N LEU A 185 1.14 63.81 -5.68
CA LEU A 185 -0.01 64.11 -6.54
C LEU A 185 -1.22 64.43 -5.67
N ASP A 186 -2.37 64.60 -6.32
CA ASP A 186 -3.63 64.73 -5.60
C ASP A 186 -3.99 63.40 -4.93
N ASP A 187 -4.98 63.47 -4.04
CA ASP A 187 -5.49 62.36 -3.22
C ASP A 187 -4.49 61.89 -2.17
N GLY A 188 -3.44 62.66 -1.88
CA GLY A 188 -2.42 62.21 -0.95
C GLY A 188 -1.68 60.97 -1.42
N LEU A 189 -1.51 60.82 -2.73
CA LEU A 189 -0.90 59.63 -3.33
C LEU A 189 0.29 60.07 -4.17
N VAL A 190 1.43 59.40 -3.98
CA VAL A 190 2.71 59.75 -4.62
C VAL A 190 2.85 58.97 -5.92
N GLN A 191 3.54 59.55 -6.91
CA GLN A 191 3.86 58.88 -8.17
C GLN A 191 5.38 58.90 -8.37
N ASP A 192 6.06 57.96 -7.74
CA ASP A 192 7.51 57.84 -7.87
C ASP A 192 7.89 57.41 -9.28
N GLU A 193 8.99 57.96 -9.80
CA GLU A 193 9.49 57.63 -11.12
C GLU A 193 10.98 57.29 -11.04
N PHE A 194 11.47 56.65 -12.11
CA PHE A 194 12.80 56.09 -12.15
C PHE A 194 13.46 56.47 -13.48
N SER A 195 14.76 56.22 -13.58
CA SER A 195 15.48 56.56 -14.80
C SER A 195 15.12 55.60 -15.93
N GLU A 196 15.56 55.95 -17.14
CA GLU A 196 15.41 55.06 -18.29
C GLU A 196 16.31 53.84 -18.12
N SER A 197 15.74 52.64 -18.30
CA SER A 197 16.58 51.46 -18.23
C SER A 197 17.49 51.38 -19.46
N VAL A 198 18.46 50.48 -19.38
CA VAL A 198 19.35 50.19 -20.50
C VAL A 198 18.57 49.33 -21.49
N LYS A 199 19.19 49.02 -22.63
CA LYS A 199 18.59 48.06 -23.54
C LYS A 199 18.51 46.70 -22.86
N MET A 200 17.31 46.13 -22.79
CA MET A 200 17.10 44.94 -21.99
C MET A 200 15.85 44.23 -22.51
N SER A 201 15.76 42.95 -22.17
CA SER A 201 14.64 42.15 -22.63
C SER A 201 13.43 42.36 -21.73
N THR A 202 12.31 41.82 -22.21
CA THR A 202 11.02 41.93 -21.53
C THR A 202 11.06 41.38 -20.12
N TYR A 203 11.65 40.20 -19.93
CA TYR A 203 11.52 39.50 -18.66
C TYR A 203 12.37 40.11 -17.55
N LEU A 204 13.39 40.90 -17.90
CA LEU A 204 14.26 41.40 -16.85
C LEU A 204 13.68 42.63 -16.14
N VAL A 205 12.59 43.21 -16.66
CA VAL A 205 11.82 44.30 -16.05
C VAL A 205 11.34 43.89 -14.65
N ALA A 206 10.99 44.86 -13.80
CA ALA A 206 10.57 44.52 -12.44
C ALA A 206 9.91 45.71 -11.77
N PHE A 207 8.69 45.49 -11.24
CA PHE A 207 7.96 46.48 -10.44
C PHE A 207 7.65 45.86 -9.08
N ILE A 208 7.88 46.61 -8.00
CA ILE A 208 7.64 46.11 -6.65
C ILE A 208 7.12 47.26 -5.79
N VAL A 209 6.10 46.98 -4.97
CA VAL A 209 5.49 47.97 -4.08
C VAL A 209 5.20 47.36 -2.71
N GLY A 210 5.99 47.70 -1.69
CA GLY A 210 5.79 47.16 -0.35
C GLY A 210 6.46 48.00 0.71
N GLU A 211 6.18 47.63 1.98
CA GLU A 211 6.73 48.34 3.14
C GLU A 211 8.04 47.66 3.56
N MET A 212 9.18 48.27 3.21
CA MET A 212 10.47 47.65 3.42
C MET A 212 11.52 48.67 3.85
N LYS A 213 12.39 48.27 4.79
CA LYS A 213 13.54 49.07 5.18
C LYS A 213 14.72 48.73 4.27
N ASN A 214 15.90 49.29 4.58
CA ASN A 214 17.06 49.15 3.70
C ASN A 214 18.33 49.04 4.52
N LEU A 215 19.23 48.16 4.08
CA LEU A 215 20.59 48.08 4.58
C LEU A 215 21.54 48.24 3.40
N SER A 216 22.37 49.27 3.44
CA SER A 216 23.18 49.66 2.29
C SER A 216 24.64 49.80 2.67
N GLN A 217 25.49 49.65 1.66
CA GLN A 217 26.93 49.73 1.81
C GLN A 217 27.56 49.91 0.44
N ASP A 218 27.33 51.06 -0.18
CA ASP A 218 27.82 51.35 -1.53
C ASP A 218 29.34 51.41 -1.56
N VAL A 219 29.92 51.09 -2.72
CA VAL A 219 31.35 50.87 -2.82
C VAL A 219 31.80 51.13 -4.25
N ASN A 220 32.86 51.93 -4.40
CA ASN A 220 33.53 52.17 -5.70
C ASN A 220 32.57 52.78 -6.71
N GLY A 221 31.70 53.66 -6.23
CA GLY A 221 30.63 54.14 -7.10
C GLY A 221 29.63 53.07 -7.46
N THR A 222 29.33 52.16 -6.52
CA THR A 222 28.36 51.08 -6.75
C THR A 222 27.54 50.92 -5.48
N LEU A 223 26.25 51.21 -5.57
CA LEU A 223 25.36 51.25 -4.41
C LEU A 223 24.65 49.90 -4.25
N VAL A 224 24.84 49.27 -3.09
CA VAL A 224 24.23 47.99 -2.77
C VAL A 224 23.17 48.21 -1.70
N SER A 225 22.01 47.56 -1.87
CA SER A 225 20.90 47.71 -0.94
C SER A 225 20.15 46.39 -0.84
N ILE A 226 20.02 45.87 0.38
CA ILE A 226 19.27 44.64 0.61
C ILE A 226 17.96 44.97 1.31
N TYR A 227 16.96 45.39 0.53
CA TYR A 227 15.67 45.73 1.08
C TYR A 227 14.97 44.49 1.64
N ALA A 228 14.12 44.71 2.65
CA ALA A 228 13.42 43.63 3.33
C ALA A 228 12.33 44.23 4.20
N VAL A 229 11.44 43.38 4.69
CA VAL A 229 10.36 43.84 5.57
C VAL A 229 10.93 44.17 6.94
N PRO A 230 10.41 45.24 7.64
CA PRO A 230 11.01 45.73 8.90
C PRO A 230 11.25 44.73 10.03
N GLU A 231 10.52 43.61 9.98
CA GLU A 231 10.64 42.53 10.97
C GLU A 231 12.05 41.95 11.00
N LYS A 232 12.77 42.00 9.88
CA LYS A 232 14.21 41.74 9.86
C LYS A 232 15.00 43.05 9.72
N ILE A 233 15.66 43.24 8.57
CA ILE A 233 16.55 44.37 8.32
C ILE A 233 17.68 44.31 9.33
N GLY A 234 18.18 43.10 9.59
CA GLY A 234 19.25 42.90 10.54
C GLY A 234 19.88 41.53 10.37
N GLN A 235 19.05 40.57 9.97
CA GLN A 235 19.51 39.24 9.56
C GLN A 235 20.06 39.21 8.14
N VAL A 236 20.07 40.35 7.46
CA VAL A 236 20.54 40.47 6.09
C VAL A 236 21.93 41.11 6.08
N HIS A 237 22.88 40.46 6.74
CA HIS A 237 24.25 40.97 6.82
C HIS A 237 25.26 40.10 6.09
N TYR A 238 25.13 38.77 6.20
CA TYR A 238 25.97 37.87 5.44
C TYR A 238 25.75 38.06 3.95
N ALA A 239 24.52 38.37 3.56
CA ALA A 239 24.21 38.74 2.17
C ALA A 239 25.05 39.92 1.70
N LEU A 240 25.01 41.02 2.45
CA LEU A 240 25.74 42.23 2.10
C LEU A 240 27.24 41.99 2.08
N GLU A 241 27.76 41.35 3.14
CA GLU A 241 29.15 40.93 3.22
C GLU A 241 29.52 40.04 2.03
N THR A 242 28.60 39.18 1.59
CA THR A 242 28.86 38.32 0.44
C THR A 242 28.61 39.05 -0.87
N THR A 243 27.46 39.71 -1.00
CA THR A 243 27.06 40.31 -2.28
C THR A 243 28.03 41.41 -2.71
N VAL A 244 28.66 42.09 -1.75
CA VAL A 244 29.71 43.04 -2.06
C VAL A 244 30.94 42.33 -2.60
N LYS A 245 31.44 41.34 -1.83
CA LYS A 245 32.67 40.63 -2.15
C LYS A 245 32.58 39.92 -3.50
N LEU A 246 31.39 39.46 -3.86
CA LEU A 246 31.21 38.76 -5.12
C LEU A 246 31.26 39.74 -6.29
N LEU A 247 30.61 40.90 -6.14
CA LEU A 247 30.49 41.87 -7.23
C LEU A 247 31.86 42.41 -7.64
N GLU A 248 32.81 42.45 -6.70
CA GLU A 248 34.20 42.65 -7.04
C GLU A 248 34.73 41.51 -7.89
N PHE A 249 34.58 40.27 -7.41
CA PHE A 249 35.16 39.10 -8.10
C PHE A 249 34.58 38.92 -9.49
N PHE A 250 33.24 38.93 -9.59
CA PHE A 250 32.61 38.79 -10.89
C PHE A 250 32.87 40.00 -11.79
N GLN A 251 33.20 41.17 -11.22
CA GLN A 251 33.67 42.27 -12.04
C GLN A 251 35.08 42.01 -12.60
N ASN A 252 35.96 41.42 -11.79
CA ASN A 252 37.37 41.28 -12.20
C ASN A 252 37.52 40.23 -13.31
N TYR A 253 36.89 39.06 -13.13
CA TYR A 253 36.93 38.01 -14.14
C TYR A 253 36.35 38.48 -15.47
N PHE A 254 35.19 39.13 -15.41
CA PHE A 254 34.48 39.48 -16.62
C PHE A 254 35.08 40.72 -17.27
N GLU A 255 35.84 41.51 -16.49
CA GLU A 255 36.53 42.72 -16.94
C GLU A 255 35.55 43.75 -17.51
N ILE A 256 34.33 43.75 -16.97
CA ILE A 256 33.29 44.71 -17.30
C ILE A 256 32.65 45.13 -15.99
N GLN A 257 32.38 46.42 -15.82
CA GLN A 257 31.73 46.91 -14.62
C GLN A 257 30.21 46.83 -14.76
N TYR A 258 29.52 46.81 -13.61
CA TYR A 258 28.05 46.87 -13.57
C TYR A 258 27.62 48.14 -14.29
N PRO A 259 26.76 48.03 -15.30
CA PRO A 259 26.32 49.24 -16.03
C PRO A 259 25.53 50.21 -15.16
N LEU A 260 24.54 49.72 -14.42
CA LEU A 260 23.77 50.59 -13.55
C LEU A 260 24.62 51.05 -12.37
N LYS A 261 24.10 52.04 -11.65
CA LYS A 261 24.69 52.47 -10.40
C LYS A 261 24.03 51.83 -9.19
N LYS A 262 22.93 51.10 -9.37
CA LYS A 262 22.14 50.55 -8.29
C LYS A 262 22.13 49.02 -8.35
N LEU A 263 22.06 48.43 -7.16
CA LEU A 263 21.97 46.98 -7.00
C LEU A 263 21.10 46.73 -5.77
N ASP A 264 19.87 46.29 -6.00
CA ASP A 264 18.89 46.20 -4.92
C ASP A 264 18.44 44.75 -4.79
N LEU A 265 18.72 44.14 -3.65
CA LEU A 265 18.47 42.73 -3.42
C LEU A 265 17.31 42.63 -2.42
N VAL A 266 16.14 42.21 -2.91
CA VAL A 266 14.93 42.30 -2.10
C VAL A 266 14.75 41.04 -1.28
N ALA A 267 13.58 40.91 -0.66
CA ALA A 267 13.28 39.77 0.19
C ALA A 267 11.77 39.61 0.26
N ILE A 268 11.18 39.06 -0.80
CA ILE A 268 9.73 38.87 -0.96
C ILE A 268 9.22 38.05 0.22
N PRO A 269 8.42 38.66 1.09
CA PRO A 269 8.00 37.98 2.33
C PRO A 269 6.91 36.95 2.07
N ASP A 270 7.34 35.80 1.55
CA ASP A 270 6.45 34.70 1.20
C ASP A 270 7.35 33.50 0.86
N PHE A 271 6.73 32.36 0.58
CA PHE A 271 7.47 31.14 0.29
C PHE A 271 7.24 30.60 -1.11
N GLU A 272 6.11 30.94 -1.76
CA GLU A 272 5.83 30.57 -3.15
C GLU A 272 6.48 31.51 -4.15
N ALA A 273 7.60 32.13 -3.76
CA ALA A 273 8.34 33.10 -4.53
C ALA A 273 9.32 32.38 -5.46
N GLY A 274 10.07 33.16 -6.22
CA GLY A 274 11.14 32.63 -7.03
C GLY A 274 12.33 33.56 -6.97
N ALA A 275 13.50 32.99 -7.17
CA ALA A 275 14.74 33.77 -7.22
C ALA A 275 15.01 34.13 -8.66
N MET A 276 14.77 35.39 -9.00
CA MET A 276 15.05 35.91 -10.34
C MET A 276 16.11 37.00 -10.25
N GLU A 277 16.30 37.69 -11.37
CA GLU A 277 17.48 38.52 -11.62
C GLU A 277 17.08 39.70 -12.46
N ASN A 278 15.82 40.09 -12.35
CA ASN A 278 15.31 41.37 -12.78
C ASN A 278 16.33 42.45 -12.41
N TRP A 279 16.73 43.23 -13.40
CA TRP A 279 17.96 44.00 -13.31
C TRP A 279 17.84 45.04 -12.21
N GLY A 280 18.90 45.20 -11.42
CA GLY A 280 18.82 46.11 -10.29
C GLY A 280 18.09 45.56 -9.08
N LEU A 281 16.84 45.09 -9.22
CA LEU A 281 16.11 44.48 -8.10
C LEU A 281 16.12 42.96 -8.25
N LEU A 282 16.98 42.30 -7.48
CA LEU A 282 17.15 40.86 -7.58
C LEU A 282 16.21 40.22 -6.58
N THR A 283 15.07 39.73 -7.08
CA THR A 283 14.10 39.10 -6.19
C THR A 283 14.66 37.85 -5.55
N PHE A 284 14.14 37.57 -4.35
CA PHE A 284 14.58 36.45 -3.54
C PHE A 284 13.41 36.10 -2.64
N ARG A 285 13.39 34.87 -2.16
CA ARG A 285 12.38 34.47 -1.20
C ARG A 285 12.83 34.89 0.19
N GLU A 286 11.88 35.30 1.02
CA GLU A 286 12.17 35.50 2.42
C GLU A 286 12.56 34.14 3.01
N GLU A 287 13.69 34.12 3.74
CA GLU A 287 14.45 33.00 4.32
C GLU A 287 15.56 32.52 3.39
N THR A 288 15.52 32.91 2.12
CA THR A 288 16.59 32.57 1.19
C THR A 288 17.92 33.25 1.56
N LEU A 289 17.85 34.38 2.27
CA LEU A 289 19.00 35.23 2.54
C LEU A 289 19.30 35.38 4.01
N LEU A 290 18.30 35.24 4.88
CA LEU A 290 18.48 35.40 6.31
C LEU A 290 19.44 34.35 6.86
N TYR A 291 20.28 34.79 7.79
CA TYR A 291 21.28 33.92 8.39
C TYR A 291 21.84 34.65 9.59
N ASP A 292 22.12 33.91 10.65
CA ASP A 292 22.88 34.44 11.76
C ASP A 292 24.21 33.69 11.80
N SER A 293 25.28 34.38 12.22
CA SER A 293 26.58 33.73 12.37
C SER A 293 26.53 32.66 13.45
N ASN A 294 25.66 32.82 14.44
CA ASN A 294 25.23 31.79 15.37
C ASN A 294 23.98 31.12 14.78
N THR A 295 23.59 29.98 15.38
CA THR A 295 22.29 29.32 15.14
C THR A 295 22.19 28.59 13.81
N SER A 296 22.37 29.27 12.69
CA SER A 296 22.14 28.64 11.40
C SER A 296 23.29 27.71 11.03
N SER A 297 22.99 26.69 10.23
CA SER A 297 23.97 25.69 9.87
C SER A 297 24.87 26.18 8.73
N MET A 298 26.00 25.48 8.56
CA MET A 298 26.91 25.75 7.44
C MET A 298 26.20 25.56 6.11
N ALA A 299 25.36 24.53 6.01
CA ALA A 299 24.56 24.31 4.81
C ALA A 299 23.63 25.49 4.56
N ASP A 300 23.05 26.04 5.64
CA ASP A 300 22.28 27.27 5.55
C ASP A 300 23.13 28.42 5.02
N ARG A 301 24.37 28.53 5.50
CA ARG A 301 25.29 29.55 5.01
C ARG A 301 25.65 29.31 3.55
N LYS A 302 25.76 28.04 3.14
CA LYS A 302 26.16 27.71 1.77
C LYS A 302 25.10 28.19 0.77
N LEU A 303 23.82 28.00 1.12
CA LEU A 303 22.74 28.38 0.22
C LEU A 303 22.70 29.88 -0.01
N VAL A 304 22.87 30.67 1.05
CA VAL A 304 22.89 32.12 0.88
C VAL A 304 24.14 32.56 0.12
N THR A 305 25.30 31.95 0.42
CA THR A 305 26.54 32.29 -0.30
C THR A 305 26.57 31.75 -1.72
N LYS A 306 25.59 30.92 -2.10
CA LYS A 306 25.50 30.31 -3.41
C LYS A 306 24.35 30.87 -4.24
N ILE A 307 23.15 30.99 -3.64
CA ILE A 307 21.99 31.47 -4.38
C ILE A 307 22.18 32.93 -4.75
N ILE A 308 22.96 33.67 -3.96
CA ILE A 308 23.40 35.01 -4.36
C ILE A 308 24.17 34.95 -5.66
N ALA A 309 25.22 34.10 -5.70
CA ALA A 309 26.24 34.13 -6.75
C ALA A 309 25.64 33.80 -8.11
N HIS A 310 24.80 32.77 -8.17
CA HIS A 310 24.02 32.43 -9.36
C HIS A 310 23.21 33.62 -9.85
N GLU A 311 22.31 34.11 -9.00
CA GLU A 311 21.47 35.25 -9.35
C GLU A 311 22.31 36.50 -9.60
N LEU A 312 23.46 36.61 -8.90
CA LEU A 312 24.31 37.79 -9.05
C LEU A 312 24.99 37.83 -10.41
N ALA A 313 25.61 36.73 -10.82
CA ALA A 313 26.35 36.70 -12.09
C ALA A 313 25.44 36.85 -13.30
N HIS A 314 24.14 36.57 -13.13
CA HIS A 314 23.15 36.69 -14.20
C HIS A 314 23.07 38.11 -14.72
N GLN A 315 23.27 39.09 -13.83
CA GLN A 315 23.27 40.52 -14.16
C GLN A 315 24.18 40.84 -15.34
N TRP A 316 25.32 40.14 -15.42
CA TRP A 316 26.10 40.06 -16.64
C TRP A 316 25.51 39.04 -17.60
N PHE A 317 25.89 37.77 -17.45
CA PHE A 317 25.53 36.72 -18.40
C PHE A 317 24.03 36.41 -18.25
N GLY A 318 23.28 36.61 -19.33
CA GLY A 318 21.84 36.42 -19.30
C GLY A 318 21.06 37.72 -19.23
N ASN A 319 21.71 38.83 -18.90
CA ASN A 319 21.07 40.14 -18.83
C ASN A 319 21.63 41.12 -19.85
N LEU A 320 22.95 41.29 -19.91
CA LEU A 320 23.56 41.97 -21.04
C LEU A 320 23.37 41.12 -22.28
N VAL A 321 24.24 40.11 -22.43
CA VAL A 321 24.01 39.03 -23.36
C VAL A 321 22.74 38.31 -22.96
N THR A 322 21.73 38.37 -23.84
CA THR A 322 20.44 37.76 -23.58
C THR A 322 20.15 36.80 -24.73
N MET A 323 19.75 35.58 -24.38
CA MET A 323 19.49 34.58 -25.39
C MET A 323 18.35 34.98 -26.33
N LYS A 324 18.54 34.68 -27.62
CA LYS A 324 17.55 35.07 -28.61
C LYS A 324 16.23 34.35 -28.39
N TRP A 325 16.30 33.06 -28.08
CA TRP A 325 15.14 32.23 -27.80
C TRP A 325 15.46 31.37 -26.58
N TRP A 326 14.54 30.50 -26.20
CA TRP A 326 14.63 29.60 -25.06
C TRP A 326 15.36 28.30 -25.38
N ASN A 327 16.02 28.24 -26.55
CA ASN A 327 16.84 27.08 -26.86
C ASN A 327 18.02 26.94 -25.90
N ASP A 328 18.61 28.07 -25.51
CA ASP A 328 19.82 28.08 -24.71
C ASP A 328 19.58 28.75 -23.38
N LEU A 329 18.51 28.35 -22.71
CA LEU A 329 18.34 28.80 -21.35
C LEU A 329 19.38 28.16 -20.45
N TRP A 330 19.80 26.93 -20.81
CA TRP A 330 20.98 26.31 -20.24
C TRP A 330 22.25 27.12 -20.46
N LEU A 331 22.30 27.95 -21.51
CA LEU A 331 23.45 28.85 -21.67
C LEU A 331 23.57 29.81 -20.50
N ASN A 332 22.45 30.41 -20.09
CA ASN A 332 22.45 31.29 -18.93
C ASN A 332 22.65 30.49 -17.65
N GLU A 333 21.73 29.55 -17.39
CA GLU A 333 21.68 28.82 -16.12
C GLU A 333 22.93 27.98 -15.90
N GLY A 334 23.34 27.23 -16.92
CA GLY A 334 24.55 26.44 -16.83
C GLY A 334 25.80 27.26 -16.60
N PHE A 335 25.83 28.48 -17.15
CA PHE A 335 26.99 29.35 -16.94
C PHE A 335 27.07 29.82 -15.49
N ALA A 336 26.01 30.46 -14.99
CA ALA A 336 26.10 31.05 -13.66
C ALA A 336 26.14 30.00 -12.56
N THR A 337 25.51 28.85 -12.78
CA THR A 337 25.62 27.73 -11.83
C THR A 337 27.06 27.26 -11.71
N PHE A 338 27.80 27.25 -12.82
CA PHE A 338 29.24 27.02 -12.74
C PHE A 338 29.91 28.14 -11.95
N MET A 339 29.46 29.39 -12.15
CA MET A 339 30.09 30.51 -11.49
C MET A 339 29.90 30.44 -9.97
N GLU A 340 28.73 29.96 -9.53
CA GLU A 340 28.42 29.59 -8.15
C GLU A 340 29.55 28.80 -7.51
N TYR A 341 29.83 27.63 -8.06
CA TYR A 341 30.83 26.74 -7.49
C TYR A 341 32.24 27.10 -7.96
N PHE A 342 32.39 28.07 -8.86
CA PHE A 342 33.70 28.65 -9.14
C PHE A 342 33.95 29.92 -8.34
N SER A 343 32.94 30.80 -8.20
CA SER A 343 33.09 32.00 -7.38
C SER A 343 33.43 31.60 -5.96
N LEU A 344 32.72 30.60 -5.44
CA LEU A 344 32.96 30.10 -4.10
C LEU A 344 34.37 29.57 -3.94
N GLU A 345 34.87 28.81 -4.95
CA GLU A 345 36.21 28.24 -4.87
C GLU A 345 37.28 29.33 -4.79
N LYS A 346 37.10 30.42 -5.54
CA LYS A 346 38.12 31.46 -5.57
C LYS A 346 38.11 32.29 -4.28
N ILE A 347 36.93 32.72 -3.81
CA ILE A 347 36.91 33.61 -2.66
C ILE A 347 36.55 32.87 -1.36
N PHE A 348 35.38 32.23 -1.29
CA PHE A 348 34.94 31.54 -0.08
C PHE A 348 35.39 30.08 -0.08
N LYS A 349 36.71 29.88 -0.23
CA LYS A 349 37.24 28.54 -0.47
C LYS A 349 36.98 27.61 0.71
N GLU A 350 36.87 28.17 1.92
CA GLU A 350 36.66 27.38 3.13
C GLU A 350 35.33 26.63 3.10
N LEU A 351 34.35 27.12 2.33
CA LEU A 351 33.03 26.49 2.27
C LEU A 351 33.07 25.07 1.69
N SER A 352 34.13 24.72 0.96
CA SER A 352 34.30 23.37 0.41
C SER A 352 33.17 23.04 -0.56
N SER A 353 32.80 24.02 -1.38
CA SER A 353 31.64 23.92 -2.25
C SER A 353 31.80 22.87 -3.34
N TYR A 354 33.03 22.40 -3.60
CA TYR A 354 33.24 21.34 -4.57
C TYR A 354 32.54 20.05 -4.17
N GLU A 355 32.41 19.80 -2.86
CA GLU A 355 31.63 18.66 -2.37
C GLU A 355 30.18 18.78 -2.79
N ASP A 356 29.65 20.00 -2.85
CA ASP A 356 28.28 20.21 -3.30
C ASP A 356 28.16 20.09 -4.82
N PHE A 357 29.21 20.48 -5.54
CA PHE A 357 29.16 20.39 -7.00
C PHE A 357 29.19 18.93 -7.46
N LEU A 358 30.08 18.13 -6.87
CA LEU A 358 30.28 16.75 -7.31
C LEU A 358 29.05 15.89 -7.08
N ASP A 359 28.39 16.07 -5.92
CA ASP A 359 27.17 15.35 -5.59
C ASP A 359 26.08 15.61 -6.61
N ALA A 360 25.89 16.89 -6.96
CA ALA A 360 24.87 17.24 -7.94
C ALA A 360 25.20 16.66 -9.31
N ARG A 361 26.48 16.65 -9.68
CA ARG A 361 26.86 16.07 -10.96
C ARG A 361 26.67 14.56 -10.96
N PHE A 362 27.00 13.90 -9.83
CA PHE A 362 26.68 12.49 -9.62
C PHE A 362 25.18 12.24 -9.80
N LYS A 363 24.35 12.96 -9.04
CA LYS A 363 22.90 12.83 -9.14
C LYS A 363 22.42 13.20 -10.53
N THR A 364 23.09 14.13 -11.20
CA THR A 364 22.72 14.54 -12.55
C THR A 364 22.89 13.39 -13.54
N MET A 365 24.03 12.70 -13.46
CA MET A 365 24.34 11.63 -14.41
C MET A 365 23.35 10.48 -14.30
N LYS A 366 22.97 10.11 -13.08
CA LYS A 366 22.04 9.01 -12.90
C LYS A 366 20.60 9.36 -13.28
N LYS A 367 20.30 10.61 -13.63
CA LYS A 367 19.07 10.98 -14.30
C LYS A 367 19.25 11.24 -15.79
N ASP A 368 20.46 11.62 -16.22
CA ASP A 368 20.68 11.82 -17.65
C ASP A 368 20.78 10.48 -18.39
N SER A 369 21.25 9.41 -17.71
CA SER A 369 21.34 8.06 -18.28
C SER A 369 20.01 7.34 -18.35
N LEU A 370 18.95 8.01 -18.75
CA LEU A 370 17.64 7.42 -18.89
C LEU A 370 17.16 7.82 -20.27
N ASN A 371 16.31 6.98 -20.87
CA ASN A 371 15.77 7.33 -22.18
C ASN A 371 14.89 8.57 -22.11
N SER A 372 14.29 8.84 -20.95
CA SER A 372 13.45 10.02 -20.76
C SER A 372 14.22 11.33 -20.95
N SER A 373 15.54 11.30 -20.76
CA SER A 373 16.38 12.46 -21.00
C SER A 373 16.26 12.95 -22.44
N HIS A 374 16.22 14.26 -22.59
CA HIS A 374 16.22 14.86 -23.91
C HIS A 374 17.46 15.71 -24.06
N PRO A 375 17.91 15.93 -25.31
CA PRO A 375 19.12 16.72 -25.56
C PRO A 375 19.03 18.12 -24.97
N ILE A 376 20.21 18.63 -24.56
CA ILE A 376 20.28 19.94 -23.90
C ILE A 376 19.76 21.03 -24.84
N SER A 377 20.21 21.00 -26.08
CA SER A 377 19.66 21.86 -27.12
C SER A 377 18.50 21.12 -27.78
N SER A 378 17.32 21.72 -27.75
CA SER A 378 16.11 21.11 -28.28
C SER A 378 15.22 22.19 -28.86
N SER A 379 14.53 21.87 -29.94
CA SER A 379 13.64 22.83 -30.60
C SER A 379 12.49 23.22 -29.69
N VAL A 380 12.13 24.50 -29.75
CA VAL A 380 11.10 25.06 -28.89
C VAL A 380 10.09 25.77 -29.77
N GLN A 381 8.81 25.36 -29.68
CA GLN A 381 7.78 25.92 -30.55
C GLN A 381 6.44 26.09 -29.83
N SER A 382 6.37 25.89 -28.52
CA SER A 382 5.11 26.08 -27.80
C SER A 382 5.40 26.25 -26.32
N SER A 383 4.36 26.71 -25.60
CA SER A 383 4.52 27.18 -24.22
C SER A 383 4.97 26.07 -23.27
N GLU A 384 4.39 24.87 -23.43
CA GLU A 384 4.82 23.73 -22.62
C GLU A 384 6.28 23.38 -22.90
N GLN A 385 6.72 23.55 -24.14
CA GLN A 385 8.14 23.35 -24.45
C GLN A 385 9.02 24.42 -23.79
N ILE A 386 8.52 25.65 -23.63
CA ILE A 386 9.27 26.67 -22.91
C ILE A 386 9.48 26.24 -21.46
N GLU A 387 8.37 25.98 -20.76
CA GLU A 387 8.40 25.73 -19.33
C GLU A 387 9.08 24.40 -19.01
N GLU A 388 8.99 23.43 -19.93
CA GLU A 388 9.72 22.17 -19.76
C GLU A 388 11.22 22.35 -19.82
N MET A 389 11.70 23.44 -20.46
CA MET A 389 13.11 23.78 -20.57
C MET A 389 13.72 24.30 -19.28
N PHE A 390 12.91 24.60 -18.27
CA PHE A 390 13.43 25.10 -17.00
C PHE A 390 13.76 23.97 -16.03
N ASP A 391 13.84 22.73 -16.52
CA ASP A 391 14.18 21.60 -15.67
C ASP A 391 15.59 21.77 -15.13
N SER A 392 15.77 21.35 -13.88
CA SER A 392 17.03 21.58 -13.17
C SER A 392 18.20 20.84 -13.78
N LEU A 393 17.94 19.78 -14.56
CA LEU A 393 19.02 18.99 -15.14
C LEU A 393 19.82 19.79 -16.17
N SER A 394 19.14 20.61 -16.99
CA SER A 394 19.81 21.41 -18.01
C SER A 394 20.77 22.42 -17.37
N TYR A 395 20.39 22.95 -16.21
CA TYR A 395 21.17 23.99 -15.54
C TYR A 395 22.52 23.44 -15.09
N PHE A 396 22.57 22.16 -14.75
CA PHE A 396 23.72 21.50 -14.16
C PHE A 396 24.56 20.75 -15.19
N LYS A 397 23.91 20.11 -16.18
CA LYS A 397 24.65 19.49 -17.27
C LYS A 397 25.47 20.53 -18.02
N GLY A 398 24.85 21.69 -18.31
CA GLY A 398 25.59 22.81 -18.83
C GLY A 398 26.69 23.29 -17.90
N SER A 399 26.45 23.26 -16.58
CA SER A 399 27.48 23.60 -15.62
C SER A 399 28.67 22.63 -15.68
N SER A 400 28.41 21.36 -16.02
CA SER A 400 29.47 20.37 -16.12
C SER A 400 30.28 20.52 -17.40
N LEU A 401 29.59 20.74 -18.53
CA LEU A 401 30.22 20.85 -19.84
C LEU A 401 31.21 22.01 -19.88
N LEU A 402 30.80 23.16 -19.35
CA LEU A 402 31.67 24.33 -19.27
C LEU A 402 32.89 24.06 -18.40
N LEU A 403 32.69 23.37 -17.28
CA LEU A 403 33.81 22.99 -16.41
C LEU A 403 34.77 22.07 -17.13
N MET A 404 34.23 21.10 -17.90
CA MET A 404 35.05 20.22 -18.73
C MET A 404 35.87 21.03 -19.72
N LEU A 405 35.28 22.08 -20.29
CA LEU A 405 36.00 22.93 -21.23
C LEU A 405 37.09 23.73 -20.52
N LYS A 406 36.76 24.32 -19.36
CA LYS A 406 37.76 25.00 -18.56
C LYS A 406 38.83 24.04 -18.06
N THR A 407 38.46 22.77 -17.89
CA THR A 407 39.45 21.76 -17.54
C THR A 407 40.37 21.44 -18.72
N TYR A 408 39.82 21.39 -19.93
CA TYR A 408 40.60 21.08 -21.12
C TYR A 408 41.47 22.26 -21.54
N LEU A 409 40.86 23.22 -22.24
CA LEU A 409 41.47 24.50 -22.50
C LEU A 409 41.86 25.17 -21.18
N SER A 410 42.91 25.99 -21.22
CA SER A 410 43.42 26.59 -20.01
C SER A 410 42.39 27.53 -19.38
N GLU A 411 42.49 27.69 -18.06
CA GLU A 411 41.50 28.45 -17.31
C GLU A 411 41.50 29.91 -17.71
N ASP A 412 42.70 30.48 -17.90
CA ASP A 412 42.78 31.86 -18.39
C ASP A 412 42.30 31.96 -19.85
N VAL A 413 42.49 30.89 -20.63
CA VAL A 413 41.89 30.81 -21.97
C VAL A 413 40.38 30.91 -21.87
N PHE A 414 39.81 30.25 -20.86
CA PHE A 414 38.37 30.36 -20.57
C PHE A 414 37.98 31.80 -20.28
N GLN A 415 38.76 32.48 -19.42
CA GLN A 415 38.41 33.85 -19.04
C GLN A 415 38.52 34.81 -20.22
N HIS A 416 39.58 34.67 -21.03
CA HIS A 416 39.72 35.48 -22.23
C HIS A 416 38.59 35.21 -23.21
N ALA A 417 38.08 33.97 -23.23
CA ALA A 417 36.95 33.64 -24.08
C ALA A 417 35.68 34.35 -23.64
N VAL A 418 35.48 34.49 -22.32
CA VAL A 418 34.23 35.05 -21.80
C VAL A 418 34.11 36.52 -22.17
N VAL A 419 35.15 37.32 -21.87
CA VAL A 419 35.12 38.78 -22.00
C VAL A 419 34.85 39.20 -23.46
N LEU A 420 35.50 38.51 -24.40
CA LEU A 420 35.21 38.75 -25.83
C LEU A 420 33.78 38.39 -26.16
N TYR A 421 33.30 37.26 -25.62
CA TYR A 421 31.90 36.87 -25.78
C TYR A 421 30.96 37.93 -25.24
N LEU A 422 31.30 38.52 -24.10
CA LEU A 422 30.48 39.57 -23.52
C LEU A 422 30.53 40.82 -24.39
N HIS A 423 31.72 41.45 -24.45
CA HIS A 423 31.90 42.79 -25.04
C HIS A 423 31.43 42.87 -26.48
N ASN A 424 31.75 41.85 -27.26
CA ASN A 424 31.39 41.80 -28.68
C ASN A 424 29.87 41.79 -28.85
N HIS A 425 29.21 40.84 -28.19
CA HIS A 425 27.76 40.68 -28.31
C HIS A 425 26.99 41.29 -27.14
N SER A 426 27.61 42.19 -26.38
CA SER A 426 26.98 42.77 -25.20
C SER A 426 25.76 43.61 -25.56
N TYR A 427 24.84 43.72 -24.60
CA TYR A 427 23.62 44.52 -24.74
C TYR A 427 22.78 44.03 -25.91
N ALA A 428 22.75 42.73 -26.10
CA ALA A 428 22.27 42.19 -27.38
C ALA A 428 21.86 40.74 -27.21
N SER A 429 21.15 40.24 -28.22
CA SER A 429 20.77 38.85 -28.31
C SER A 429 21.85 38.06 -29.02
N ILE A 430 22.00 36.80 -28.63
CA ILE A 430 22.94 35.87 -29.25
C ILE A 430 22.28 34.51 -29.38
N GLN A 431 23.06 33.56 -29.90
CA GLN A 431 22.74 32.14 -29.92
C GLN A 431 23.89 31.37 -29.30
N SER A 432 23.61 30.10 -28.97
CA SER A 432 24.57 29.23 -28.30
C SER A 432 25.86 29.08 -29.09
N ASP A 433 25.75 29.03 -30.41
CA ASP A 433 26.90 28.91 -31.28
C ASP A 433 27.83 30.12 -31.13
N ASP A 434 27.25 31.30 -30.88
CA ASP A 434 28.03 32.53 -30.74
C ASP A 434 28.96 32.47 -29.53
N LEU A 435 28.60 31.70 -28.51
CA LEU A 435 29.57 31.43 -27.45
C LEU A 435 30.71 30.56 -27.95
N TRP A 436 30.39 29.59 -28.82
CA TRP A 436 31.40 28.63 -29.27
C TRP A 436 32.41 29.29 -30.21
N ASP A 437 31.94 30.12 -31.15
CA ASP A 437 32.79 30.90 -32.06
C ASP A 437 33.84 31.70 -31.30
N SER A 438 33.44 32.26 -30.16
CA SER A 438 34.33 33.02 -29.31
C SER A 438 35.50 32.16 -28.81
N PHE A 439 35.21 30.91 -28.42
CA PHE A 439 36.26 30.03 -27.90
C PHE A 439 37.32 29.71 -28.97
N ASN A 440 36.88 29.54 -30.22
CA ASN A 440 37.80 29.23 -31.30
C ASN A 440 38.73 30.41 -31.57
N GLU A 441 38.19 31.63 -31.56
CA GLU A 441 39.01 32.82 -31.72
C GLU A 441 40.02 32.94 -30.58
N VAL A 442 39.55 32.74 -29.34
CA VAL A 442 40.41 32.90 -28.17
C VAL A 442 41.48 31.83 -28.13
N THR A 443 41.20 30.65 -28.67
CA THR A 443 42.19 29.58 -28.72
C THR A 443 43.38 30.00 -29.58
N ASN A 444 44.57 29.54 -29.17
CA ASN A 444 45.80 29.96 -29.85
C ASN A 444 45.82 29.46 -31.28
N GLN A 445 45.41 28.23 -31.51
CA GLN A 445 45.06 27.76 -32.84
C GLN A 445 43.56 27.93 -33.04
N THR A 446 43.16 28.33 -34.26
CA THR A 446 41.74 28.33 -34.61
C THR A 446 41.18 26.92 -34.73
N LEU A 447 42.07 25.90 -34.83
CA LEU A 447 41.82 24.52 -34.42
C LEU A 447 41.15 24.39 -33.05
N ASP A 448 40.68 23.17 -32.76
CA ASP A 448 39.80 22.92 -31.62
C ASP A 448 38.54 23.77 -31.76
N VAL A 449 37.91 23.65 -32.92
CA VAL A 449 36.61 24.26 -33.16
C VAL A 449 35.64 23.72 -32.13
N LYS A 450 34.75 24.58 -31.64
CA LYS A 450 33.89 24.20 -30.52
C LYS A 450 32.73 23.28 -30.92
N ARG A 451 32.67 22.84 -32.18
CA ARG A 451 31.90 21.71 -32.68
C ARG A 451 31.92 20.47 -31.77
N MET A 452 33.08 20.21 -31.15
CA MET A 452 33.23 19.30 -30.01
C MET A 452 32.06 19.40 -29.02
N MET A 453 31.72 20.62 -28.62
CA MET A 453 30.56 20.84 -27.76
C MET A 453 29.25 20.45 -28.45
N LYS A 454 29.18 20.58 -29.78
CA LYS A 454 27.93 20.31 -30.50
C LYS A 454 27.57 18.85 -30.44
N THR A 455 28.56 18.01 -30.33
CA THR A 455 28.39 16.58 -29.96
C THR A 455 27.37 16.34 -28.81
N TRP A 456 27.50 17.06 -27.71
CA TRP A 456 26.77 16.86 -26.48
C TRP A 456 25.50 17.67 -26.48
N THR A 457 25.59 18.94 -26.90
CA THR A 457 24.44 19.85 -26.87
C THR A 457 23.26 19.33 -27.68
N LEU A 458 23.53 18.58 -28.75
CA LEU A 458 22.50 18.11 -29.67
C LEU A 458 22.07 16.67 -29.42
N GLN A 459 22.67 15.96 -28.45
CA GLN A 459 22.28 14.58 -28.23
C GLN A 459 22.12 14.26 -26.76
N LYS A 460 21.13 13.42 -26.45
CA LYS A 460 20.85 13.00 -25.09
C LYS A 460 21.91 12.03 -24.58
N GLY A 461 22.00 11.92 -23.26
CA GLY A 461 22.85 10.95 -22.62
C GLY A 461 24.28 11.41 -22.47
N PHE A 462 25.05 10.63 -21.73
CA PHE A 462 26.48 10.90 -21.59
C PHE A 462 27.29 9.71 -22.04
N PRO A 463 28.52 9.95 -22.50
CA PRO A 463 29.35 8.84 -22.96
C PRO A 463 29.79 7.93 -21.83
N LEU A 464 30.07 6.69 -22.19
CA LEU A 464 30.71 5.73 -21.30
C LEU A 464 32.06 5.34 -21.89
N VAL A 465 33.12 5.48 -21.10
CA VAL A 465 34.48 5.29 -21.59
C VAL A 465 35.07 4.05 -20.94
N THR A 466 35.48 3.09 -21.77
CA THR A 466 36.09 1.85 -21.31
C THR A 466 37.60 1.94 -21.54
N VAL A 467 38.37 1.76 -20.47
CA VAL A 467 39.82 1.90 -20.51
C VAL A 467 40.44 0.55 -20.16
N GLN A 468 41.10 -0.05 -21.14
CA GLN A 468 41.91 -1.26 -20.94
C GLN A 468 43.35 -0.91 -21.28
N LYS A 469 44.28 -1.24 -20.38
CA LYS A 469 45.67 -0.82 -20.51
C LYS A 469 46.58 -2.03 -20.67
N LYS A 470 47.55 -1.92 -21.58
CA LYS A 470 48.54 -2.97 -21.82
C LYS A 470 49.92 -2.32 -21.87
N GLY A 471 50.71 -2.53 -20.82
CA GLY A 471 52.07 -2.03 -20.77
C GLY A 471 52.11 -0.51 -20.80
N LYS A 472 52.82 0.05 -21.79
CA LYS A 472 52.89 1.48 -22.02
C LYS A 472 51.85 1.97 -23.02
N GLU A 473 50.85 1.13 -23.35
CA GLU A 473 49.72 1.52 -24.19
C GLU A 473 48.44 1.28 -23.38
N LEU A 474 47.74 2.34 -23.03
CA LEU A 474 46.40 2.24 -22.48
C LEU A 474 45.40 2.63 -23.56
N PHE A 475 44.40 1.78 -23.75
CA PHE A 475 43.45 1.91 -24.84
C PHE A 475 42.21 2.66 -24.33
N ILE A 476 41.34 3.04 -25.26
CA ILE A 476 40.07 3.67 -24.94
C ILE A 476 39.02 3.08 -25.88
N GLN A 477 37.76 3.10 -25.43
CA GLN A 477 36.65 2.71 -26.30
C GLN A 477 35.39 3.41 -25.78
N GLN A 478 35.07 4.54 -26.40
CA GLN A 478 33.83 5.23 -26.08
C GLN A 478 32.63 4.38 -26.48
N GLU A 479 31.53 4.58 -25.75
CA GLU A 479 30.31 3.82 -25.94
C GLU A 479 29.20 4.49 -25.14
N ARG A 480 27.97 4.29 -25.60
CA ARG A 480 26.80 4.93 -24.98
C ARG A 480 26.44 4.22 -23.68
N PHE A 481 26.17 5.00 -22.63
CA PHE A 481 25.60 4.45 -21.41
C PHE A 481 24.21 3.92 -21.73
N PHE A 482 23.99 2.62 -21.56
CA PHE A 482 22.80 1.97 -22.05
C PHE A 482 22.19 1.07 -20.97
N LEU A 483 20.87 0.93 -21.02
CA LEU A 483 20.13 0.07 -20.11
C LEU A 483 19.74 -1.21 -20.85
N ASN A 484 20.16 -2.37 -20.31
CA ASN A 484 20.04 -3.67 -20.98
C ASN A 484 18.61 -4.05 -21.39
N THR A 494 21.20 6.94 -33.03
CA THR A 494 21.65 7.48 -31.75
C THR A 494 23.11 7.12 -31.50
N SER A 495 23.62 7.55 -30.34
CA SER A 495 25.01 7.32 -29.96
C SER A 495 25.97 7.97 -30.94
N TYR A 496 25.59 9.13 -31.47
CA TYR A 496 26.33 9.79 -32.55
C TYR A 496 27.51 10.50 -31.94
N LEU A 497 28.46 9.68 -31.52
CA LEU A 497 29.91 10.02 -31.19
C LEU A 497 29.99 10.82 -29.91
N TRP A 498 31.22 11.06 -29.47
CA TRP A 498 31.46 12.07 -28.42
C TRP A 498 32.92 12.50 -28.47
N HIS A 499 33.22 13.76 -28.81
CA HIS A 499 34.57 14.27 -28.62
C HIS A 499 34.84 14.38 -27.12
N ILE A 500 35.76 13.57 -26.62
CA ILE A 500 35.88 13.38 -25.18
C ILE A 500 37.20 13.93 -24.63
N PRO A 501 37.19 15.05 -23.90
CA PRO A 501 38.43 15.56 -23.29
C PRO A 501 39.01 14.63 -22.24
N LEU A 502 39.61 13.53 -22.66
CA LEU A 502 40.13 12.56 -21.70
C LEU A 502 41.32 13.13 -20.93
N SER A 503 41.37 12.80 -19.65
CA SER A 503 42.45 13.18 -18.75
C SER A 503 42.88 11.96 -17.96
N TYR A 504 44.13 11.93 -17.53
CA TYR A 504 44.56 10.74 -16.81
C TYR A 504 45.78 11.05 -15.95
N VAL A 505 46.03 10.13 -15.01
CA VAL A 505 47.16 10.22 -14.07
C VAL A 505 47.74 8.82 -13.92
N THR A 506 49.06 8.72 -13.86
CA THR A 506 49.75 7.45 -13.66
C THR A 506 50.92 7.63 -12.69
N GLU A 507 51.18 6.59 -11.91
CA GLU A 507 52.38 6.50 -11.08
C GLU A 507 52.92 5.07 -11.23
N GLY A 508 53.63 4.83 -12.32
CA GLY A 508 54.07 3.49 -12.64
C GLY A 508 55.43 3.12 -12.12
N ARG A 509 56.42 3.97 -12.36
CA ARG A 509 57.64 3.92 -11.58
C ARG A 509 57.37 4.56 -10.23
N ASN A 510 58.12 4.13 -9.21
CA ASN A 510 57.86 4.53 -7.83
C ASN A 510 58.05 6.05 -7.65
N TYR A 511 56.99 6.72 -7.22
CA TYR A 511 56.89 8.18 -7.07
C TYR A 511 56.88 8.91 -8.42
N SER A 512 56.82 8.20 -9.54
CA SER A 512 56.67 8.88 -10.82
C SER A 512 55.28 9.48 -10.91
N LYS A 513 55.21 10.78 -11.16
CA LYS A 513 53.93 11.50 -11.20
C LYS A 513 53.70 12.01 -12.61
N TYR A 514 52.67 11.48 -13.27
CA TYR A 514 52.26 11.88 -14.61
C TYR A 514 50.79 12.26 -14.60
N GLN A 515 50.47 13.46 -15.10
CA GLN A 515 49.12 14.00 -15.15
C GLN A 515 48.97 14.74 -16.47
N SER A 516 48.13 14.25 -17.39
CA SER A 516 48.07 14.83 -18.73
C SER A 516 46.63 14.94 -19.20
N VAL A 517 46.49 15.15 -20.52
CA VAL A 517 45.21 15.38 -21.17
C VAL A 517 45.29 14.83 -22.59
N SER A 518 44.12 14.60 -23.20
CA SER A 518 44.06 14.00 -24.53
C SER A 518 42.70 14.36 -25.15
N LEU A 519 42.29 13.63 -26.19
CA LEU A 519 41.00 13.87 -26.81
C LEU A 519 40.66 12.70 -27.73
N LEU A 520 39.47 12.14 -27.55
CA LEU A 520 39.01 11.01 -28.35
C LEU A 520 37.80 11.44 -29.19
N ASP A 521 37.94 11.33 -30.51
CA ASP A 521 36.87 11.60 -31.45
C ASP A 521 36.41 10.34 -32.17
N LYS A 522 36.82 9.17 -31.70
CA LYS A 522 36.61 7.91 -32.40
C LYS A 522 36.02 6.87 -31.46
N LYS A 523 35.45 5.82 -32.06
CA LYS A 523 34.94 4.69 -31.29
C LYS A 523 36.07 3.99 -30.54
N SER A 524 37.29 4.02 -31.06
CA SER A 524 38.45 3.51 -30.36
C SER A 524 39.59 4.52 -30.42
N GLY A 525 40.50 4.36 -29.47
CA GLY A 525 41.71 5.14 -29.44
C GLY A 525 42.66 4.54 -28.42
N VAL A 526 43.94 4.90 -28.55
CA VAL A 526 44.98 4.44 -27.63
C VAL A 526 45.86 5.62 -27.27
N ILE A 527 46.43 5.58 -26.07
CA ILE A 527 47.36 6.60 -25.58
C ILE A 527 48.66 5.93 -25.18
N ASN A 528 49.76 6.56 -25.59
CA ASN A 528 51.10 6.04 -25.33
C ASN A 528 51.45 6.39 -23.89
N LEU A 529 52.18 5.51 -23.24
CA LEU A 529 52.70 5.82 -21.92
C LEU A 529 54.21 5.88 -22.01
N THR A 530 54.75 7.03 -21.58
CA THR A 530 56.19 7.26 -21.48
C THR A 530 56.91 6.15 -20.72
N GLU A 531 56.26 5.57 -19.71
CA GLU A 531 56.81 4.50 -18.91
C GLU A 531 55.73 3.43 -18.75
N GLU A 532 56.13 2.29 -18.18
CA GLU A 532 55.18 1.29 -17.75
C GLU A 532 54.53 1.76 -16.44
N VAL A 533 53.20 1.82 -16.42
CA VAL A 533 52.51 2.37 -15.26
C VAL A 533 51.70 1.29 -14.56
N LEU A 534 51.56 1.45 -13.25
CA LEU A 534 50.96 0.46 -12.36
C LEU A 534 49.51 0.76 -12.00
N TRP A 535 49.17 2.01 -11.70
CA TRP A 535 47.78 2.41 -11.51
C TRP A 535 47.54 3.68 -12.31
N VAL A 536 46.35 3.78 -12.91
CA VAL A 536 45.98 4.90 -13.76
C VAL A 536 44.51 5.21 -13.55
N LYS A 537 44.16 6.51 -13.58
CA LYS A 537 42.78 6.97 -13.41
C LYS A 537 42.43 7.89 -14.57
N VAL A 538 41.12 8.19 -14.68
CA VAL A 538 40.57 8.96 -15.80
C VAL A 538 39.56 9.96 -15.25
N ASN A 539 39.37 11.06 -15.99
CA ASN A 539 38.53 12.20 -15.64
C ASN A 539 38.92 12.73 -14.25
N ILE A 540 40.14 13.29 -14.23
CA ILE A 540 40.81 13.69 -13.00
C ILE A 540 39.96 14.70 -12.27
N ASN A 541 39.56 14.34 -11.04
CA ASN A 541 38.66 15.11 -10.19
C ASN A 541 37.25 15.20 -10.76
N MET A 542 36.92 14.27 -11.67
CA MET A 542 35.67 14.24 -12.46
C MET A 542 35.30 15.60 -13.02
N ASN A 543 36.22 16.16 -13.80
CA ASN A 543 35.94 17.43 -14.47
C ASN A 543 35.19 17.25 -15.78
N GLY A 544 34.85 16.01 -16.14
CA GLY A 544 34.18 15.73 -17.39
C GLY A 544 32.98 14.83 -17.20
N TYR A 545 32.07 14.92 -18.17
CA TYR A 545 30.76 14.26 -18.11
C TYR A 545 30.86 12.85 -18.68
N TYR A 546 31.59 11.98 -17.97
CA TYR A 546 31.66 10.61 -18.44
C TYR A 546 31.99 9.65 -17.30
N ILE A 547 31.60 8.39 -17.49
CA ILE A 547 31.90 7.29 -16.59
C ILE A 547 32.99 6.45 -17.24
N VAL A 548 33.93 5.97 -16.42
CA VAL A 548 35.11 5.27 -16.91
C VAL A 548 35.07 3.83 -16.41
N HIS A 549 34.84 2.88 -17.32
CA HIS A 549 35.04 1.47 -17.06
C HIS A 549 36.51 1.11 -17.18
N TYR A 550 36.91 0.06 -16.50
CA TYR A 550 38.23 -0.53 -16.61
C TYR A 550 38.07 -2.01 -16.89
N ALA A 551 39.11 -2.60 -17.49
CA ALA A 551 39.21 -4.05 -17.48
C ALA A 551 39.31 -4.55 -16.04
N ASP A 552 38.94 -5.82 -15.85
CA ASP A 552 38.90 -6.47 -14.53
C ASP A 552 40.22 -6.33 -13.79
N ASP A 553 41.32 -6.54 -14.51
CA ASP A 553 42.64 -6.33 -13.92
C ASP A 553 42.90 -4.85 -13.65
N ASP A 554 42.46 -3.96 -14.55
CA ASP A 554 42.75 -2.54 -14.44
C ASP A 554 42.10 -1.93 -13.20
N TRP A 555 40.86 -2.33 -12.92
CA TRP A 555 40.18 -1.97 -11.68
C TRP A 555 40.99 -2.43 -10.47
N GLU A 556 41.26 -3.75 -10.41
CA GLU A 556 41.91 -4.42 -9.29
C GLU A 556 43.25 -3.79 -8.93
N ALA A 557 43.95 -3.25 -9.93
CA ALA A 557 45.12 -2.41 -9.68
C ALA A 557 44.77 -1.20 -8.81
N LEU A 558 43.76 -0.43 -9.21
CA LEU A 558 43.44 0.83 -8.52
C LEU A 558 42.95 0.60 -7.09
N ILE A 559 42.23 -0.50 -6.85
CA ILE A 559 41.63 -0.79 -5.55
C ILE A 559 42.72 -0.95 -4.50
N HIS A 560 43.79 -1.67 -4.86
CA HIS A 560 44.92 -1.91 -3.96
C HIS A 560 45.55 -0.61 -3.49
N GLN A 561 45.62 0.38 -4.39
CA GLN A 561 46.19 1.67 -4.04
C GLN A 561 45.36 2.36 -2.96
N LEU A 562 44.04 2.19 -3.00
CA LEU A 562 43.19 2.72 -1.95
C LEU A 562 43.48 2.05 -0.61
N LYS A 563 43.90 0.78 -0.64
CA LYS A 563 44.24 0.09 0.60
C LYS A 563 45.58 0.55 1.16
N ILE A 564 46.52 0.92 0.31
CA ILE A 564 47.87 1.29 0.75
C ILE A 564 47.95 2.78 1.01
N ASN A 565 48.12 3.59 -0.05
CA ASN A 565 48.09 5.05 0.05
C ASN A 565 46.92 5.51 -0.81
N PRO A 566 45.71 5.56 -0.24
CA PRO A 566 44.54 6.01 -1.03
C PRO A 566 44.57 7.48 -1.43
N TYR A 567 45.52 8.26 -0.90
CA TYR A 567 45.59 9.70 -1.04
C TYR A 567 46.46 10.12 -2.21
N VAL A 568 46.98 9.16 -2.97
CA VAL A 568 47.69 9.48 -4.21
C VAL A 568 46.75 10.08 -5.23
N LEU A 569 45.47 9.72 -5.16
CA LEU A 569 44.41 10.39 -5.91
C LEU A 569 43.89 11.57 -5.09
N SER A 570 42.90 12.26 -5.63
CA SER A 570 42.27 13.37 -4.95
C SER A 570 40.97 12.90 -4.31
N ASP A 571 40.52 13.68 -3.31
CA ASP A 571 39.23 13.43 -2.65
C ASP A 571 38.09 13.42 -3.66
N LYS A 572 38.19 14.29 -4.67
CA LYS A 572 37.26 14.26 -5.80
C LYS A 572 37.36 12.94 -6.56
N ASP A 573 38.59 12.47 -6.82
CA ASP A 573 38.82 11.31 -7.68
C ASP A 573 38.22 10.04 -7.08
N ARG A 574 38.47 9.83 -5.78
CA ARG A 574 38.00 8.65 -5.05
C ARG A 574 36.49 8.50 -5.15
N ALA A 575 35.77 9.60 -4.95
CA ALA A 575 34.31 9.58 -5.02
C ALA A 575 33.82 9.27 -6.42
N ASN A 576 34.51 9.78 -7.44
CA ASN A 576 34.15 9.49 -8.83
C ASN A 576 34.25 8.00 -9.11
N LEU A 577 35.29 7.35 -8.58
CA LEU A 577 35.39 5.89 -8.63
C LEU A 577 34.23 5.23 -7.93
N ILE A 578 33.92 5.67 -6.71
CA ILE A 578 32.95 4.98 -5.87
C ILE A 578 31.54 5.13 -6.44
N ASN A 579 31.20 6.31 -6.97
CA ASN A 579 29.92 6.43 -7.66
C ASN A 579 29.94 5.68 -8.98
N ASN A 580 31.08 5.68 -9.68
CA ASN A 580 31.15 5.00 -10.97
C ASN A 580 31.00 3.50 -10.82
N ILE A 581 31.69 2.90 -9.85
CA ILE A 581 31.72 1.44 -9.75
C ILE A 581 30.36 0.90 -9.30
N PHE A 582 29.70 1.60 -8.37
CA PHE A 582 28.42 1.12 -7.83
C PHE A 582 27.32 1.16 -8.89
N GLU A 583 27.24 2.25 -9.66
CA GLU A 583 26.24 2.36 -10.70
C GLU A 583 26.47 1.33 -11.81
N LEU A 584 27.73 0.95 -12.04
CA LEU A 584 28.05 -0.08 -13.03
C LEU A 584 27.52 -1.44 -12.60
N ALA A 585 27.79 -1.82 -11.35
CA ALA A 585 27.36 -3.12 -10.84
C ALA A 585 25.84 -3.22 -10.80
N GLY A 586 25.15 -2.10 -10.65
CA GLY A 586 23.71 -2.04 -10.77
C GLY A 586 23.15 -2.32 -12.15
N LEU A 587 24.00 -2.36 -13.18
CA LEU A 587 23.62 -2.82 -14.51
C LEU A 587 24.36 -4.09 -14.90
N GLY A 588 24.92 -4.81 -13.93
CA GLY A 588 25.60 -6.07 -14.19
C GLY A 588 26.87 -6.00 -15.02
N LYS A 589 27.39 -4.80 -15.23
CA LYS A 589 28.63 -4.57 -15.97
C LYS A 589 29.86 -4.83 -15.13
N VAL A 590 29.68 -5.12 -13.84
CA VAL A 590 30.75 -5.52 -12.95
C VAL A 590 30.07 -6.21 -11.76
N PRO A 591 30.61 -7.32 -11.27
CA PRO A 591 30.04 -7.96 -10.07
C PRO A 591 30.14 -7.01 -8.88
N LEU A 592 29.06 -6.99 -8.09
CA LEU A 592 28.89 -5.94 -7.07
C LEU A 592 29.95 -6.06 -5.99
N LYS A 593 30.41 -7.29 -5.72
CA LYS A 593 31.34 -7.60 -4.64
C LYS A 593 32.63 -6.77 -4.73
N ARG A 594 33.07 -6.48 -5.95
CA ARG A 594 34.29 -5.71 -6.13
C ARG A 594 34.11 -4.27 -5.70
N ALA A 595 32.89 -3.74 -5.79
CA ALA A 595 32.61 -2.38 -5.33
C ALA A 595 32.82 -2.27 -3.83
N PHE A 596 32.24 -3.20 -3.07
CA PHE A 596 32.51 -3.28 -1.64
C PHE A 596 33.97 -3.60 -1.37
N ASP A 597 34.58 -4.41 -2.24
CA ASP A 597 36.02 -4.67 -2.18
C ASP A 597 36.81 -3.38 -2.36
N LEU A 598 36.32 -2.47 -3.19
CA LEU A 598 36.95 -1.16 -3.33
C LEU A 598 36.85 -0.36 -2.04
N ILE A 599 35.64 -0.26 -1.48
CA ILE A 599 35.38 0.59 -0.32
C ILE A 599 35.83 0.00 0.99
N ASN A 600 36.48 -1.18 0.97
CA ASN A 600 37.11 -1.77 2.14
C ASN A 600 38.32 -0.99 2.63
N TYR A 601 38.80 0.00 1.85
CA TYR A 601 39.74 1.02 2.28
C TYR A 601 39.11 2.10 3.16
N LEU A 602 37.77 2.20 3.24
CA LEU A 602 37.11 3.34 3.90
C LEU A 602 37.41 3.45 5.39
N GLY A 603 37.96 2.40 6.01
CA GLY A 603 38.52 2.50 7.35
C GLY A 603 39.68 3.47 7.48
N ASN A 604 40.28 3.93 6.37
CA ASN A 604 41.38 4.87 6.40
C ASN A 604 41.16 6.05 5.45
N GLU A 605 39.97 6.63 5.45
CA GLU A 605 39.66 7.86 4.70
C GLU A 605 39.36 8.99 5.68
N ASN A 606 39.90 10.18 5.40
CA ASN A 606 39.60 11.38 6.19
C ASN A 606 39.08 12.52 5.32
N HIS A 607 38.22 12.23 4.36
CA HIS A 607 37.68 13.28 3.50
C HIS A 607 36.20 13.02 3.26
N THR A 608 35.43 14.11 3.28
CA THR A 608 33.97 14.00 3.45
C THR A 608 33.31 13.40 2.22
N ALA A 609 33.66 13.91 1.04
CA ALA A 609 33.01 13.49 -0.20
C ALA A 609 33.13 12.00 -0.53
N PRO A 610 34.28 11.33 -0.35
CA PRO A 610 34.32 9.86 -0.50
C PRO A 610 33.30 9.12 0.36
N ILE A 611 33.10 9.59 1.59
CA ILE A 611 32.19 8.93 2.52
C ILE A 611 30.72 9.22 2.17
N THR A 612 30.42 10.48 1.81
CA THR A 612 29.05 10.92 1.55
C THR A 612 28.41 10.11 0.44
N GLU A 613 29.13 9.93 -0.67
CA GLU A 613 28.58 9.22 -1.82
C GLU A 613 28.42 7.74 -1.53
N ALA A 614 29.37 7.15 -0.80
CA ALA A 614 29.31 5.74 -0.45
C ALA A 614 28.09 5.44 0.39
N LEU A 615 27.85 6.28 1.41
CA LEU A 615 26.67 6.15 2.27
C LEU A 615 25.39 6.30 1.45
N PHE A 616 25.43 7.13 0.41
CA PHE A 616 24.29 7.22 -0.50
C PHE A 616 24.05 5.90 -1.21
N GLN A 617 25.10 5.30 -1.77
CA GLN A 617 24.93 4.07 -2.51
C GLN A 617 24.67 2.88 -1.58
N THR A 618 25.31 2.87 -0.40
CA THR A 618 25.06 1.82 0.58
C THR A 618 23.61 1.85 1.05
N ASP A 619 23.14 3.03 1.46
CA ASP A 619 21.77 3.17 1.99
C ASP A 619 20.73 2.82 0.95
N LEU A 620 20.99 3.21 -0.31
CA LEU A 620 20.04 2.97 -1.39
C LEU A 620 19.76 1.48 -1.53
N ILE A 621 20.79 0.66 -1.39
CA ILE A 621 20.62 -0.78 -1.30
C ILE A 621 19.85 -1.17 -0.05
N TYR A 622 20.21 -0.58 1.11
CA TYR A 622 19.53 -0.86 2.38
C TYR A 622 18.05 -0.55 2.27
N ASN A 623 17.73 0.68 1.89
CA ASN A 623 16.35 1.07 1.72
C ASN A 623 15.69 0.30 0.57
N LEU A 624 16.45 -0.09 -0.46
CA LEU A 624 15.87 -0.90 -1.53
C LEU A 624 15.56 -2.31 -1.05
N LEU A 625 16.54 -2.96 -0.42
CA LEU A 625 16.36 -4.34 0.03
C LEU A 625 15.26 -4.45 1.08
N GLU A 626 15.11 -3.40 1.90
CA GLU A 626 14.15 -3.42 3.01
C GLU A 626 12.72 -3.51 2.52
N LYS A 627 12.37 -2.68 1.53
CA LYS A 627 11.00 -2.65 1.03
C LYS A 627 10.60 -3.98 0.38
N LEU A 628 11.58 -4.71 -0.16
CA LEU A 628 11.31 -6.08 -0.64
C LEU A 628 11.07 -7.03 0.52
N GLY A 629 11.91 -6.98 1.54
CA GLY A 629 11.66 -7.80 2.70
C GLY A 629 12.86 -8.50 3.30
N TYR A 630 14.05 -8.31 2.73
CA TYR A 630 15.28 -8.96 3.21
C TYR A 630 15.92 -8.12 4.33
N MET A 631 15.10 -7.88 5.37
CA MET A 631 15.43 -6.94 6.44
C MET A 631 16.68 -7.39 7.19
N ASP A 632 16.83 -8.71 7.33
CA ASP A 632 18.02 -9.30 7.91
C ASP A 632 19.29 -8.91 7.15
N LEU A 633 19.26 -9.08 5.82
CA LEU A 633 20.43 -8.86 4.99
C LEU A 633 20.91 -7.42 5.03
N ALA A 634 19.98 -6.49 4.92
CA ALA A 634 20.31 -5.07 4.95
C ALA A 634 20.87 -4.67 6.31
N SER A 635 20.34 -5.26 7.38
CA SER A 635 20.90 -5.06 8.72
C SER A 635 22.35 -5.56 8.78
N ARG A 636 22.65 -6.67 8.10
CA ARG A 636 24.03 -7.13 8.04
C ARG A 636 24.89 -6.17 7.21
N LEU A 637 24.33 -5.68 6.10
CA LEU A 637 25.06 -4.82 5.17
C LEU A 637 25.51 -3.53 5.85
N VAL A 638 24.58 -2.88 6.56
CA VAL A 638 24.89 -1.60 7.21
C VAL A 638 25.91 -1.78 8.32
N THR A 639 25.93 -2.97 8.94
CA THR A 639 26.88 -3.24 10.00
C THR A 639 28.30 -3.22 9.47
N ARG A 640 28.54 -3.87 8.32
CA ARG A 640 29.85 -3.90 7.71
C ARG A 640 30.33 -2.51 7.32
N VAL A 641 29.42 -1.66 6.82
CA VAL A 641 29.75 -0.27 6.51
C VAL A 641 30.10 0.48 7.78
N PHE A 642 29.29 0.29 8.83
CA PHE A 642 29.59 0.82 10.15
C PHE A 642 30.96 0.37 10.61
N LYS A 643 31.22 -0.95 10.52
CA LYS A 643 32.45 -1.57 10.98
C LYS A 643 33.68 -0.97 10.29
N LEU A 644 33.56 -0.63 9.00
CA LEU A 644 34.66 0.03 8.31
C LEU A 644 34.88 1.44 8.85
N LEU A 645 33.83 2.25 8.85
CA LEU A 645 33.93 3.63 9.30
C LEU A 645 33.68 3.80 10.78
N GLN A 646 33.63 2.70 11.55
CA GLN A 646 33.28 2.75 12.98
C GLN A 646 34.26 3.61 13.77
N ASN A 647 35.55 3.49 13.47
CA ASN A 647 36.57 4.29 14.15
C ASN A 647 36.33 5.77 13.90
N GLN A 648 35.92 6.11 12.68
CA GLN A 648 35.62 7.50 12.35
C GLN A 648 34.42 8.02 13.15
N ILE A 649 33.41 7.17 13.35
CA ILE A 649 32.22 7.57 14.09
C ILE A 649 32.54 7.84 15.54
N GLN A 650 33.37 6.98 16.17
CA GLN A 650 33.67 7.13 17.58
C GLN A 650 34.51 8.39 17.85
N GLN A 651 35.31 8.83 16.87
CA GLN A 651 36.16 9.99 17.05
C GLN A 651 35.40 11.30 16.90
N GLN A 652 34.17 11.27 16.42
CA GLN A 652 33.44 12.51 16.19
C GLN A 652 32.92 13.10 17.49
N THR A 653 32.91 14.43 17.54
CA THR A 653 32.45 15.20 18.68
C THR A 653 31.08 15.80 18.36
N TRP A 654 30.16 15.76 19.33
CA TRP A 654 28.81 16.29 19.16
C TRP A 654 28.81 17.80 19.36
N THR A 655 29.48 18.49 18.42
CA THR A 655 29.71 19.92 18.51
C THR A 655 29.46 20.56 17.15
N ASP A 656 29.49 21.89 17.12
CA ASP A 656 29.39 22.68 15.91
C ASP A 656 30.75 23.19 15.44
N GLU A 657 31.81 22.44 15.71
CA GLU A 657 33.17 22.91 15.50
C GLU A 657 33.84 22.12 14.37
N GLY A 658 34.56 22.85 13.51
CA GLY A 658 35.36 22.22 12.48
C GLY A 658 35.33 22.91 11.13
N THR A 659 36.01 22.32 10.15
CA THR A 659 35.85 22.71 8.76
C THR A 659 34.39 22.59 8.37
N PRO A 660 33.87 23.50 7.53
CA PRO A 660 32.50 23.32 7.01
C PRO A 660 32.35 22.01 6.25
N SER A 661 33.40 21.64 5.51
CA SER A 661 33.55 20.28 5.03
C SER A 661 33.48 19.26 6.17
N MET A 662 34.38 19.42 7.16
CA MET A 662 34.50 18.49 8.29
C MET A 662 33.18 18.35 9.04
N ARG A 663 32.48 19.46 9.24
CA ARG A 663 31.19 19.44 9.92
C ARG A 663 30.16 18.67 9.14
N GLU A 664 30.21 18.75 7.81
CA GLU A 664 29.29 17.99 6.95
C GLU A 664 29.44 16.49 7.17
N LEU A 665 30.69 16.04 7.32
CA LEU A 665 30.97 14.63 7.63
C LEU A 665 30.35 14.21 8.95
N ARG A 666 30.39 15.09 9.95
CA ARG A 666 29.74 14.81 11.23
C ARG A 666 28.25 14.63 11.06
N SER A 667 27.60 15.50 10.27
CA SER A 667 26.16 15.45 10.06
C SER A 667 25.72 14.14 9.42
N ALA A 668 26.47 13.69 8.39
CA ALA A 668 26.12 12.46 7.70
C ALA A 668 26.34 11.24 8.58
N LEU A 669 27.58 11.08 9.08
CA LEU A 669 28.03 9.87 9.79
C LEU A 669 27.15 9.55 10.99
N LEU A 670 26.84 10.58 11.77
CA LEU A 670 25.97 10.44 12.94
C LEU A 670 24.59 9.97 12.54
N GLU A 671 24.03 10.55 11.47
CA GLU A 671 22.71 10.16 10.99
C GLU A 671 22.69 8.70 10.56
N PHE A 672 23.78 8.23 9.95
CA PHE A 672 23.97 6.80 9.67
C PHE A 672 23.87 5.96 10.95
N ALA A 673 24.68 6.30 11.96
CA ALA A 673 24.76 5.49 13.17
C ALA A 673 23.43 5.50 13.93
N CYS A 674 22.74 6.64 13.95
CA CYS A 674 21.48 6.74 14.65
C CYS A 674 20.32 6.11 13.88
N THR A 675 20.24 6.36 12.55
CA THR A 675 19.12 5.86 11.77
C THR A 675 19.15 4.35 11.61
N HIS A 676 20.29 3.71 11.88
CA HIS A 676 20.41 2.27 11.91
C HIS A 676 20.64 1.74 13.33
N ASN A 677 20.50 2.61 14.34
CA ASN A 677 20.57 2.24 15.76
C ASN A 677 21.90 1.60 16.11
N LEU A 678 22.96 2.11 15.50
CA LEU A 678 24.30 1.55 15.64
C LEU A 678 25.07 2.36 16.68
N GLY A 679 25.57 1.68 17.71
CA GLY A 679 26.32 2.34 18.75
C GLY A 679 25.43 3.11 19.72
N ASN A 680 26.09 3.97 20.51
CA ASN A 680 25.41 4.79 21.51
C ASN A 680 24.87 6.07 20.94
N CYS A 681 24.96 6.26 19.62
CA CYS A 681 24.41 7.39 18.88
C CYS A 681 22.99 7.71 19.34
N SER A 682 22.18 6.65 19.42
CA SER A 682 20.86 6.69 20.06
C SER A 682 20.92 7.32 21.45
N THR A 683 21.80 6.80 22.31
CA THR A 683 21.82 7.22 23.72
C THR A 683 22.24 8.68 23.87
N THR A 684 23.38 9.03 23.25
CA THR A 684 23.93 10.38 23.31
C THR A 684 22.98 11.41 22.72
N ALA A 685 22.12 11.01 21.78
CA ALA A 685 21.13 11.89 21.18
C ALA A 685 19.94 12.15 22.09
N MET A 686 19.33 11.06 22.61
CA MET A 686 18.05 11.14 23.32
C MET A 686 18.13 12.03 24.55
N LYS A 687 19.26 11.94 25.27
CA LYS A 687 19.62 12.85 26.35
C LYS A 687 19.48 14.30 25.93
N LEU A 688 20.04 14.64 24.75
CA LEU A 688 20.00 16.02 24.25
C LEU A 688 18.58 16.47 23.98
N PHE A 689 17.80 15.61 23.32
CA PHE A 689 16.40 15.90 23.04
C PHE A 689 15.60 16.06 24.33
N ASP A 690 15.89 15.22 25.32
CA ASP A 690 15.29 15.37 26.65
C ASP A 690 15.68 16.69 27.29
N ASP A 691 16.96 17.05 27.19
CA ASP A 691 17.43 18.33 27.72
C ASP A 691 16.79 19.49 26.98
N TRP A 692 16.76 19.42 25.64
CA TRP A 692 16.20 20.49 24.85
C TRP A 692 14.71 20.65 25.09
N MET A 693 13.98 19.52 25.21
CA MET A 693 12.55 19.58 25.49
C MET A 693 12.26 20.16 26.86
N ALA A 694 13.16 19.90 27.83
CA ALA A 694 13.01 20.48 29.17
C ALA A 694 13.05 22.00 29.12
N SER A 695 13.70 22.58 28.11
CA SER A 695 13.92 24.01 28.08
C SER A 695 12.71 24.76 27.48
N ASN A 696 11.62 24.07 27.17
CA ASN A 696 10.56 24.61 26.33
C ASN A 696 11.13 25.00 24.96
N GLY A 697 12.15 24.27 24.49
CA GLY A 697 12.95 24.71 23.36
C GLY A 697 13.89 25.88 23.60
N THR A 698 14.39 26.06 24.83
CA THR A 698 15.25 27.20 25.13
C THR A 698 16.64 26.76 25.59
N GLN A 699 17.34 25.99 24.75
CA GLN A 699 18.72 25.63 25.05
C GLN A 699 19.48 25.44 23.75
N SER A 700 20.80 25.43 23.87
CA SER A 700 21.66 25.27 22.70
C SER A 700 21.59 23.82 22.23
N LEU A 701 21.01 23.61 21.09
CA LEU A 701 21.29 22.37 20.39
C LEU A 701 22.32 22.65 19.32
N PRO A 702 23.41 21.89 19.26
CA PRO A 702 24.38 22.04 18.16
C PRO A 702 23.70 21.87 16.81
N THR A 703 23.89 22.88 15.95
CA THR A 703 23.17 22.99 14.67
C THR A 703 23.41 21.78 13.78
N ASP A 704 24.65 21.28 13.75
CA ASP A 704 25.01 20.21 12.85
C ASP A 704 24.33 18.90 13.21
N VAL A 705 24.08 18.67 14.50
CA VAL A 705 23.49 17.43 14.98
C VAL A 705 22.02 17.60 15.36
N MET A 706 21.41 18.72 14.98
CA MET A 706 20.06 19.04 15.43
C MET A 706 19.03 18.08 14.84
N THR A 707 19.13 17.78 13.54
CA THR A 707 18.11 17.00 12.85
C THR A 707 18.08 15.57 13.36
N THR A 708 19.26 14.95 13.46
CA THR A 708 19.46 13.63 14.06
C THR A 708 18.81 13.53 15.43
N VAL A 709 19.00 14.54 16.27
CA VAL A 709 18.50 14.51 17.64
C VAL A 709 16.98 14.64 17.66
N PHE A 710 16.43 15.50 16.80
CA PHE A 710 14.98 15.65 16.70
C PHE A 710 14.33 14.34 16.28
N LYS A 711 14.95 13.66 15.31
CA LYS A 711 14.43 12.39 14.81
C LYS A 711 14.50 11.30 15.87
N VAL A 712 15.56 11.31 16.70
CA VAL A 712 15.74 10.25 17.69
C VAL A 712 14.67 10.32 18.76
N GLY A 713 14.12 11.52 19.00
CA GLY A 713 13.12 11.70 20.02
C GLY A 713 11.69 11.51 19.56
N ALA A 714 11.42 11.85 18.29
CA ALA A 714 10.04 11.93 17.77
C ALA A 714 9.30 10.60 17.85
N LYS A 715 10.03 9.48 17.85
CA LYS A 715 9.49 8.15 18.11
C LYS A 715 8.65 8.11 19.38
N THR A 716 9.16 8.71 20.46
CA THR A 716 8.35 8.83 21.67
C THR A 716 7.18 9.75 21.41
N ASP A 717 5.99 9.34 21.86
CA ASP A 717 4.78 10.16 21.69
C ASP A 717 4.91 11.48 22.43
N LYS A 718 5.66 11.48 23.55
CA LYS A 718 5.99 12.72 24.24
C LYS A 718 6.77 13.66 23.33
N GLY A 719 7.81 13.14 22.67
CA GLY A 719 8.64 13.98 21.83
C GLY A 719 7.92 14.50 20.61
N TRP A 720 7.12 13.63 19.96
CA TRP A 720 6.33 14.05 18.80
C TRP A 720 5.30 15.10 19.18
N SER A 721 4.65 14.94 20.33
CA SER A 721 3.68 15.92 20.80
C SER A 721 4.35 17.24 21.10
N PHE A 722 5.52 17.19 21.75
CA PHE A 722 6.29 18.39 22.05
C PHE A 722 6.74 19.10 20.78
N LEU A 723 7.12 18.32 19.77
CA LEU A 723 7.70 18.92 18.56
C LEU A 723 6.65 19.62 17.72
N LEU A 724 5.47 19.00 17.58
CA LEU A 724 4.43 19.51 16.69
C LEU A 724 3.96 20.90 17.12
N GLY A 725 3.92 21.14 18.44
CA GLY A 725 3.58 22.47 18.92
C GLY A 725 4.66 23.49 18.61
N LYS A 726 5.92 23.09 18.67
CA LYS A 726 7.00 24.05 18.42
C LYS A 726 7.06 24.46 16.95
N TYR A 727 6.70 23.54 16.03
CA TYR A 727 6.60 23.90 14.62
C TYR A 727 5.55 24.99 14.39
N ILE A 728 4.48 25.00 15.18
CA ILE A 728 3.42 25.98 14.93
C ILE A 728 3.67 27.32 15.61
N SER A 729 4.78 27.45 16.35
CA SER A 729 5.05 28.65 17.14
C SER A 729 6.20 29.47 16.55
N ILE A 730 7.44 28.96 16.64
CA ILE A 730 8.67 29.70 16.34
C ILE A 730 8.71 30.13 14.88
N GLY A 731 9.65 31.03 14.54
CA GLY A 731 9.79 31.53 13.20
C GLY A 731 11.07 31.16 12.48
N SER A 732 11.97 30.44 13.14
CA SER A 732 13.18 29.95 12.48
C SER A 732 12.81 28.77 11.59
N GLU A 733 12.35 29.11 10.37
CA GLU A 733 11.82 28.14 9.41
C GLU A 733 12.84 27.06 9.06
N ALA A 734 14.12 27.41 9.04
CA ALA A 734 15.18 26.43 8.88
C ALA A 734 15.12 25.36 9.98
N GLU A 735 15.11 25.81 11.24
CA GLU A 735 14.87 24.89 12.36
C GLU A 735 13.50 24.21 12.23
N LYS A 736 12.49 25.00 11.85
CA LYS A 736 11.11 24.52 11.68
C LYS A 736 11.03 23.37 10.68
N ASN A 737 11.63 23.55 9.51
CA ASN A 737 11.66 22.47 8.53
C ASN A 737 12.51 21.30 9.02
N LYS A 738 13.59 21.58 9.77
CA LYS A 738 14.41 20.53 10.36
C LYS A 738 13.59 19.66 11.32
N ILE A 739 12.65 20.27 12.05
CA ILE A 739 11.73 19.50 12.89
C ILE A 739 10.82 18.64 12.04
N LEU A 740 10.26 19.21 10.97
CA LEU A 740 9.20 18.57 10.20
C LEU A 740 9.67 17.27 9.57
N GLU A 741 10.95 17.25 9.14
CA GLU A 741 11.64 16.02 8.76
C GLU A 741 11.49 14.96 9.84
N ALA A 742 11.81 15.32 11.08
CA ALA A 742 11.84 14.35 12.17
C ALA A 742 10.43 13.86 12.51
N LEU A 743 9.43 14.74 12.37
CA LEU A 743 8.05 14.37 12.66
C LEU A 743 7.55 13.25 11.75
N ALA A 744 8.03 13.22 10.51
CA ALA A 744 7.67 12.18 9.56
C ALA A 744 8.62 10.99 9.59
N SER A 745 9.61 10.99 10.49
CA SER A 745 10.50 9.85 10.68
C SER A 745 10.05 8.96 11.85
N SER A 746 8.79 9.08 12.24
CA SER A 746 8.20 8.22 13.26
C SER A 746 7.82 6.88 12.63
N GLU A 747 7.28 5.98 13.46
CA GLU A 747 6.80 4.69 12.99
C GLU A 747 5.31 4.47 13.21
N ASP A 748 4.62 5.38 13.89
CA ASP A 748 3.16 5.32 13.98
C ASP A 748 2.62 5.81 12.65
N VAL A 749 2.14 4.86 11.83
CA VAL A 749 1.59 5.14 10.51
C VAL A 749 0.41 6.09 10.59
N ARG A 750 -0.35 6.04 11.69
CA ARG A 750 -1.50 6.91 11.94
C ARG A 750 -1.12 8.39 11.85
N LYS A 751 -0.04 8.78 12.54
CA LYS A 751 0.44 10.16 12.50
C LYS A 751 0.88 10.54 11.10
N LEU A 752 1.50 9.61 10.38
CA LEU A 752 2.01 9.88 9.04
C LEU A 752 0.87 10.18 8.07
N TYR A 753 -0.26 9.49 8.22
CA TYR A 753 -1.42 9.85 7.41
C TYR A 753 -1.95 11.22 7.78
N TRP A 754 -1.80 11.61 9.05
CA TRP A 754 -2.32 12.89 9.51
C TRP A 754 -1.57 14.05 8.88
N LEU A 755 -0.23 14.01 8.96
CA LEU A 755 0.65 15.07 8.48
C LEU A 755 0.43 15.34 7.00
N MET A 756 0.45 14.27 6.21
CA MET A 756 0.14 14.32 4.79
C MET A 756 -1.24 14.89 4.53
N LYS A 757 -2.25 14.32 5.20
CA LYS A 757 -3.62 14.76 5.03
C LYS A 757 -3.78 16.20 5.48
N SER A 758 -3.11 16.56 6.58
CA SER A 758 -3.11 17.93 7.06
C SER A 758 -2.51 18.89 6.04
N SER A 759 -1.32 18.56 5.53
CA SER A 759 -0.62 19.43 4.60
C SER A 759 -1.39 19.62 3.30
N LEU A 760 -2.07 18.56 2.85
CA LEU A 760 -2.85 18.63 1.61
C LEU A 760 -3.97 19.65 1.72
N ASN A 761 -4.65 19.69 2.86
CA ASN A 761 -5.58 20.77 3.13
C ASN A 761 -4.91 21.97 3.77
N GLY A 762 -3.65 21.84 4.20
CA GLY A 762 -2.89 22.95 4.75
C GLY A 762 -3.47 23.53 6.03
N ASP A 763 -4.14 22.70 6.84
CA ASP A 763 -4.78 23.16 8.06
C ASP A 763 -3.76 23.68 9.06
N ASN A 764 -2.99 22.78 9.67
CA ASN A 764 -1.95 23.20 10.60
C ASN A 764 -0.57 23.26 9.96
N PHE A 765 -0.44 22.83 8.72
CA PHE A 765 0.81 22.98 7.97
C PHE A 765 0.51 23.87 6.77
N ARG A 766 1.39 23.88 5.79
CA ARG A 766 1.09 24.53 4.53
C ARG A 766 1.19 23.51 3.41
N THR A 767 0.40 23.74 2.37
CA THR A 767 0.28 22.80 1.25
C THR A 767 1.61 22.59 0.52
N GLN A 768 2.48 23.61 0.53
CA GLN A 768 3.77 23.53 -0.15
C GLN A 768 4.65 22.42 0.44
N LYS A 769 4.62 22.26 1.76
CA LYS A 769 5.55 21.35 2.42
C LYS A 769 5.19 19.87 2.20
N LEU A 770 4.06 19.59 1.57
CA LEU A 770 3.55 18.23 1.33
C LEU A 770 4.58 17.33 0.65
N SER A 771 5.30 17.87 -0.32
CA SER A 771 6.30 17.09 -1.04
C SER A 771 7.42 16.64 -0.11
N PHE A 772 7.70 17.42 0.94
CA PHE A 772 8.69 16.98 1.93
C PHE A 772 8.22 15.73 2.66
N ILE A 773 6.91 15.58 2.90
CA ILE A 773 6.44 14.45 3.70
C ILE A 773 6.33 13.17 2.86
N ILE A 774 5.62 13.26 1.73
CA ILE A 774 5.40 12.11 0.84
C ILE A 774 6.74 11.56 0.36
N ARG A 775 7.69 12.44 0.10
CA ARG A 775 9.09 12.05 -0.03
C ARG A 775 9.61 11.40 1.25
N THR A 776 9.39 12.06 2.41
CA THR A 776 10.04 11.60 3.63
C THR A 776 9.41 10.31 4.15
N VAL A 777 8.08 10.22 4.13
CA VAL A 777 7.38 9.04 4.63
C VAL A 777 7.75 7.82 3.81
N GLY A 778 7.98 8.01 2.50
CA GLY A 778 8.23 6.88 1.63
C GLY A 778 9.57 6.20 1.88
N ARG A 779 10.63 7.00 2.11
CA ARG A 779 11.99 6.47 2.27
C ARG A 779 12.09 5.50 3.44
N HIS A 780 11.43 5.84 4.54
CA HIS A 780 11.44 4.99 5.72
C HIS A 780 10.33 3.97 5.53
N PHE A 781 10.66 2.68 5.74
CA PHE A 781 9.83 1.47 5.59
C PHE A 781 8.38 1.64 6.08
N PRO A 782 8.11 2.23 7.27
CA PRO A 782 6.72 2.33 7.75
C PRO A 782 5.69 2.96 6.81
N GLY A 783 6.01 4.07 6.16
CA GLY A 783 5.08 4.73 5.28
C GLY A 783 5.28 4.47 3.81
N HIS A 784 6.16 3.51 3.45
CA HIS A 784 6.51 3.19 2.06
C HIS A 784 5.28 2.91 1.20
N LEU A 785 4.44 2.00 1.65
CA LEU A 785 3.18 1.73 0.96
C LEU A 785 2.13 2.79 1.27
N LEU A 786 2.33 3.60 2.31
CA LEU A 786 1.35 4.62 2.64
C LEU A 786 1.44 5.82 1.69
N ALA A 787 2.67 6.20 1.31
CA ALA A 787 2.88 7.41 0.51
C ALA A 787 2.25 7.28 -0.86
N TRP A 788 2.48 6.14 -1.53
CA TRP A 788 1.89 5.88 -2.83
C TRP A 788 0.37 5.90 -2.79
N ASP A 789 -0.21 5.42 -1.67
CA ASP A 789 -1.66 5.37 -1.58
C ASP A 789 -2.27 6.76 -1.42
N PHE A 790 -1.57 7.65 -0.71
CA PHE A 790 -2.03 9.04 -0.60
C PHE A 790 -2.05 9.70 -1.97
N VAL A 791 -0.97 9.52 -2.74
CA VAL A 791 -0.90 10.07 -4.09
C VAL A 791 -2.01 9.50 -4.96
N LYS A 792 -2.16 8.17 -4.93
CA LYS A 792 -3.18 7.49 -5.73
C LYS A 792 -4.59 7.91 -5.32
N GLU A 793 -4.87 7.95 -4.02
CA GLU A 793 -6.21 8.22 -3.56
C GLU A 793 -6.52 9.71 -3.44
N ASN A 794 -5.50 10.57 -3.53
CA ASN A 794 -5.71 12.00 -3.41
C ASN A 794 -5.06 12.75 -4.57
N TRP A 795 -5.09 12.14 -5.77
CA TRP A 795 -4.37 12.69 -6.92
C TRP A 795 -5.08 13.93 -7.48
N ASN A 796 -6.42 13.92 -7.50
CA ASN A 796 -7.16 15.01 -8.13
C ASN A 796 -6.97 16.32 -7.39
N LYS A 797 -6.81 16.28 -6.06
CA LYS A 797 -6.46 17.48 -5.32
C LYS A 797 -5.00 17.82 -5.54
N LEU A 798 -4.15 16.80 -5.70
CA LEU A 798 -2.76 17.00 -6.11
C LEU A 798 -2.69 17.59 -7.52
N VAL A 799 -3.70 17.34 -8.34
CA VAL A 799 -3.79 17.97 -9.65
C VAL A 799 -4.59 19.28 -9.59
N GLN A 800 -5.49 19.44 -8.62
CA GLN A 800 -6.17 20.72 -8.50
C GLN A 800 -5.31 21.75 -7.78
N LYS A 801 -4.53 21.30 -6.79
CA LYS A 801 -3.72 22.21 -6.00
C LYS A 801 -2.30 22.39 -6.54
N PHE A 802 -2.00 21.80 -7.70
CA PHE A 802 -0.70 21.94 -8.35
C PHE A 802 -0.89 21.78 -9.85
N PRO A 803 0.04 22.29 -10.66
CA PRO A 803 0.03 21.95 -12.09
C PRO A 803 0.27 20.46 -12.30
N LEU A 804 -0.07 19.99 -13.50
CA LEU A 804 0.12 18.58 -13.80
C LEU A 804 1.58 18.24 -14.13
N GLY A 805 2.40 19.24 -14.43
CA GLY A 805 3.78 19.00 -14.74
C GLY A 805 4.71 19.69 -13.78
N SER A 806 4.17 20.16 -12.65
CA SER A 806 4.92 20.90 -11.65
C SER A 806 6.06 20.09 -11.07
N TYR A 807 7.12 20.79 -10.63
CA TYR A 807 8.22 20.16 -9.91
C TYR A 807 7.74 19.44 -8.65
N THR A 808 6.70 20.00 -8.01
CA THR A 808 5.98 19.31 -6.94
C THR A 808 5.49 17.93 -7.40
N ILE A 809 4.77 17.88 -8.53
CA ILE A 809 4.20 16.61 -9.01
C ILE A 809 5.30 15.60 -9.33
N GLN A 810 6.35 16.05 -9.99
CA GLN A 810 7.43 15.15 -10.38
C GLN A 810 8.19 14.64 -9.17
N ASN A 811 8.50 15.53 -8.22
CA ASN A 811 9.18 15.11 -7.00
C ASN A 811 8.32 14.14 -6.20
N ILE A 812 7.00 14.37 -6.19
CA ILE A 812 6.09 13.50 -5.47
C ILE A 812 6.03 12.12 -6.11
N VAL A 813 5.80 12.06 -7.42
CA VAL A 813 5.62 10.81 -8.14
C VAL A 813 6.88 9.96 -8.09
N ALA A 814 8.05 10.61 -8.19
CA ALA A 814 9.30 9.89 -8.08
C ALA A 814 9.49 9.34 -6.67
N GLY A 815 9.25 10.17 -5.65
CA GLY A 815 9.48 9.75 -4.28
C GLY A 815 8.53 8.66 -3.82
N SER A 816 7.28 8.73 -4.25
CA SER A 816 6.31 7.69 -3.92
C SER A 816 6.57 6.36 -4.64
N THR A 817 7.48 6.33 -5.62
CA THR A 817 7.69 5.16 -6.47
C THR A 817 9.15 4.75 -6.63
N TYR A 818 10.12 5.57 -6.26
CA TYR A 818 11.49 5.32 -6.69
C TYR A 818 12.15 4.14 -5.98
N LEU A 819 11.54 3.60 -4.93
CA LEU A 819 12.09 2.46 -4.21
C LEU A 819 11.43 1.14 -4.55
N PHE A 820 10.44 1.15 -5.44
CA PHE A 820 9.78 -0.09 -5.82
C PHE A 820 10.74 -0.97 -6.63
N SER A 821 10.54 -2.28 -6.52
CA SER A 821 11.44 -3.22 -7.19
C SER A 821 10.80 -4.59 -7.38
N THR A 822 9.50 -4.61 -7.65
CA THR A 822 8.79 -5.82 -8.04
C THR A 822 7.99 -5.51 -9.29
N LYS A 823 7.89 -6.50 -10.18
CA LYS A 823 7.14 -6.32 -11.42
C LYS A 823 5.66 -6.07 -11.13
N THR A 824 5.14 -6.66 -10.06
CA THR A 824 3.76 -6.43 -9.62
C THR A 824 3.54 -4.95 -9.30
N HIS A 825 4.47 -4.35 -8.55
CA HIS A 825 4.38 -2.93 -8.22
C HIS A 825 4.43 -2.06 -9.46
N LEU A 826 5.28 -2.43 -10.42
CA LEU A 826 5.41 -1.66 -11.65
C LEU A 826 4.11 -1.71 -12.45
N SER A 827 3.47 -2.88 -12.49
CA SER A 827 2.19 -3.01 -13.17
C SER A 827 1.13 -2.13 -12.53
N GLU A 828 1.11 -2.08 -11.19
CA GLU A 828 0.18 -1.21 -10.47
C GLU A 828 0.43 0.26 -10.80
N VAL A 829 1.69 0.65 -10.93
CA VAL A 829 2.02 2.06 -11.15
C VAL A 829 1.57 2.50 -12.54
N GLN A 830 2.05 1.80 -13.56
CA GLN A 830 1.69 2.12 -14.95
C GLN A 830 0.19 2.01 -15.18
N ALA A 831 -0.46 1.06 -14.50
CA ALA A 831 -1.90 0.92 -14.62
C ALA A 831 -2.63 2.14 -14.07
N PHE A 832 -2.19 2.67 -12.93
CA PHE A 832 -2.92 3.77 -12.28
C PHE A 832 -2.89 5.03 -13.14
N PHE A 833 -1.71 5.40 -13.65
CA PHE A 833 -1.59 6.57 -14.49
C PHE A 833 -2.33 6.39 -15.80
N GLU A 834 -2.23 5.20 -16.40
CA GLU A 834 -2.85 4.93 -17.71
C GLU A 834 -4.37 5.07 -17.64
N ASN A 835 -4.99 4.54 -16.58
CA ASN A 835 -6.43 4.70 -16.41
C ASN A 835 -6.81 6.15 -16.20
N GLN A 836 -5.94 6.94 -15.57
CA GLN A 836 -6.26 8.33 -15.25
C GLN A 836 -6.40 9.17 -16.51
N SER A 837 -5.40 9.15 -17.38
CA SER A 837 -5.43 9.93 -18.61
C SER A 837 -4.21 9.59 -19.45
N GLU A 838 -4.39 9.67 -20.77
CA GLU A 838 -3.27 9.47 -21.70
C GLU A 838 -2.25 10.59 -21.56
N ALA A 839 -2.72 11.83 -21.38
CA ALA A 839 -1.82 12.96 -21.14
C ALA A 839 -1.03 12.76 -19.85
N THR A 840 -1.68 12.22 -18.82
CA THR A 840 -0.98 11.89 -17.57
C THR A 840 0.07 10.81 -17.78
N PHE A 841 -0.16 9.90 -18.74
CA PHE A 841 0.75 8.78 -18.95
C PHE A 841 2.00 9.19 -19.73
N ARG A 842 1.90 10.16 -20.63
CA ARG A 842 3.07 10.55 -21.41
C ARG A 842 3.94 11.58 -20.70
N LEU A 843 3.61 11.96 -19.47
CA LEU A 843 4.40 12.94 -18.72
C LEU A 843 5.81 12.41 -18.45
N ARG A 844 6.76 13.34 -18.34
CA ARG A 844 8.14 12.97 -18.07
C ARG A 844 8.29 12.31 -16.71
N CYS A 845 7.54 12.80 -15.72
CA CYS A 845 7.68 12.33 -14.34
C CYS A 845 7.31 10.86 -14.19
N VAL A 846 6.40 10.36 -15.01
CA VAL A 846 5.95 8.98 -14.89
C VAL A 846 6.87 8.01 -15.64
N GLN A 847 7.23 8.32 -16.88
CA GLN A 847 8.02 7.41 -17.71
C GLN A 847 9.41 7.24 -17.13
N GLU A 848 9.95 8.31 -16.53
CA GLU A 848 11.16 8.21 -15.74
C GLU A 848 10.99 7.21 -14.60
N ALA A 849 9.92 7.36 -13.81
CA ALA A 849 9.72 6.53 -12.62
C ALA A 849 9.51 5.07 -12.98
N LEU A 850 8.72 4.81 -14.03
CA LEU A 850 8.56 3.45 -14.55
C LEU A 850 9.90 2.86 -14.96
N GLU A 851 10.76 3.68 -15.57
CA GLU A 851 12.10 3.24 -15.94
C GLU A 851 12.92 2.87 -14.70
N VAL A 852 12.77 3.65 -13.62
CA VAL A 852 13.52 3.37 -12.39
C VAL A 852 13.09 2.04 -11.79
N ILE A 853 11.78 1.76 -11.77
CA ILE A 853 11.28 0.52 -11.20
C ILE A 853 11.77 -0.68 -12.01
N GLN A 854 11.77 -0.56 -13.33
CA GLN A 854 12.33 -1.60 -14.21
C GLN A 854 13.79 -1.84 -13.90
N LEU A 855 14.59 -0.76 -13.87
CA LEU A 855 16.02 -0.85 -13.58
C LEU A 855 16.27 -1.41 -12.19
N ASN A 856 15.44 -1.01 -11.22
CA ASN A 856 15.53 -1.52 -9.86
C ASN A 856 15.32 -3.03 -9.83
N ILE A 857 14.39 -3.53 -10.64
CA ILE A 857 14.17 -4.97 -10.78
C ILE A 857 15.43 -5.65 -11.31
N GLN A 858 16.11 -5.01 -12.27
CA GLN A 858 17.30 -5.61 -12.86
C GLN A 858 18.45 -5.67 -11.87
N TRP A 859 18.57 -4.66 -11.00
CA TRP A 859 19.56 -4.66 -9.93
C TRP A 859 19.44 -5.90 -9.08
N MET A 860 18.22 -6.28 -8.73
CA MET A 860 17.99 -7.53 -8.01
C MET A 860 18.35 -8.72 -8.88
N GLU A 861 17.87 -8.73 -10.14
CA GLU A 861 18.13 -9.86 -11.05
C GLU A 861 19.61 -10.03 -11.33
N LYS A 862 20.34 -8.92 -11.46
CA LYS A 862 21.76 -9.01 -11.76
C LYS A 862 22.59 -9.39 -10.54
N ASN A 863 22.16 -9.04 -9.32
CA ASN A 863 23.07 -9.11 -8.18
C ASN A 863 22.46 -9.51 -6.84
N LEU A 864 21.15 -9.78 -6.75
CA LEU A 864 20.54 -10.04 -5.44
C LEU A 864 21.05 -11.35 -4.83
N LYS A 865 21.17 -12.40 -5.64
CA LYS A 865 21.51 -13.72 -5.10
C LYS A 865 22.95 -13.77 -4.62
N SER A 866 23.86 -13.07 -5.32
CA SER A 866 25.27 -13.10 -4.95
C SER A 866 25.51 -12.45 -3.59
N LEU A 867 24.83 -11.33 -3.33
CA LEU A 867 24.95 -10.69 -2.02
C LEU A 867 24.33 -11.57 -0.93
N THR A 868 23.28 -12.32 -1.27
CA THR A 868 22.67 -13.25 -0.32
C THR A 868 23.67 -14.30 0.13
N TRP A 869 24.57 -14.69 -0.77
CA TRP A 869 25.73 -15.52 -0.44
C TRP A 869 26.89 -14.72 0.15
N TRP A 870 26.84 -13.38 0.15
CA TRP A 870 27.99 -12.61 0.62
C TRP A 870 28.22 -12.77 2.13
N LEU A 871 27.20 -13.18 2.89
CA LEU A 871 27.28 -13.53 4.32
C LEU A 871 28.54 -14.28 4.77
N PHE B 7 -10.91 -46.11 -23.55
CA PHE B 7 -11.58 -46.58 -22.33
C PHE B 7 -13.02 -46.96 -22.67
N PRO B 8 -13.64 -47.84 -21.86
CA PRO B 8 -15.04 -48.16 -22.11
C PRO B 8 -16.02 -47.07 -21.72
N TRP B 9 -15.69 -46.17 -20.79
CA TRP B 9 -16.66 -45.22 -20.29
C TRP B 9 -16.16 -43.81 -20.53
N ALA B 10 -17.12 -42.90 -20.75
CA ALA B 10 -16.84 -41.50 -21.05
C ALA B 10 -17.70 -40.56 -20.22
N GLN B 11 -18.13 -40.98 -19.04
CA GLN B 11 -18.86 -40.14 -18.10
C GLN B 11 -18.21 -40.28 -16.74
N ILE B 12 -18.26 -39.19 -15.95
CA ILE B 12 -17.70 -39.25 -14.61
C ILE B 12 -18.46 -40.24 -13.73
N ARG B 13 -19.77 -40.35 -13.96
CA ARG B 13 -20.62 -41.31 -13.28
C ARG B 13 -20.15 -42.73 -13.54
N LEU B 14 -20.30 -43.58 -12.53
CA LEU B 14 -20.09 -45.01 -12.70
C LEU B 14 -21.25 -45.58 -13.52
N PRO B 15 -21.18 -46.86 -13.95
CA PRO B 15 -22.18 -47.36 -14.92
C PRO B 15 -23.62 -47.40 -14.43
N THR B 16 -23.83 -47.98 -13.22
CA THR B 16 -25.08 -48.35 -12.52
C THR B 16 -25.42 -49.81 -12.83
N ALA B 17 -24.87 -50.34 -13.92
CA ALA B 17 -25.18 -51.71 -14.32
C ALA B 17 -24.61 -52.72 -13.31
N VAL B 18 -23.29 -52.71 -13.12
CA VAL B 18 -22.66 -53.46 -12.04
C VAL B 18 -23.05 -52.86 -10.68
N VAL B 19 -22.90 -53.65 -9.62
CA VAL B 19 -23.19 -53.30 -8.22
C VAL B 19 -22.26 -54.06 -7.28
N PRO B 20 -21.79 -53.43 -6.15
CA PRO B 20 -20.97 -54.17 -5.20
C PRO B 20 -21.76 -54.84 -4.09
N LEU B 21 -21.10 -55.55 -3.17
CA LEU B 21 -21.81 -56.18 -2.06
C LEU B 21 -20.97 -56.24 -0.79
N ARG B 22 -19.80 -56.87 -0.85
CA ARG B 22 -18.93 -57.04 0.31
C ARG B 22 -17.49 -56.72 -0.06
N TYR B 23 -16.82 -55.97 0.82
CA TYR B 23 -15.41 -55.60 0.66
C TYR B 23 -14.59 -56.22 1.79
N GLU B 24 -13.49 -56.87 1.43
CA GLU B 24 -12.49 -57.31 2.39
C GLU B 24 -11.15 -56.68 2.02
N LEU B 25 -10.52 -56.01 2.99
CA LEU B 25 -9.32 -55.23 2.75
C LEU B 25 -8.21 -55.67 3.70
N SER B 26 -7.11 -56.16 3.14
CA SER B 26 -5.90 -56.47 3.90
C SER B 26 -4.90 -55.34 3.70
N LEU B 27 -4.18 -54.99 4.76
CA LEU B 27 -3.34 -53.80 4.71
C LEU B 27 -2.05 -54.01 5.50
N HIS B 28 -0.93 -53.65 4.89
CA HIS B 28 0.37 -53.60 5.57
C HIS B 28 1.02 -52.23 5.38
N PRO B 29 1.04 -51.39 6.40
CA PRO B 29 1.64 -50.05 6.26
C PRO B 29 2.84 -49.84 7.17
N ASN B 30 3.98 -49.41 6.62
CA ASN B 30 5.14 -49.20 7.48
C ASN B 30 5.18 -47.79 8.07
N LEU B 31 4.74 -46.78 7.32
CA LEU B 31 4.61 -45.38 7.72
C LEU B 31 5.93 -44.61 7.78
N THR B 32 7.01 -45.23 8.25
CA THR B 32 8.29 -44.54 8.34
C THR B 32 8.83 -44.19 6.95
N SER B 33 8.60 -45.06 5.97
CA SER B 33 8.81 -44.73 4.57
C SER B 33 7.58 -44.08 3.95
N MET B 34 6.52 -43.92 4.74
CA MET B 34 5.20 -43.54 4.25
C MET B 34 4.74 -44.47 3.15
N THR B 35 5.01 -45.77 3.34
CA THR B 35 4.74 -46.77 2.31
C THR B 35 3.84 -47.85 2.91
N PHE B 36 2.93 -48.36 2.07
CA PHE B 36 2.03 -49.40 2.50
C PHE B 36 1.69 -50.28 1.31
N ARG B 37 1.31 -51.52 1.61
CA ARG B 37 0.80 -52.46 0.63
C ARG B 37 -0.48 -53.07 1.17
N GLY B 38 -1.35 -53.48 0.25
CA GLY B 38 -2.62 -54.04 0.65
C GLY B 38 -3.15 -55.04 -0.36
N SER B 39 -4.08 -55.86 0.13
CA SER B 39 -4.85 -56.77 -0.71
C SER B 39 -6.33 -56.52 -0.46
N VAL B 40 -7.12 -56.57 -1.52
CA VAL B 40 -8.54 -56.25 -1.47
C VAL B 40 -9.35 -57.43 -1.93
N THR B 41 -10.48 -57.67 -1.26
CA THR B 41 -11.44 -58.69 -1.68
C THR B 41 -12.78 -58.00 -1.88
N ILE B 42 -13.33 -58.11 -3.09
CA ILE B 42 -14.47 -57.31 -3.51
C ILE B 42 -15.54 -58.19 -4.15
N SER B 43 -16.36 -58.85 -3.34
CA SER B 43 -17.52 -59.58 -3.85
C SER B 43 -18.50 -58.61 -4.51
N VAL B 44 -18.95 -58.93 -5.71
CA VAL B 44 -19.72 -57.99 -6.54
C VAL B 44 -20.77 -58.75 -7.34
N GLN B 45 -21.78 -58.00 -7.81
CA GLN B 45 -22.92 -58.54 -8.54
C GLN B 45 -23.24 -57.66 -9.74
N ALA B 46 -23.74 -58.27 -10.81
CA ALA B 46 -24.06 -57.57 -12.04
C ALA B 46 -25.57 -57.60 -12.27
N LEU B 47 -26.18 -56.41 -12.28
CA LEU B 47 -27.63 -56.33 -12.44
C LEU B 47 -28.07 -56.05 -13.87
N GLN B 48 -27.18 -55.55 -14.71
CA GLN B 48 -27.44 -55.37 -16.13
C GLN B 48 -26.22 -55.87 -16.88
N VAL B 49 -26.47 -56.62 -17.97
CA VAL B 49 -25.41 -57.30 -18.69
C VAL B 49 -24.47 -56.29 -19.33
N THR B 50 -23.16 -56.52 -19.16
CA THR B 50 -22.12 -55.65 -19.66
C THR B 50 -20.89 -56.50 -19.91
N TRP B 51 -20.05 -56.09 -20.85
CA TRP B 51 -18.82 -56.81 -21.13
C TRP B 51 -17.61 -56.15 -20.49
N ASN B 52 -17.77 -54.97 -19.87
CA ASN B 52 -16.65 -54.26 -19.28
C ASN B 52 -17.08 -53.67 -17.95
N ILE B 53 -16.45 -54.12 -16.86
CA ILE B 53 -16.60 -53.46 -15.57
C ILE B 53 -15.72 -52.22 -15.58
N ILE B 54 -16.28 -51.11 -15.15
CA ILE B 54 -15.52 -49.90 -14.90
C ILE B 54 -15.62 -49.58 -13.43
N LEU B 55 -14.70 -48.76 -12.94
CA LEU B 55 -14.52 -48.59 -11.51
C LEU B 55 -13.66 -47.34 -11.31
N HIS B 56 -13.46 -46.96 -10.05
CA HIS B 56 -12.63 -45.80 -9.69
C HIS B 56 -11.35 -46.27 -8.99
N SER B 57 -10.21 -45.68 -9.38
CA SER B 57 -8.99 -45.91 -8.64
C SER B 57 -7.97 -44.83 -8.96
N THR B 58 -6.99 -44.68 -8.05
CA THR B 58 -5.88 -43.76 -8.19
C THR B 58 -4.62 -44.42 -7.65
N GLY B 59 -3.51 -44.26 -8.36
CA GLY B 59 -2.23 -44.79 -7.96
C GLY B 59 -2.23 -46.31 -7.85
N HIS B 60 -1.43 -46.79 -6.89
CA HIS B 60 -1.26 -48.19 -6.52
C HIS B 60 -0.45 -48.97 -7.56
N ASN B 61 0.18 -50.06 -7.10
CA ASN B 61 0.96 -50.97 -7.93
C ASN B 61 0.15 -52.26 -8.02
N ILE B 62 -0.73 -52.32 -9.04
CA ILE B 62 -1.62 -53.46 -9.26
C ILE B 62 -0.83 -54.74 -9.48
N SER B 63 -0.94 -55.68 -8.54
CA SER B 63 -0.13 -56.89 -8.54
C SER B 63 -0.99 -58.12 -8.30
N ARG B 64 -2.23 -58.10 -8.78
CA ARG B 64 -3.08 -59.29 -8.68
C ARG B 64 -3.86 -59.56 -9.97
N VAL B 65 -4.90 -58.75 -10.20
CA VAL B 65 -5.76 -58.75 -11.38
C VAL B 65 -6.32 -60.14 -11.70
N THR B 66 -6.94 -60.77 -10.70
CA THR B 66 -7.51 -62.11 -10.81
C THR B 66 -9.00 -62.09 -10.50
N PHE B 67 -9.72 -63.08 -11.02
CA PHE B 67 -11.12 -63.27 -10.66
C PHE B 67 -11.27 -64.37 -9.60
N SER B 73 -12.72 -75.70 -12.13
CA SER B 73 -12.13 -74.46 -12.64
C SER B 73 -12.23 -73.33 -11.61
N GLU B 75 -9.34 -68.85 -10.55
CA GLU B 75 -8.13 -68.08 -10.31
C GLU B 75 -7.64 -67.43 -11.60
N LYS B 76 -8.56 -66.94 -12.41
CA LYS B 76 -8.22 -66.39 -13.72
C LYS B 76 -7.65 -64.99 -13.58
N GLN B 77 -6.47 -64.77 -14.16
CA GLN B 77 -5.92 -63.42 -14.27
C GLN B 77 -6.80 -62.58 -15.20
N ALA B 78 -6.58 -61.27 -15.19
CA ALA B 78 -7.46 -60.36 -15.91
C ALA B 78 -6.65 -59.21 -16.50
N GLU B 79 -7.34 -58.34 -17.24
CA GLU B 79 -6.76 -57.17 -17.85
C GLU B 79 -7.12 -55.93 -17.04
N ILE B 80 -6.17 -54.99 -16.95
CA ILE B 80 -6.33 -53.75 -16.18
C ILE B 80 -5.89 -52.55 -17.02
N LEU B 81 -6.46 -51.38 -16.72
CA LEU B 81 -6.20 -50.17 -17.47
C LEU B 81 -6.35 -48.96 -16.55
N GLU B 82 -6.24 -47.76 -17.12
CA GLU B 82 -6.37 -46.51 -16.38
C GLU B 82 -6.84 -45.39 -17.30
N TYR B 83 -7.76 -44.56 -16.82
CA TYR B 83 -8.19 -43.35 -17.51
C TYR B 83 -7.76 -42.06 -16.82
N ALA B 84 -7.86 -41.99 -15.48
CA ALA B 84 -7.21 -40.97 -14.66
C ALA B 84 -7.83 -39.57 -14.71
N TYR B 85 -8.23 -39.10 -15.90
CA TYR B 85 -8.83 -37.76 -16.02
C TYR B 85 -10.13 -37.67 -15.22
N HIS B 86 -11.07 -38.55 -15.48
CA HIS B 86 -12.19 -38.71 -14.56
C HIS B 86 -11.81 -39.55 -13.35
N GLY B 87 -10.64 -40.18 -13.35
CA GLY B 87 -10.19 -41.05 -12.28
C GLY B 87 -10.64 -42.49 -12.41
N GLN B 88 -11.62 -42.74 -13.27
CA GLN B 88 -12.18 -44.08 -13.41
C GLN B 88 -11.16 -45.03 -13.99
N ILE B 89 -11.23 -46.28 -13.53
CA ILE B 89 -10.42 -47.37 -14.05
C ILE B 89 -11.36 -48.48 -14.50
N ALA B 90 -10.81 -49.43 -15.26
CA ALA B 90 -11.67 -50.45 -15.86
C ALA B 90 -10.88 -51.75 -15.96
N ILE B 91 -11.60 -52.85 -15.79
CA ILE B 91 -11.03 -54.19 -15.85
C ILE B 91 -11.76 -54.97 -16.93
N VAL B 92 -10.98 -55.56 -17.85
CA VAL B 92 -11.56 -56.32 -18.95
C VAL B 92 -12.23 -57.56 -18.41
N ALA B 93 -13.40 -57.88 -18.95
CA ALA B 93 -14.13 -59.08 -18.56
C ALA B 93 -13.89 -60.17 -19.58
N PRO B 94 -13.14 -61.23 -19.26
CA PRO B 94 -12.96 -62.34 -20.22
C PRO B 94 -14.26 -63.07 -20.50
N GLU B 95 -14.95 -63.51 -19.46
CA GLU B 95 -16.34 -63.89 -19.62
C GLU B 95 -17.23 -62.65 -19.63
N ALA B 96 -18.41 -62.79 -20.24
CA ALA B 96 -19.37 -61.70 -20.17
C ALA B 96 -19.94 -61.60 -18.76
N LEU B 97 -20.60 -60.49 -18.49
CA LEU B 97 -21.20 -60.20 -17.19
C LEU B 97 -22.70 -60.09 -17.41
N LEU B 98 -23.47 -60.94 -16.75
CA LEU B 98 -24.90 -60.98 -16.96
C LEU B 98 -25.63 -60.86 -15.62
N ALA B 99 -26.96 -60.75 -15.70
CA ALA B 99 -27.77 -60.42 -14.54
C ALA B 99 -27.75 -61.56 -13.52
N GLY B 100 -27.75 -61.18 -12.24
CA GLY B 100 -27.80 -62.12 -11.13
C GLY B 100 -26.65 -63.10 -11.09
N HIS B 101 -25.41 -62.61 -11.23
CA HIS B 101 -24.22 -63.45 -11.27
C HIS B 101 -23.16 -62.83 -10.35
N ASN B 102 -23.20 -63.18 -9.06
CA ASN B 102 -22.21 -62.67 -8.11
C ASN B 102 -20.84 -63.24 -8.42
N TYR B 103 -19.82 -62.39 -8.33
CA TYR B 103 -18.43 -62.72 -8.64
C TYR B 103 -17.55 -62.35 -7.45
N THR B 104 -16.27 -62.65 -7.56
CA THR B 104 -15.30 -62.31 -6.52
C THR B 104 -14.00 -61.87 -7.17
N LEU B 105 -13.63 -60.61 -6.93
CA LEU B 105 -12.47 -59.98 -7.54
C LEU B 105 -11.55 -59.41 -6.47
N LYS B 106 -10.26 -59.44 -6.74
CA LYS B 106 -9.24 -59.00 -5.80
C LYS B 106 -8.14 -58.28 -6.55
N ILE B 107 -7.59 -57.24 -5.92
CA ILE B 107 -6.44 -56.51 -6.46
C ILE B 107 -5.41 -56.34 -5.35
N GLU B 108 -4.17 -56.65 -5.67
CA GLU B 108 -3.04 -56.49 -4.75
C GLU B 108 -2.27 -55.26 -5.17
N TYR B 109 -1.94 -54.41 -4.19
CA TYR B 109 -1.44 -53.08 -4.52
C TYR B 109 -0.54 -52.56 -3.40
N SER B 110 0.29 -51.58 -3.77
CA SER B 110 1.19 -50.87 -2.87
C SER B 110 1.21 -49.40 -3.25
N ALA B 111 1.46 -48.54 -2.27
CA ALA B 111 1.49 -47.10 -2.57
C ALA B 111 2.15 -46.38 -1.40
N ASN B 112 2.48 -45.10 -1.64
CA ASN B 112 2.91 -44.26 -0.53
C ASN B 112 1.73 -43.66 0.22
N ILE B 113 1.92 -43.46 1.53
CA ILE B 113 0.91 -42.80 2.34
C ILE B 113 0.83 -41.33 1.94
N SER B 114 -0.39 -40.77 1.97
CA SER B 114 -0.62 -39.43 1.45
C SER B 114 0.04 -38.39 2.34
N SER B 115 1.04 -37.69 1.82
CA SER B 115 1.75 -36.68 2.59
C SER B 115 0.84 -35.48 2.88
N SER B 116 0.13 -34.99 1.85
CA SER B 116 -0.99 -34.09 2.09
C SER B 116 -2.01 -34.80 2.96
N TYR B 117 -2.73 -34.02 3.77
CA TYR B 117 -3.47 -34.62 4.90
C TYR B 117 -4.89 -34.98 4.44
N TYR B 118 -4.91 -35.81 3.41
CA TYR B 118 -6.07 -36.16 2.62
C TYR B 118 -5.92 -37.61 2.23
N GLY B 119 -6.99 -38.39 2.41
CA GLY B 119 -6.86 -39.81 2.17
C GLY B 119 -6.11 -40.45 3.33
N PHE B 120 -5.63 -41.67 3.08
CA PHE B 120 -4.72 -42.31 4.03
C PHE B 120 -3.43 -41.52 4.11
N TYR B 121 -3.26 -40.77 5.21
CA TYR B 121 -2.18 -39.79 5.33
C TYR B 121 -1.28 -40.14 6.51
N GLY B 122 -0.07 -39.58 6.47
CA GLY B 122 0.89 -39.79 7.54
C GLY B 122 1.47 -38.48 8.04
N PHE B 123 1.82 -38.49 9.33
CA PHE B 123 2.52 -37.36 9.91
C PHE B 123 3.37 -37.82 11.08
N SER B 124 4.44 -37.06 11.33
CA SER B 124 5.29 -37.25 12.50
C SER B 124 4.97 -36.22 13.56
N TYR B 125 5.23 -36.57 14.82
CA TYR B 125 5.01 -35.64 15.92
C TYR B 125 6.14 -35.78 16.93
N THR B 126 6.05 -34.96 17.98
CA THR B 126 7.00 -34.98 19.10
C THR B 126 6.23 -34.75 20.40
N ASP B 127 6.19 -35.76 21.27
CA ASP B 127 5.76 -35.60 22.66
C ASP B 127 6.84 -34.79 23.40
N GLU B 128 6.48 -34.29 24.60
CA GLU B 128 7.46 -33.77 25.58
C GLU B 128 8.57 -34.78 25.91
N SER B 129 8.28 -36.08 25.76
CA SER B 129 9.30 -37.13 25.65
C SER B 129 10.43 -36.85 24.66
N ASN B 130 10.20 -36.02 23.62
CA ASN B 130 11.11 -35.62 22.52
C ASN B 130 11.19 -36.75 21.51
N GLU B 131 10.38 -37.79 21.69
CA GLU B 131 10.29 -38.86 20.72
C GLU B 131 9.59 -38.38 19.45
N LYS B 132 10.04 -38.92 18.32
CA LYS B 132 9.46 -38.56 17.04
C LYS B 132 8.29 -39.44 16.66
N LYS B 133 7.55 -39.99 17.66
CA LYS B 133 6.53 -41.04 17.51
C LYS B 133 5.56 -40.77 16.36
N TYR B 134 5.25 -41.81 15.61
CA TYR B 134 4.61 -41.66 14.32
C TYR B 134 3.13 -42.07 14.43
N PHE B 135 2.31 -41.48 13.56
CA PHE B 135 0.86 -41.66 13.58
C PHE B 135 0.39 -41.47 12.13
N ALA B 136 -0.61 -42.25 11.73
CA ALA B 136 -1.28 -42.05 10.46
C ALA B 136 -2.77 -42.34 10.64
N ALA B 137 -3.56 -41.99 9.62
CA ALA B 137 -4.99 -42.29 9.62
C ALA B 137 -5.65 -42.03 8.27
N THR B 138 -6.98 -41.83 8.29
CA THR B 138 -7.80 -41.77 7.09
C THR B 138 -8.73 -40.57 7.09
N GLN B 139 -8.84 -39.94 5.93
CA GLN B 139 -9.93 -39.00 5.68
C GLN B 139 -10.26 -39.12 4.20
N PHE B 140 -11.45 -39.65 3.89
CA PHE B 140 -11.83 -39.82 2.49
C PHE B 140 -13.15 -39.14 2.13
N GLU B 141 -13.57 -38.10 2.88
CA GLU B 141 -14.87 -37.47 2.68
C GLU B 141 -15.14 -36.96 1.27
N PRO B 142 -14.28 -36.17 0.65
CA PRO B 142 -14.60 -35.70 -0.69
C PRO B 142 -13.92 -36.53 -1.77
N LEU B 143 -14.56 -37.64 -2.15
CA LEU B 143 -14.17 -38.51 -3.28
C LEU B 143 -12.71 -38.96 -3.17
N ALA B 144 -12.33 -39.38 -1.96
CA ALA B 144 -10.93 -39.71 -1.67
C ALA B 144 -10.68 -41.19 -1.49
N ALA B 145 -11.73 -42.02 -1.44
CA ALA B 145 -11.59 -43.43 -1.07
C ALA B 145 -10.69 -44.17 -2.06
N ARG B 146 -10.74 -43.78 -3.33
CA ARG B 146 -9.98 -44.38 -4.44
C ARG B 146 -8.46 -44.43 -4.20
N SER B 147 -7.94 -43.50 -3.37
CA SER B 147 -6.54 -43.47 -2.92
C SER B 147 -6.03 -44.84 -2.46
N ALA B 148 -6.73 -45.47 -1.53
CA ALA B 148 -6.55 -46.87 -1.22
C ALA B 148 -7.71 -47.64 -1.84
N PHE B 149 -7.79 -48.97 -1.54
CA PHE B 149 -8.80 -50.00 -1.86
C PHE B 149 -9.60 -49.64 -3.13
N PRO B 150 -9.06 -49.89 -4.36
CA PRO B 150 -9.65 -49.32 -5.59
C PRO B 150 -11.14 -49.63 -5.81
N CYS B 151 -11.97 -48.59 -5.57
CA CYS B 151 -13.35 -48.73 -5.12
C CYS B 151 -14.30 -47.84 -5.92
N PHE B 152 -15.59 -48.09 -5.66
CA PHE B 152 -16.70 -47.37 -6.27
C PHE B 152 -16.98 -46.16 -5.37
N ASP B 153 -16.16 -45.12 -5.50
CA ASP B 153 -16.15 -44.03 -4.54
C ASP B 153 -17.45 -43.24 -4.51
N GLU B 154 -18.23 -43.29 -5.60
CA GLU B 154 -19.63 -42.87 -5.71
C GLU B 154 -20.42 -43.36 -4.50
N PRO B 155 -21.13 -42.45 -3.82
CA PRO B 155 -21.61 -42.76 -2.47
C PRO B 155 -22.74 -43.78 -2.43
N ALA B 156 -23.61 -43.78 -3.44
CA ALA B 156 -24.79 -44.65 -3.44
C ALA B 156 -24.41 -46.12 -3.44
N PHE B 157 -23.29 -46.48 -4.08
CA PHE B 157 -22.83 -47.87 -4.14
C PHE B 157 -22.17 -48.20 -2.82
N LYS B 158 -23.00 -48.51 -1.82
CA LYS B 158 -22.58 -48.86 -0.48
C LYS B 158 -22.28 -50.36 -0.38
N ALA B 159 -21.76 -50.79 0.76
CA ALA B 159 -21.39 -52.21 0.95
C ALA B 159 -20.95 -52.46 2.38
N THR B 160 -20.73 -53.74 2.69
CA THR B 160 -20.03 -54.18 3.88
C THR B 160 -18.53 -54.17 3.63
N PHE B 161 -17.77 -53.82 4.68
CA PHE B 161 -16.32 -53.60 4.57
C PHE B 161 -15.65 -54.27 5.77
N ILE B 162 -15.19 -55.51 5.58
CA ILE B 162 -14.30 -56.12 6.57
C ILE B 162 -12.91 -55.52 6.39
N ILE B 163 -12.30 -55.11 7.51
CA ILE B 163 -10.97 -54.49 7.50
C ILE B 163 -10.01 -55.38 8.27
N LYS B 164 -8.82 -55.56 7.72
CA LYS B 164 -7.78 -56.36 8.36
C LYS B 164 -6.44 -55.72 8.04
N ILE B 165 -5.67 -55.42 9.08
CA ILE B 165 -4.45 -54.62 8.96
C ILE B 165 -3.34 -55.21 9.83
N ILE B 166 -2.10 -54.98 9.42
CA ILE B 166 -0.93 -55.47 10.14
C ILE B 166 -0.34 -54.29 10.92
N ARG B 167 -0.53 -54.30 12.23
CA ARG B 167 -0.11 -53.21 13.09
C ARG B 167 1.20 -53.56 13.78
N ASP B 168 1.53 -52.78 14.80
CA ASP B 168 2.62 -53.07 15.72
C ASP B 168 2.01 -53.25 17.11
N GLU B 169 2.73 -53.97 17.97
CA GLU B 169 2.21 -54.27 19.30
C GLU B 169 2.05 -53.00 20.13
N GLN B 170 3.04 -52.10 20.08
CA GLN B 170 2.94 -50.84 20.80
C GLN B 170 1.83 -49.96 20.22
N TYR B 171 1.69 -49.95 18.91
CA TYR B 171 0.66 -49.13 18.27
C TYR B 171 -0.73 -49.73 18.48
N THR B 172 -1.67 -48.88 18.88
CA THR B 172 -3.08 -49.26 19.00
C THR B 172 -3.82 -48.78 17.77
N ALA B 173 -4.54 -49.71 17.12
CA ALA B 173 -5.20 -49.43 15.85
C ALA B 173 -6.71 -49.57 16.00
N LEU B 174 -7.44 -48.78 15.22
CA LEU B 174 -8.90 -48.81 15.22
C LEU B 174 -9.41 -48.65 13.80
N SER B 175 -10.67 -48.98 13.62
CA SER B 175 -11.39 -48.76 12.38
C SER B 175 -12.87 -48.63 12.71
N ASN B 176 -13.71 -48.73 11.68
CA ASN B 176 -15.14 -48.42 11.80
C ASN B 176 -15.86 -49.38 12.76
N MET B 177 -16.03 -50.62 12.35
CA MET B 177 -16.65 -51.63 13.19
C MET B 177 -15.67 -52.10 14.27
N PRO B 178 -16.14 -52.82 15.28
CA PRO B 178 -15.24 -53.28 16.33
C PRO B 178 -14.32 -54.40 15.83
N LYS B 179 -13.28 -54.65 16.61
CA LYS B 179 -12.31 -55.71 16.32
C LYS B 179 -12.68 -56.98 17.08
N LYS B 180 -12.72 -58.10 16.37
CA LYS B 180 -12.93 -59.39 17.00
C LYS B 180 -11.63 -60.15 17.21
N SER B 181 -10.74 -60.15 16.22
CA SER B 181 -9.59 -61.04 16.19
C SER B 181 -8.30 -60.25 16.39
N SER B 182 -7.50 -60.68 17.36
CA SER B 182 -6.20 -60.09 17.64
C SER B 182 -5.12 -61.11 17.29
N VAL B 183 -4.88 -61.30 15.98
CA VAL B 183 -3.95 -62.34 15.57
C VAL B 183 -2.51 -61.88 15.85
N VAL B 184 -1.63 -62.86 15.97
CA VAL B 184 -0.21 -62.61 16.11
C VAL B 184 0.49 -63.11 14.86
N LEU B 185 1.69 -62.58 14.63
CA LEU B 185 2.54 -63.04 13.56
C LEU B 185 3.96 -63.11 14.08
N ASP B 186 4.76 -64.01 13.49
CA ASP B 186 6.14 -64.24 13.92
C ASP B 186 7.13 -63.18 13.41
N ASP B 187 6.76 -61.89 13.50
CA ASP B 187 7.56 -60.78 13.00
C ASP B 187 7.74 -59.68 14.03
N GLY B 188 7.19 -59.84 15.23
CA GLY B 188 7.06 -58.74 16.16
C GLY B 188 5.91 -57.82 15.87
N LEU B 189 5.11 -58.10 14.84
CA LEU B 189 3.98 -57.32 14.41
C LEU B 189 2.69 -58.06 14.78
N VAL B 190 1.57 -57.51 14.35
CA VAL B 190 0.25 -58.04 14.68
C VAL B 190 -0.67 -57.73 13.50
N GLN B 191 -1.61 -58.63 13.24
CA GLN B 191 -2.72 -58.32 12.34
C GLN B 191 -4.02 -58.37 13.15
N ASP B 192 -4.93 -57.46 12.85
CA ASP B 192 -6.22 -57.44 13.51
C ASP B 192 -7.32 -57.39 12.48
N GLU B 193 -8.42 -58.06 12.77
CA GLU B 193 -9.60 -58.08 11.93
C GLU B 193 -10.68 -57.17 12.50
N PHE B 194 -11.72 -56.95 11.71
CA PHE B 194 -12.86 -56.16 12.17
C PHE B 194 -14.12 -56.89 11.76
N SER B 195 -15.14 -56.76 12.61
CA SER B 195 -16.46 -57.33 12.34
C SER B 195 -16.97 -56.82 11.00
N GLU B 196 -17.68 -57.71 10.28
CA GLU B 196 -18.19 -57.41 8.95
C GLU B 196 -19.10 -56.19 9.03
N SER B 197 -18.71 -55.15 8.30
CA SER B 197 -19.35 -53.85 8.44
C SER B 197 -20.81 -53.94 8.01
N VAL B 198 -21.65 -53.20 8.71
CA VAL B 198 -22.97 -52.94 8.17
C VAL B 198 -22.85 -52.10 6.89
N LYS B 199 -23.95 -52.05 6.13
CA LYS B 199 -23.93 -51.40 4.82
C LYS B 199 -23.62 -49.90 4.95
N MET B 200 -22.71 -49.42 4.09
CA MET B 200 -22.26 -48.03 4.21
C MET B 200 -21.53 -47.63 2.94
N SER B 201 -21.56 -46.33 2.68
CA SER B 201 -20.89 -45.75 1.52
C SER B 201 -19.39 -45.65 1.77
N THR B 202 -18.64 -45.48 0.67
CA THR B 202 -17.18 -45.51 0.70
C THR B 202 -16.61 -44.37 1.54
N TYR B 203 -17.28 -43.22 1.57
CA TYR B 203 -16.71 -42.06 2.25
C TYR B 203 -16.65 -42.23 3.76
N LEU B 204 -17.46 -43.12 4.31
CA LEU B 204 -17.55 -43.30 5.76
C LEU B 204 -16.60 -44.35 6.28
N VAL B 205 -15.83 -45.00 5.42
CA VAL B 205 -14.80 -45.92 5.89
C VAL B 205 -13.69 -45.15 6.61
N ALA B 206 -12.99 -45.85 7.49
CA ALA B 206 -11.90 -45.23 8.25
C ALA B 206 -11.13 -46.31 9.01
N PHE B 207 -9.89 -45.96 9.36
CA PHE B 207 -9.01 -46.83 10.13
C PHE B 207 -7.77 -46.05 10.55
N ILE B 208 -7.39 -46.12 11.82
CA ILE B 208 -6.38 -45.24 12.37
C ILE B 208 -5.34 -46.07 13.11
N VAL B 209 -4.08 -45.70 12.99
CA VAL B 209 -2.97 -46.40 13.64
C VAL B 209 -2.10 -45.38 14.37
N GLY B 210 -1.96 -45.55 15.67
CA GLY B 210 -1.08 -44.69 16.44
C GLY B 210 -1.14 -45.07 17.91
N GLU B 211 -0.07 -44.69 18.63
CA GLU B 211 -0.04 -44.86 20.07
C GLU B 211 -1.18 -44.06 20.71
N MET B 212 -1.86 -44.68 21.67
CA MET B 212 -3.09 -44.10 22.17
C MET B 212 -3.36 -44.59 23.59
N LYS B 213 -4.29 -43.90 24.25
CA LYS B 213 -4.91 -44.31 25.50
C LYS B 213 -6.42 -44.30 25.30
N ASN B 214 -7.15 -44.80 26.30
CA ASN B 214 -8.59 -44.88 26.20
C ASN B 214 -9.24 -44.31 27.46
N LEU B 215 -10.19 -43.41 27.26
CA LEU B 215 -11.15 -43.00 28.28
C LEU B 215 -12.51 -43.52 27.83
N SER B 216 -13.05 -44.48 28.57
CA SER B 216 -14.14 -45.30 28.08
C SER B 216 -15.29 -45.34 29.06
N GLN B 217 -16.47 -45.68 28.53
CA GLN B 217 -17.72 -45.80 29.28
C GLN B 217 -18.76 -46.42 28.36
N ASP B 218 -19.64 -47.25 28.91
CA ASP B 218 -20.67 -47.91 28.12
C ASP B 218 -22.01 -47.81 28.81
N VAL B 219 -23.08 -47.88 28.01
CA VAL B 219 -24.45 -47.87 28.51
C VAL B 219 -25.31 -48.66 27.54
N ASN B 220 -26.19 -49.50 28.09
CA ASN B 220 -26.99 -50.47 27.32
C ASN B 220 -26.08 -51.35 26.46
N GLY B 221 -24.96 -51.78 27.03
CA GLY B 221 -23.93 -52.45 26.26
C GLY B 221 -23.02 -51.51 25.50
N THR B 222 -23.61 -50.66 24.65
CA THR B 222 -22.92 -49.79 23.68
C THR B 222 -21.85 -48.93 24.34
N LEU B 223 -20.63 -49.08 23.84
CA LEU B 223 -19.43 -48.60 24.51
C LEU B 223 -18.98 -47.27 23.90
N VAL B 224 -19.01 -46.22 24.69
CA VAL B 224 -18.50 -44.91 24.29
C VAL B 224 -17.03 -44.84 24.65
N SER B 225 -16.22 -44.35 23.73
CA SER B 225 -14.77 -44.31 23.94
C SER B 225 -14.19 -43.11 23.21
N ILE B 226 -13.53 -42.24 23.95
CA ILE B 226 -12.87 -41.09 23.34
C ILE B 226 -11.37 -41.33 23.42
N TYR B 227 -10.83 -42.06 22.45
CA TYR B 227 -9.40 -42.32 22.41
C TYR B 227 -8.63 -41.03 22.14
N ALA B 228 -7.41 -40.97 22.68
CA ALA B 228 -6.59 -39.77 22.59
C ALA B 228 -5.13 -40.17 22.75
N VAL B 229 -4.25 -39.19 22.51
CA VAL B 229 -2.81 -39.36 22.74
C VAL B 229 -2.61 -39.61 24.23
N PRO B 230 -1.63 -40.45 24.61
CA PRO B 230 -1.46 -40.79 26.04
C PRO B 230 -1.13 -39.61 26.92
N GLU B 231 -0.33 -38.67 26.38
CA GLU B 231 0.25 -37.52 27.08
C GLU B 231 -0.74 -36.74 27.92
N LYS B 232 -1.81 -36.26 27.30
CA LYS B 232 -2.87 -35.56 28.02
C LYS B 232 -4.19 -36.23 27.68
N ILE B 233 -4.81 -36.87 28.67
CA ILE B 233 -6.03 -37.64 28.44
C ILE B 233 -7.15 -37.12 29.34
N GLY B 234 -6.81 -36.60 30.52
CA GLY B 234 -7.80 -36.11 31.46
C GLY B 234 -8.63 -34.96 30.94
N GLN B 235 -8.11 -34.21 29.96
CA GLN B 235 -8.87 -33.20 29.24
C GLN B 235 -10.03 -33.80 28.45
N VAL B 236 -9.95 -35.10 28.09
CA VAL B 236 -10.99 -35.76 27.31
C VAL B 236 -12.26 -36.02 28.12
N HIS B 237 -12.21 -35.84 29.46
CA HIS B 237 -13.29 -36.25 30.36
C HIS B 237 -14.62 -35.56 30.07
N TYR B 238 -14.57 -34.26 29.72
CA TYR B 238 -15.78 -33.52 29.42
C TYR B 238 -16.52 -34.10 28.22
N ALA B 239 -15.78 -34.57 27.23
CA ALA B 239 -16.39 -35.08 26.00
C ALA B 239 -17.20 -36.35 26.26
N LEU B 240 -16.72 -37.21 27.17
CA LEU B 240 -17.38 -38.48 27.45
C LEU B 240 -18.78 -38.27 28.02
N GLU B 241 -18.89 -37.40 29.03
CA GLU B 241 -20.19 -36.96 29.53
C GLU B 241 -21.04 -36.36 28.42
N THR B 242 -20.43 -35.47 27.63
CA THR B 242 -21.13 -34.81 26.55
C THR B 242 -21.57 -35.80 25.47
N THR B 243 -20.63 -36.64 25.02
CA THR B 243 -20.94 -37.66 24.02
C THR B 243 -22.01 -38.63 24.51
N VAL B 244 -21.94 -38.99 25.80
CA VAL B 244 -22.90 -39.93 26.37
C VAL B 244 -24.30 -39.32 26.40
N LYS B 245 -24.41 -38.11 26.95
CA LYS B 245 -25.73 -37.49 27.12
C LYS B 245 -26.35 -37.13 25.78
N LEU B 246 -25.54 -36.59 24.85
CA LEU B 246 -26.00 -36.30 23.50
C LEU B 246 -26.50 -37.55 22.81
N LEU B 247 -25.77 -38.67 23.00
CA LEU B 247 -26.10 -39.94 22.38
C LEU B 247 -27.49 -40.42 22.78
N GLU B 248 -27.80 -40.36 24.08
CA GLU B 248 -29.11 -40.81 24.57
C GLU B 248 -30.24 -39.94 24.03
N PHE B 249 -30.00 -38.63 23.92
CA PHE B 249 -30.96 -37.70 23.32
C PHE B 249 -31.31 -38.12 21.91
N PHE B 250 -30.27 -38.30 21.08
CA PHE B 250 -30.47 -38.65 19.67
C PHE B 250 -31.24 -39.95 19.53
N GLN B 251 -30.96 -40.92 20.40
CA GLN B 251 -31.68 -42.21 20.37
C GLN B 251 -33.15 -42.02 20.71
N ASN B 252 -33.46 -41.15 21.68
CA ASN B 252 -34.86 -40.93 22.05
C ASN B 252 -35.60 -40.14 20.98
N TYR B 253 -34.97 -39.07 20.47
CA TYR B 253 -35.60 -38.27 19.43
C TYR B 253 -35.72 -39.05 18.13
N PHE B 254 -34.60 -39.61 17.66
CA PHE B 254 -34.60 -40.33 16.38
C PHE B 254 -35.43 -41.60 16.43
N GLU B 255 -35.55 -42.23 17.60
CA GLU B 255 -36.26 -43.49 17.83
C GLU B 255 -35.58 -44.68 17.15
N ILE B 256 -34.29 -44.56 16.86
CA ILE B 256 -33.50 -45.66 16.31
C ILE B 256 -32.25 -45.75 17.18
N GLN B 257 -32.03 -46.92 17.77
CA GLN B 257 -30.81 -47.16 18.55
C GLN B 257 -29.58 -47.00 17.67
N TYR B 258 -28.43 -46.73 18.32
CA TYR B 258 -27.17 -46.48 17.63
C TYR B 258 -26.81 -47.68 16.77
N PRO B 259 -26.80 -47.51 15.44
CA PRO B 259 -26.62 -48.64 14.51
C PRO B 259 -25.20 -49.19 14.52
N LEU B 260 -24.79 -49.76 15.65
CA LEU B 260 -23.41 -50.13 15.93
C LEU B 260 -23.29 -50.56 17.38
N LYS B 261 -22.20 -51.26 17.69
CA LYS B 261 -21.92 -51.66 19.06
C LYS B 261 -20.93 -50.74 19.76
N LYS B 262 -20.20 -49.92 19.01
CA LYS B 262 -19.09 -49.12 19.54
C LYS B 262 -19.11 -47.71 18.96
N LEU B 263 -18.73 -46.74 19.80
CA LEU B 263 -18.63 -45.33 19.42
C LEU B 263 -17.28 -44.79 19.87
N ASP B 264 -16.39 -44.51 18.93
CA ASP B 264 -15.00 -44.16 19.22
C ASP B 264 -14.70 -42.76 18.69
N LEU B 265 -14.62 -41.79 19.59
CA LEU B 265 -14.20 -40.45 19.20
C LEU B 265 -12.69 -40.34 19.36
N VAL B 266 -11.98 -40.15 18.26
CA VAL B 266 -10.53 -40.11 18.26
C VAL B 266 -10.07 -38.68 17.98
N ALA B 267 -8.94 -38.32 18.61
CA ALA B 267 -8.38 -36.97 18.52
C ALA B 267 -6.97 -37.06 17.93
N ILE B 268 -6.89 -36.84 16.62
CA ILE B 268 -5.63 -36.90 15.88
C ILE B 268 -4.69 -35.82 16.38
N PRO B 269 -3.37 -36.05 16.47
CA PRO B 269 -2.49 -35.07 17.10
C PRO B 269 -1.87 -34.05 16.16
N ASP B 270 -2.43 -33.85 14.97
CA ASP B 270 -1.97 -32.78 14.11
C ASP B 270 -3.14 -31.86 13.77
N PHE B 271 -2.78 -30.61 13.48
CA PHE B 271 -3.75 -29.50 13.39
C PHE B 271 -4.56 -29.61 12.12
N GLU B 272 -3.92 -30.05 11.03
CA GLU B 272 -4.53 -30.23 9.70
C GLU B 272 -5.48 -31.42 9.64
N ALA B 273 -5.64 -32.15 10.75
CA ALA B 273 -6.74 -33.08 10.99
C ALA B 273 -8.06 -32.50 10.52
N GLY B 274 -8.79 -33.30 9.76
CA GLY B 274 -10.14 -32.96 9.37
C GLY B 274 -11.09 -33.75 10.26
N ALA B 275 -12.02 -33.03 10.88
CA ALA B 275 -13.05 -33.71 11.62
C ALA B 275 -13.94 -34.49 10.65
N MET B 276 -14.17 -35.75 10.94
CA MET B 276 -14.93 -36.61 10.07
C MET B 276 -16.02 -37.33 10.86
N GLU B 277 -17.07 -37.68 10.12
CA GLU B 277 -18.18 -38.46 10.64
C GLU B 277 -18.00 -39.96 10.39
N ASN B 278 -16.75 -40.43 10.31
CA ASN B 278 -16.49 -41.84 10.03
C ASN B 278 -17.09 -42.70 11.13
N TRP B 279 -17.81 -43.75 10.70
CA TRP B 279 -18.64 -44.52 11.61
C TRP B 279 -17.78 -45.27 12.59
N GLY B 280 -18.16 -45.21 13.87
CA GLY B 280 -17.33 -45.80 14.90
C GLY B 280 -16.18 -44.90 15.29
N LEU B 281 -15.31 -44.58 14.32
CA LEU B 281 -14.11 -43.76 14.53
C LEU B 281 -14.37 -42.35 14.02
N LEU B 282 -14.73 -41.45 14.93
CA LEU B 282 -14.91 -40.04 14.56
C LEU B 282 -13.59 -39.31 14.76
N THR B 283 -13.06 -38.78 13.66
CA THR B 283 -11.81 -38.03 13.70
C THR B 283 -12.11 -36.60 14.14
N PHE B 284 -11.42 -36.13 15.18
CA PHE B 284 -11.47 -34.74 15.63
C PHE B 284 -10.05 -34.17 15.54
N ARG B 285 -9.91 -32.88 15.80
CA ARG B 285 -8.57 -32.35 16.01
C ARG B 285 -8.20 -32.53 17.48
N GLU B 286 -6.88 -32.52 17.75
CA GLU B 286 -6.40 -32.78 19.11
C GLU B 286 -6.89 -31.71 20.08
N GLU B 287 -6.95 -30.45 19.62
CA GLU B 287 -7.40 -29.36 20.47
C GLU B 287 -8.91 -29.29 20.61
N THR B 288 -9.66 -29.78 19.62
CA THR B 288 -11.11 -29.61 19.54
C THR B 288 -11.87 -30.38 20.63
N LEU B 289 -11.19 -31.21 21.41
CA LEU B 289 -11.78 -31.95 22.51
C LEU B 289 -11.30 -31.50 23.89
N LEU B 290 -10.04 -31.07 23.99
CA LEU B 290 -9.45 -30.77 25.29
C LEU B 290 -10.14 -29.57 25.93
N TYR B 291 -10.46 -29.70 27.21
CA TYR B 291 -11.11 -28.63 27.96
C TYR B 291 -10.90 -28.97 29.45
N ASP B 292 -9.79 -28.46 30.00
CA ASP B 292 -9.67 -28.38 31.44
C ASP B 292 -10.73 -27.42 31.95
N SER B 293 -11.58 -27.88 32.85
CA SER B 293 -12.69 -27.07 33.34
C SER B 293 -12.21 -25.90 34.20
N ASN B 294 -10.97 -25.94 34.69
CA ASN B 294 -10.33 -24.81 35.35
C ASN B 294 -9.55 -23.91 34.40
N THR B 295 -9.40 -24.30 33.13
CA THR B 295 -8.50 -23.60 32.22
C THR B 295 -9.24 -22.99 31.04
N SER B 296 -9.80 -23.81 30.13
CA SER B 296 -10.28 -23.30 28.85
C SER B 296 -11.51 -22.42 29.03
N SER B 297 -11.64 -21.44 28.13
CA SER B 297 -12.76 -20.51 28.16
C SER B 297 -14.07 -21.24 27.89
N MET B 298 -15.17 -20.57 28.22
CA MET B 298 -16.48 -21.15 27.99
C MET B 298 -16.74 -21.35 26.50
N ALA B 299 -16.25 -20.42 25.67
CA ALA B 299 -16.31 -20.57 24.21
C ALA B 299 -15.60 -21.84 23.75
N ASP B 300 -14.48 -22.19 24.40
CA ASP B 300 -13.87 -23.49 24.18
C ASP B 300 -14.82 -24.62 24.59
N ARG B 301 -15.45 -24.48 25.75
CA ARG B 301 -16.48 -25.43 26.17
C ARG B 301 -17.71 -25.39 25.27
N LYS B 302 -17.97 -24.26 24.60
CA LYS B 302 -19.08 -24.20 23.65
C LYS B 302 -18.77 -24.96 22.36
N LEU B 303 -17.50 -25.04 21.96
CA LEU B 303 -17.15 -25.64 20.68
C LEU B 303 -17.09 -27.17 20.75
N VAL B 304 -16.41 -27.68 21.79
CA VAL B 304 -16.22 -29.12 22.03
C VAL B 304 -17.55 -29.84 22.02
N THR B 305 -18.55 -29.22 22.66
CA THR B 305 -19.91 -29.71 22.61
C THR B 305 -20.45 -29.74 21.18
N LYS B 306 -20.25 -28.63 20.44
CA LYS B 306 -20.89 -28.45 19.13
C LYS B 306 -20.38 -29.45 18.11
N ILE B 307 -19.07 -29.68 18.08
CA ILE B 307 -18.50 -30.63 17.12
C ILE B 307 -18.98 -32.04 17.39
N ILE B 308 -19.10 -32.39 18.69
CA ILE B 308 -19.50 -33.75 19.07
C ILE B 308 -20.93 -34.00 18.64
N ALA B 309 -21.81 -33.01 18.85
CA ALA B 309 -23.21 -33.16 18.45
C ALA B 309 -23.36 -33.25 16.94
N HIS B 310 -22.65 -32.37 16.23
CA HIS B 310 -22.55 -32.37 14.77
C HIS B 310 -22.16 -33.74 14.23
N GLU B 311 -21.06 -34.30 14.75
CA GLU B 311 -20.60 -35.60 14.30
C GLU B 311 -21.54 -36.71 14.77
N LEU B 312 -22.08 -36.57 15.98
CA LEU B 312 -23.01 -37.58 16.51
C LEU B 312 -24.31 -37.60 15.72
N ALA B 313 -24.79 -36.43 15.28
CA ALA B 313 -25.95 -36.37 14.39
C ALA B 313 -25.65 -37.05 13.06
N HIS B 314 -24.39 -37.00 12.62
CA HIS B 314 -23.96 -37.66 11.40
C HIS B 314 -24.14 -39.16 11.47
N GLN B 315 -23.85 -39.75 12.62
CA GLN B 315 -23.97 -41.19 12.81
C GLN B 315 -25.41 -41.67 12.68
N TRP B 316 -26.38 -40.77 12.86
CA TRP B 316 -27.74 -40.97 12.41
C TRP B 316 -28.08 -40.26 11.10
N PHE B 317 -27.20 -39.37 10.58
CA PHE B 317 -27.56 -38.58 9.40
C PHE B 317 -26.37 -38.40 8.46
N GLY B 318 -26.46 -38.95 7.26
CA GLY B 318 -25.31 -38.96 6.38
C GLY B 318 -24.68 -40.33 6.46
N ASN B 319 -24.23 -40.68 7.65
CA ASN B 319 -24.13 -42.08 8.01
C ASN B 319 -25.55 -42.65 8.06
N LEU B 320 -25.66 -43.98 7.88
CA LEU B 320 -26.95 -44.65 7.74
C LEU B 320 -27.65 -44.09 6.50
N VAL B 321 -28.58 -43.15 6.70
CA VAL B 321 -29.19 -42.46 5.57
C VAL B 321 -28.13 -41.60 4.88
N THR B 322 -27.82 -41.96 3.65
CA THR B 322 -26.80 -41.28 2.88
C THR B 322 -27.44 -40.63 1.66
N MET B 323 -26.84 -39.57 1.16
CA MET B 323 -27.40 -38.89 0.01
C MET B 323 -26.89 -39.51 -1.28
N LYS B 324 -27.78 -39.57 -2.28
CA LYS B 324 -27.47 -40.20 -3.57
C LYS B 324 -26.27 -39.54 -4.23
N TRP B 325 -26.31 -38.22 -4.38
CA TRP B 325 -25.23 -37.48 -5.00
C TRP B 325 -24.86 -36.31 -4.09
N TRP B 326 -23.66 -35.78 -4.30
CA TRP B 326 -23.16 -34.56 -3.67
C TRP B 326 -23.91 -33.31 -4.12
N ASN B 327 -24.74 -33.40 -5.17
CA ASN B 327 -25.66 -32.33 -5.57
C ASN B 327 -26.59 -31.88 -4.44
N ASP B 328 -26.91 -32.80 -3.53
CA ASP B 328 -27.74 -32.52 -2.36
C ASP B 328 -26.95 -32.73 -1.07
N LEU B 329 -25.71 -32.21 -0.98
CA LEU B 329 -24.94 -32.40 0.24
C LEU B 329 -25.52 -31.62 1.42
N TRP B 330 -26.31 -30.57 1.15
CA TRP B 330 -26.73 -29.63 2.18
C TRP B 330 -27.57 -30.30 3.27
N LEU B 331 -28.24 -31.40 2.94
CA LEU B 331 -28.97 -32.18 3.93
C LEU B 331 -28.04 -32.71 5.02
N ASN B 332 -27.00 -33.46 4.63
CA ASN B 332 -26.14 -34.13 5.60
C ASN B 332 -25.38 -33.15 6.48
N GLU B 333 -24.89 -32.06 5.90
CA GLU B 333 -24.12 -31.11 6.69
C GLU B 333 -25.00 -30.07 7.37
N GLY B 334 -26.02 -29.57 6.66
CA GLY B 334 -26.87 -28.54 7.23
C GLY B 334 -27.75 -29.04 8.35
N PHE B 335 -28.29 -30.26 8.20
CA PHE B 335 -29.20 -30.84 9.20
C PHE B 335 -28.52 -31.02 10.54
N ALA B 336 -27.32 -31.60 10.53
CA ALA B 336 -26.66 -31.89 11.78
C ALA B 336 -26.33 -30.62 12.54
N THR B 337 -25.95 -29.56 11.82
CA THR B 337 -25.84 -28.24 12.42
C THR B 337 -27.17 -27.79 13.03
N PHE B 338 -28.29 -28.13 12.40
CA PHE B 338 -29.58 -27.88 13.04
C PHE B 338 -29.72 -28.70 14.32
N MET B 339 -29.60 -30.02 14.21
CA MET B 339 -29.60 -30.90 15.39
C MET B 339 -28.44 -30.61 16.32
N GLU B 340 -27.32 -30.11 15.78
CA GLU B 340 -26.23 -29.63 16.63
C GLU B 340 -26.72 -28.60 17.62
N TYR B 341 -27.60 -27.69 17.20
CA TYR B 341 -27.99 -26.63 18.11
C TYR B 341 -29.24 -27.02 18.90
N PHE B 342 -30.20 -27.66 18.21
CA PHE B 342 -31.40 -28.26 18.79
C PHE B 342 -31.04 -29.14 19.98
N SER B 343 -30.13 -30.10 19.75
CA SER B 343 -29.66 -30.96 20.82
C SER B 343 -28.98 -30.15 21.92
N LEU B 344 -28.18 -29.15 21.52
CA LEU B 344 -27.45 -28.36 22.51
C LEU B 344 -28.41 -27.62 23.42
N GLU B 345 -29.38 -26.90 22.84
CA GLU B 345 -30.30 -26.08 23.62
C GLU B 345 -31.17 -26.91 24.55
N LYS B 346 -31.55 -28.12 24.13
CA LYS B 346 -32.38 -28.95 24.98
C LYS B 346 -31.58 -29.54 26.15
N ILE B 347 -30.48 -30.23 25.84
CA ILE B 347 -29.68 -30.83 26.90
C ILE B 347 -28.90 -29.76 27.67
N PHE B 348 -28.42 -28.71 26.96
CA PHE B 348 -27.55 -27.69 27.52
C PHE B 348 -28.09 -26.29 27.17
N LYS B 349 -29.26 -25.92 27.71
CA LYS B 349 -29.82 -24.61 27.38
C LYS B 349 -28.95 -23.49 27.96
N GLU B 350 -28.21 -23.80 29.03
CA GLU B 350 -27.31 -22.87 29.70
C GLU B 350 -26.30 -22.22 28.77
N LEU B 351 -25.80 -22.96 27.78
CA LEU B 351 -24.67 -22.48 26.99
C LEU B 351 -25.03 -21.31 26.08
N SER B 352 -26.31 -21.08 25.84
CA SER B 352 -26.78 -19.93 25.07
C SER B 352 -26.26 -20.03 23.63
N SER B 353 -26.30 -21.24 23.09
CA SER B 353 -25.82 -21.51 21.73
C SER B 353 -26.66 -20.81 20.67
N TYR B 354 -27.89 -20.41 21.01
CA TYR B 354 -28.76 -19.61 20.15
C TYR B 354 -28.08 -18.34 19.65
N GLU B 355 -27.22 -17.72 20.46
CA GLU B 355 -26.51 -16.51 20.07
C GLU B 355 -25.57 -16.78 18.90
N ASP B 356 -24.83 -17.89 18.96
CA ASP B 356 -23.85 -18.20 17.92
C ASP B 356 -24.53 -18.53 16.59
N PHE B 357 -25.69 -19.21 16.64
CA PHE B 357 -26.44 -19.51 15.42
C PHE B 357 -26.87 -18.24 14.73
N LEU B 358 -27.40 -17.28 15.50
CA LEU B 358 -28.01 -16.10 14.93
C LEU B 358 -26.97 -15.27 14.17
N ASP B 359 -25.75 -15.20 14.73
CA ASP B 359 -24.63 -14.56 14.04
C ASP B 359 -24.33 -15.24 12.71
N ALA B 360 -24.33 -16.58 12.72
CA ALA B 360 -24.12 -17.33 11.50
C ALA B 360 -25.20 -17.02 10.48
N ARG B 361 -26.45 -16.89 10.95
CA ARG B 361 -27.58 -16.64 10.07
C ARG B 361 -27.48 -15.27 9.39
N PHE B 362 -27.15 -14.22 10.16
CA PHE B 362 -26.84 -12.92 9.60
C PHE B 362 -25.68 -13.02 8.62
N LYS B 363 -24.57 -13.58 9.11
CA LYS B 363 -23.36 -13.74 8.30
C LYS B 363 -23.63 -14.58 7.07
N THR B 364 -24.41 -15.66 7.22
CA THR B 364 -24.78 -16.48 6.07
C THR B 364 -25.69 -15.72 5.12
N MET B 365 -26.65 -14.97 5.67
CA MET B 365 -27.65 -14.29 4.84
C MET B 365 -27.00 -13.29 3.91
N LYS B 366 -26.08 -12.48 4.45
CA LYS B 366 -25.31 -11.47 3.71
C LYS B 366 -24.67 -12.02 2.43
N LYS B 367 -24.12 -13.23 2.50
CA LYS B 367 -23.49 -13.84 1.32
C LYS B 367 -24.54 -14.27 0.29
N ASP B 368 -25.65 -14.86 0.75
CA ASP B 368 -26.71 -15.29 -0.18
C ASP B 368 -27.36 -14.11 -0.89
N SER B 369 -27.29 -12.90 -0.30
CA SER B 369 -27.71 -11.70 -1.00
C SER B 369 -26.84 -11.41 -2.23
N LEU B 370 -25.53 -11.65 -2.13
CA LEU B 370 -24.59 -11.26 -3.19
C LEU B 370 -24.82 -12.06 -4.48
N ASN B 371 -23.94 -11.85 -5.46
CA ASN B 371 -24.09 -12.51 -6.74
C ASN B 371 -23.10 -13.66 -6.94
N SER B 372 -22.13 -13.86 -6.05
CA SER B 372 -21.32 -15.08 -6.13
C SER B 372 -22.01 -16.25 -5.42
N SER B 373 -23.28 -16.47 -5.72
CA SER B 373 -24.15 -17.41 -5.05
C SER B 373 -24.31 -18.66 -5.90
N HIS B 374 -24.46 -19.77 -5.22
CA HIS B 374 -24.98 -20.96 -5.83
C HIS B 374 -26.31 -21.27 -5.16
N PRO B 375 -27.38 -21.54 -5.92
CA PRO B 375 -28.58 -22.12 -5.33
C PRO B 375 -28.19 -23.45 -4.72
N ILE B 376 -28.69 -23.71 -3.51
CA ILE B 376 -28.14 -24.74 -2.61
C ILE B 376 -28.17 -26.13 -3.25
N SER B 377 -29.14 -26.39 -4.11
CA SER B 377 -29.10 -27.51 -5.05
C SER B 377 -28.62 -26.97 -6.38
N SER B 378 -27.38 -27.27 -6.73
CA SER B 378 -26.82 -26.93 -8.03
C SER B 378 -26.25 -28.19 -8.66
N SER B 379 -26.33 -28.26 -9.99
CA SER B 379 -25.82 -29.42 -10.71
C SER B 379 -24.33 -29.60 -10.50
N VAL B 380 -23.90 -30.82 -10.23
CA VAL B 380 -22.50 -31.08 -9.93
C VAL B 380 -22.03 -32.19 -10.85
N GLN B 381 -21.09 -31.86 -11.74
CA GLN B 381 -20.63 -32.78 -12.78
C GLN B 381 -19.13 -32.60 -13.01
N SER B 382 -18.39 -32.24 -11.96
CA SER B 382 -16.98 -31.94 -12.09
C SER B 382 -16.27 -32.33 -10.80
N SER B 383 -15.00 -32.72 -10.92
CA SER B 383 -14.18 -33.11 -9.78
C SER B 383 -13.84 -31.96 -8.84
N GLU B 384 -14.04 -30.71 -9.27
CA GLU B 384 -13.90 -29.54 -8.41
C GLU B 384 -15.23 -28.88 -8.10
N GLN B 385 -16.21 -29.04 -8.99
CA GLN B 385 -17.59 -28.63 -8.72
C GLN B 385 -18.13 -29.36 -7.50
N ILE B 386 -17.72 -30.63 -7.29
CA ILE B 386 -18.05 -31.36 -6.07
C ILE B 386 -17.53 -30.60 -4.85
N GLU B 387 -16.22 -30.31 -4.84
CA GLU B 387 -15.61 -29.66 -3.69
C GLU B 387 -16.11 -28.23 -3.56
N GLU B 388 -16.48 -27.62 -4.68
CA GLU B 388 -17.23 -26.36 -4.71
C GLU B 388 -18.53 -26.45 -3.91
N MET B 389 -19.15 -27.64 -3.81
CA MET B 389 -20.34 -27.85 -2.99
C MET B 389 -20.05 -27.94 -1.49
N PHE B 390 -18.83 -27.65 -1.07
CA PHE B 390 -18.44 -27.78 0.32
C PHE B 390 -18.30 -26.45 1.04
N ASP B 391 -18.88 -25.39 0.47
CA ASP B 391 -18.85 -24.09 1.13
C ASP B 391 -19.63 -24.16 2.43
N SER B 392 -19.04 -23.62 3.49
CA SER B 392 -19.67 -23.62 4.82
C SER B 392 -20.97 -22.83 4.81
N LEU B 393 -21.07 -21.81 3.94
CA LEU B 393 -22.28 -21.00 3.77
C LEU B 393 -23.50 -21.85 3.45
N SER B 394 -23.33 -22.96 2.70
CA SER B 394 -24.44 -23.82 2.32
C SER B 394 -25.08 -24.49 3.53
N TYR B 395 -24.24 -25.02 4.44
CA TYR B 395 -24.66 -25.76 5.63
C TYR B 395 -25.63 -24.96 6.47
N PHE B 396 -25.25 -23.71 6.74
CA PHE B 396 -26.03 -22.84 7.60
C PHE B 396 -27.36 -22.49 6.96
N LYS B 397 -27.37 -22.22 5.65
CA LYS B 397 -28.61 -21.94 4.93
C LYS B 397 -29.56 -23.12 5.02
N GLY B 398 -29.04 -24.34 4.84
CA GLY B 398 -29.84 -25.51 5.10
C GLY B 398 -30.31 -25.59 6.54
N SER B 399 -29.39 -25.37 7.48
CA SER B 399 -29.75 -25.37 8.90
C SER B 399 -30.78 -24.29 9.23
N SER B 400 -30.68 -23.14 8.56
CA SER B 400 -31.66 -22.09 8.76
C SER B 400 -33.03 -22.49 8.21
N LEU B 401 -33.05 -23.13 7.03
CA LEU B 401 -34.30 -23.53 6.41
C LEU B 401 -35.03 -24.57 7.24
N LEU B 402 -34.28 -25.51 7.82
CA LEU B 402 -34.85 -26.53 8.69
C LEU B 402 -35.50 -25.91 9.92
N LEU B 403 -34.82 -24.91 10.51
CA LEU B 403 -35.39 -24.21 11.67
C LEU B 403 -36.66 -23.47 11.29
N MET B 404 -36.70 -22.90 10.10
CA MET B 404 -37.90 -22.22 9.60
C MET B 404 -39.08 -23.17 9.50
N LEU B 405 -38.83 -24.42 9.08
CA LEU B 405 -39.91 -25.39 8.96
C LEU B 405 -40.40 -25.85 10.33
N LYS B 406 -39.48 -26.12 11.28
CA LYS B 406 -39.88 -26.42 12.65
C LYS B 406 -40.54 -25.22 13.32
N THR B 407 -40.23 -24.01 12.86
CA THR B 407 -40.94 -22.84 13.37
C THR B 407 -42.34 -22.77 12.79
N TYR B 408 -42.51 -23.19 11.53
CA TYR B 408 -43.82 -23.10 10.88
C TYR B 408 -44.71 -24.28 11.24
N LEU B 409 -44.13 -25.46 11.39
CA LEU B 409 -44.84 -26.68 11.77
C LEU B 409 -44.30 -27.15 13.09
N SER B 410 -45.23 -27.59 13.98
CA SER B 410 -44.96 -27.98 15.36
C SER B 410 -43.75 -28.91 15.48
N GLU B 411 -43.00 -28.76 16.58
CA GLU B 411 -41.74 -29.49 16.78
C GLU B 411 -41.95 -31.00 16.70
N ASP B 412 -43.10 -31.47 17.19
CA ASP B 412 -43.40 -32.90 17.16
C ASP B 412 -43.72 -33.36 15.74
N VAL B 413 -44.33 -32.52 14.91
CA VAL B 413 -44.58 -32.86 13.50
C VAL B 413 -43.27 -33.12 12.79
N PHE B 414 -42.27 -32.28 13.08
CA PHE B 414 -40.91 -32.47 12.59
C PHE B 414 -40.33 -33.81 13.02
N GLN B 415 -40.50 -34.16 14.30
CA GLN B 415 -39.93 -35.40 14.83
C GLN B 415 -40.53 -36.63 14.19
N HIS B 416 -41.86 -36.63 14.01
CA HIS B 416 -42.56 -37.70 13.30
C HIS B 416 -41.96 -37.90 11.91
N ALA B 417 -41.79 -36.81 11.16
CA ALA B 417 -41.25 -36.88 9.81
C ALA B 417 -39.81 -37.36 9.82
N VAL B 418 -39.00 -36.81 10.73
CA VAL B 418 -37.58 -37.17 10.83
C VAL B 418 -37.43 -38.64 11.16
N VAL B 419 -38.13 -39.10 12.20
CA VAL B 419 -38.11 -40.51 12.58
C VAL B 419 -38.70 -41.38 11.47
N LEU B 420 -39.78 -40.91 10.84
CA LEU B 420 -40.36 -41.63 9.68
C LEU B 420 -39.35 -41.69 8.54
N TYR B 421 -38.76 -40.53 8.20
CA TYR B 421 -37.79 -40.41 7.12
C TYR B 421 -36.63 -41.38 7.29
N LEU B 422 -36.17 -41.55 8.52
CA LEU B 422 -35.05 -42.44 8.79
C LEU B 422 -35.40 -43.90 8.50
N HIS B 423 -36.47 -44.41 9.12
CA HIS B 423 -36.75 -45.84 9.07
C HIS B 423 -37.13 -46.32 7.67
N ASN B 424 -37.97 -45.54 6.96
CA ASN B 424 -38.36 -45.87 5.59
C ASN B 424 -37.14 -45.93 4.68
N HIS B 425 -36.15 -45.06 4.92
CA HIS B 425 -35.01 -44.90 4.02
C HIS B 425 -33.69 -45.28 4.71
N SER B 426 -33.76 -45.99 5.84
CA SER B 426 -32.55 -46.37 6.56
C SER B 426 -31.70 -47.34 5.77
N TYR B 427 -30.42 -47.37 6.13
CA TYR B 427 -29.41 -48.29 5.59
C TYR B 427 -29.37 -48.24 4.06
N ALA B 428 -29.36 -47.01 3.54
CA ALA B 428 -29.70 -46.80 2.14
C ALA B 428 -29.21 -45.42 1.72
N SER B 429 -29.69 -44.96 0.58
CA SER B 429 -29.33 -43.66 0.00
C SER B 429 -30.59 -43.04 -0.59
N ILE B 430 -30.57 -41.71 -0.71
CA ILE B 430 -31.78 -40.98 -1.06
C ILE B 430 -31.40 -39.63 -1.66
N GLN B 431 -32.40 -38.89 -2.12
CA GLN B 431 -32.26 -37.51 -2.56
C GLN B 431 -33.09 -36.61 -1.67
N SER B 432 -33.00 -35.30 -1.94
CA SER B 432 -33.69 -34.30 -1.12
C SER B 432 -35.20 -34.46 -1.19
N ASP B 433 -35.73 -34.72 -2.39
CA ASP B 433 -37.17 -34.67 -2.62
C ASP B 433 -37.91 -35.76 -1.85
N ASP B 434 -37.26 -36.89 -1.63
CA ASP B 434 -37.89 -37.96 -0.85
C ASP B 434 -37.95 -37.61 0.63
N LEU B 435 -37.00 -36.81 1.12
CA LEU B 435 -37.12 -36.25 2.46
C LEU B 435 -38.34 -35.35 2.57
N TRP B 436 -38.60 -34.55 1.53
CA TRP B 436 -39.79 -33.70 1.49
C TRP B 436 -41.06 -34.54 1.60
N ASP B 437 -41.08 -35.70 0.92
CA ASP B 437 -42.20 -36.63 1.03
C ASP B 437 -42.40 -37.10 2.46
N SER B 438 -41.30 -37.27 3.22
CA SER B 438 -41.40 -37.65 4.62
C SER B 438 -42.05 -36.57 5.48
N PHE B 439 -42.10 -35.32 5.01
CA PHE B 439 -42.90 -34.31 5.68
C PHE B 439 -44.37 -34.39 5.27
N ASN B 440 -44.63 -34.48 3.95
CA ASN B 440 -45.99 -34.33 3.42
C ASN B 440 -46.94 -35.41 3.92
N GLU B 441 -46.44 -36.65 4.04
CA GLU B 441 -47.21 -37.68 4.74
C GLU B 441 -47.37 -37.33 6.21
N VAL B 442 -46.35 -36.72 6.81
CA VAL B 442 -46.50 -36.23 8.17
C VAL B 442 -47.31 -34.93 8.23
N THR B 443 -47.39 -34.16 7.14
CA THR B 443 -48.29 -32.99 7.04
C THR B 443 -49.74 -33.41 6.73
N ASN B 444 -50.27 -34.31 7.57
CA ASN B 444 -51.57 -34.97 7.40
C ASN B 444 -51.53 -35.66 6.03
N GLN B 445 -52.56 -35.56 5.20
CA GLN B 445 -52.53 -36.00 3.80
C GLN B 445 -52.09 -34.87 2.87
N THR B 446 -51.00 -34.19 3.27
CA THR B 446 -50.38 -33.13 2.47
C THR B 446 -51.34 -31.94 2.32
N LEU B 447 -51.83 -31.45 3.47
CA LEU B 447 -52.64 -30.24 3.48
C LEU B 447 -51.87 -29.05 2.92
N ASP B 448 -50.56 -28.99 3.22
CA ASP B 448 -49.62 -28.21 2.44
C ASP B 448 -48.62 -29.17 1.82
N VAL B 449 -48.37 -29.01 0.53
CA VAL B 449 -47.24 -29.70 -0.07
C VAL B 449 -45.98 -28.96 0.32
N LYS B 450 -45.01 -29.69 0.90
CA LYS B 450 -43.69 -29.13 1.25
C LYS B 450 -42.73 -29.02 0.04
N ARG B 451 -43.30 -29.03 -1.17
CA ARG B 451 -42.71 -28.48 -2.39
C ARG B 451 -42.24 -27.03 -2.25
N MET B 452 -42.81 -26.25 -1.32
CA MET B 452 -42.42 -24.83 -1.13
C MET B 452 -40.94 -24.67 -0.84
N MET B 453 -40.34 -25.67 -0.19
CA MET B 453 -38.90 -25.73 0.01
C MET B 453 -38.10 -25.74 -1.28
N LYS B 454 -38.71 -26.14 -2.42
CA LYS B 454 -38.02 -26.16 -3.71
C LYS B 454 -37.46 -24.79 -4.07
N THR B 455 -38.31 -23.74 -3.97
CA THR B 455 -37.93 -22.35 -4.28
C THR B 455 -36.67 -21.94 -3.53
N TRP B 456 -36.62 -22.28 -2.25
CA TRP B 456 -35.43 -22.03 -1.44
C TRP B 456 -34.25 -22.85 -1.94
N THR B 457 -34.50 -24.08 -2.40
CA THR B 457 -33.41 -24.95 -2.84
C THR B 457 -32.87 -24.56 -4.20
N LEU B 458 -33.76 -24.25 -5.16
CA LEU B 458 -33.36 -24.14 -6.55
C LEU B 458 -33.12 -22.71 -7.02
N GLN B 459 -33.32 -21.71 -6.17
CA GLN B 459 -33.01 -20.34 -6.54
C GLN B 459 -32.15 -19.71 -5.46
N LYS B 460 -31.08 -19.05 -5.89
CA LYS B 460 -30.15 -18.40 -4.98
C LYS B 460 -30.83 -17.21 -4.29
N GLY B 461 -30.12 -16.65 -3.30
CA GLY B 461 -30.60 -15.45 -2.64
C GLY B 461 -31.71 -15.72 -1.63
N PHE B 462 -32.10 -14.67 -0.93
CA PHE B 462 -33.20 -14.72 0.01
C PHE B 462 -34.21 -13.64 -0.30
N PRO B 463 -35.46 -13.80 0.15
CA PRO B 463 -36.48 -12.81 -0.14
C PRO B 463 -36.37 -11.57 0.73
N LEU B 464 -36.83 -10.46 0.18
CA LEU B 464 -36.98 -9.22 0.94
C LEU B 464 -38.47 -8.89 1.01
N VAL B 465 -39.00 -8.81 2.22
CA VAL B 465 -40.41 -8.56 2.45
C VAL B 465 -40.61 -7.11 2.88
N THR B 466 -41.55 -6.43 2.24
CA THR B 466 -41.92 -5.06 2.62
C THR B 466 -43.28 -5.10 3.30
N VAL B 467 -43.38 -4.50 4.48
CA VAL B 467 -44.57 -4.59 5.31
C VAL B 467 -45.01 -3.17 5.69
N GLN B 468 -46.30 -2.88 5.52
CA GLN B 468 -46.86 -1.55 5.80
C GLN B 468 -48.22 -1.71 6.46
N LYS B 469 -48.52 -0.82 7.42
CA LYS B 469 -49.74 -0.91 8.20
C LYS B 469 -50.66 0.26 7.88
N LYS B 470 -51.94 -0.05 7.62
CA LYS B 470 -53.02 0.92 7.55
C LYS B 470 -54.19 0.36 8.34
N GLY B 471 -54.47 0.96 9.49
CA GLY B 471 -55.57 0.49 10.32
C GLY B 471 -55.27 -0.89 10.88
N LYS B 472 -56.23 -1.81 10.69
CA LYS B 472 -56.06 -3.21 11.06
C LYS B 472 -55.62 -4.06 9.87
N GLU B 473 -55.12 -3.43 8.80
CA GLU B 473 -54.67 -4.12 7.61
C GLU B 473 -53.16 -4.05 7.54
N LEU B 474 -52.52 -5.20 7.33
CA LEU B 474 -51.07 -5.29 7.26
C LEU B 474 -50.71 -5.73 5.85
N PHE B 475 -50.54 -4.75 4.96
CA PHE B 475 -50.18 -5.05 3.57
C PHE B 475 -48.72 -5.48 3.49
N ILE B 476 -48.46 -6.50 2.67
CA ILE B 476 -47.15 -7.12 2.61
C ILE B 476 -46.74 -7.27 1.14
N GLN B 477 -45.47 -6.99 0.86
CA GLN B 477 -44.91 -7.13 -0.47
C GLN B 477 -43.63 -7.95 -0.39
N GLN B 478 -43.38 -8.74 -1.44
CA GLN B 478 -42.23 -9.62 -1.50
C GLN B 478 -41.36 -9.28 -2.71
N GLU B 479 -40.05 -9.33 -2.51
CA GLU B 479 -39.08 -9.10 -3.57
C GLU B 479 -37.78 -9.74 -3.14
N ARG B 480 -36.95 -10.04 -4.14
CA ARG B 480 -35.60 -10.49 -3.84
C ARG B 480 -34.76 -9.33 -3.32
N PHE B 481 -33.84 -9.62 -2.41
CA PHE B 481 -32.96 -8.60 -1.86
C PHE B 481 -31.99 -8.06 -2.90
N PHE B 482 -32.49 -7.29 -3.88
CA PHE B 482 -31.62 -6.77 -4.91
C PHE B 482 -30.74 -5.67 -4.33
N LEU B 483 -29.44 -5.81 -4.54
CA LEU B 483 -28.45 -4.84 -4.11
C LEU B 483 -27.77 -4.31 -5.37
N ASN B 484 -27.95 -3.02 -5.63
CA ASN B 484 -27.49 -2.38 -6.87
C ASN B 484 -25.99 -2.50 -7.09
N ASP B 493 -34.84 -12.33 -13.26
CA ASP B 493 -36.20 -12.22 -13.77
C ASP B 493 -37.19 -12.10 -12.62
N THR B 494 -38.48 -12.33 -12.92
CA THR B 494 -39.55 -12.21 -11.94
C THR B 494 -39.42 -13.34 -10.93
N SER B 495 -38.57 -13.12 -9.92
CA SER B 495 -38.33 -14.13 -8.89
C SER B 495 -39.38 -14.00 -7.79
N TYR B 496 -40.62 -14.34 -8.15
CA TYR B 496 -41.73 -14.36 -7.22
C TYR B 496 -41.80 -15.65 -6.40
N LEU B 497 -40.87 -16.59 -6.63
CA LEU B 497 -40.89 -17.90 -6.00
C LEU B 497 -40.35 -17.79 -4.57
N TRP B 498 -41.24 -17.48 -3.63
CA TRP B 498 -40.91 -17.62 -2.22
C TRP B 498 -42.15 -17.87 -1.38
N HIS B 499 -42.60 -19.13 -1.31
CA HIS B 499 -43.55 -19.56 -0.30
C HIS B 499 -42.92 -19.38 1.08
N ILE B 500 -43.43 -18.45 1.88
CA ILE B 500 -42.69 -17.93 3.01
C ILE B 500 -43.52 -18.12 4.29
N PRO B 501 -42.96 -18.75 5.32
CA PRO B 501 -43.63 -18.79 6.63
C PRO B 501 -43.58 -17.43 7.31
N LEU B 502 -44.77 -16.87 7.57
CA LEU B 502 -44.90 -15.50 8.09
C LEU B 502 -45.18 -15.54 9.59
N SER B 503 -44.17 -15.24 10.39
CA SER B 503 -44.31 -15.22 11.85
C SER B 503 -44.28 -13.78 12.33
N TYR B 504 -45.38 -13.32 12.93
CA TYR B 504 -45.50 -11.95 13.40
C TYR B 504 -46.10 -11.92 14.81
N VAL B 505 -45.79 -10.85 15.53
CA VAL B 505 -46.26 -10.62 16.89
C VAL B 505 -46.79 -9.20 16.98
N THR B 506 -47.79 -8.98 17.84
CA THR B 506 -48.44 -7.68 17.95
C THR B 506 -48.67 -7.31 19.42
N GLU B 507 -48.93 -6.02 19.62
CA GLU B 507 -49.26 -5.46 20.93
C GLU B 507 -50.21 -4.29 20.76
N GLY B 508 -51.04 -4.10 21.76
CA GLY B 508 -52.02 -3.03 21.74
C GLY B 508 -52.75 -3.03 23.07
N ARG B 509 -53.74 -2.13 23.20
CA ARG B 509 -54.79 -2.19 24.25
C ARG B 509 -54.21 -2.23 25.67
N ASN B 510 -53.06 -1.61 25.88
CA ASN B 510 -52.21 -1.64 27.08
C ASN B 510 -51.49 -2.97 27.29
N TYR B 511 -51.71 -4.00 26.44
CA TYR B 511 -51.05 -5.30 26.55
C TYR B 511 -51.48 -6.24 25.42
N SER B 512 -50.51 -6.90 24.79
CA SER B 512 -50.81 -7.96 23.82
C SER B 512 -49.54 -8.71 23.48
N LYS B 513 -49.71 -10.00 23.17
CA LYS B 513 -48.63 -10.87 22.76
C LYS B 513 -49.10 -11.78 21.63
N TYR B 514 -49.92 -11.24 20.73
CA TYR B 514 -50.54 -12.02 19.66
C TYR B 514 -49.46 -12.53 18.70
N GLN B 515 -49.15 -13.82 18.80
CA GLN B 515 -48.14 -14.48 17.99
C GLN B 515 -48.84 -15.52 17.12
N SER B 516 -48.74 -15.36 15.81
CA SER B 516 -49.49 -16.21 14.88
C SER B 516 -48.55 -16.63 13.75
N VAL B 517 -49.13 -17.01 12.62
CA VAL B 517 -48.35 -17.46 11.47
C VAL B 517 -49.25 -17.57 10.24
N SER B 518 -48.66 -17.39 9.05
CA SER B 518 -49.36 -17.49 7.78
C SER B 518 -48.32 -17.80 6.71
N LEU B 519 -48.81 -18.07 5.50
CA LEU B 519 -47.93 -18.43 4.39
C LEU B 519 -48.14 -17.48 3.22
N LEU B 520 -47.02 -17.07 2.60
CA LEU B 520 -47.02 -16.17 1.45
C LEU B 520 -46.63 -16.97 0.22
N ASP B 521 -47.63 -17.48 -0.49
CA ASP B 521 -47.40 -18.13 -1.77
C ASP B 521 -47.43 -17.15 -2.94
N LYS B 522 -47.74 -15.88 -2.69
CA LYS B 522 -47.81 -14.86 -3.71
C LYS B 522 -47.11 -13.61 -3.22
N LYS B 523 -46.56 -12.84 -4.16
CA LYS B 523 -45.75 -11.67 -3.80
C LYS B 523 -46.59 -10.58 -3.12
N SER B 524 -47.85 -10.43 -3.51
CA SER B 524 -48.74 -9.43 -2.93
C SER B 524 -49.67 -10.13 -1.94
N GLY B 525 -49.51 -9.82 -0.66
CA GLY B 525 -50.34 -10.40 0.37
C GLY B 525 -50.72 -9.37 1.41
N VAL B 526 -51.89 -9.58 2.00
CA VAL B 526 -52.42 -8.69 3.02
C VAL B 526 -52.81 -9.53 4.24
N ILE B 527 -52.39 -9.08 5.42
CA ILE B 527 -52.68 -9.75 6.68
C ILE B 527 -53.62 -8.85 7.46
N ASN B 528 -54.90 -9.22 7.52
CA ASN B 528 -55.85 -8.45 8.31
C ASN B 528 -55.62 -8.69 9.80
N LEU B 529 -55.83 -7.64 10.59
CA LEU B 529 -55.66 -7.70 12.03
C LEU B 529 -57.03 -7.67 12.70
N THR B 530 -57.24 -8.60 13.64
CA THR B 530 -58.49 -8.65 14.41
C THR B 530 -58.70 -7.34 15.16
N GLU B 531 -57.66 -6.84 15.80
CA GLU B 531 -57.71 -5.60 16.56
C GLU B 531 -56.53 -4.73 16.17
N GLU B 532 -56.75 -3.42 16.16
CA GLU B 532 -55.69 -2.48 15.80
C GLU B 532 -54.55 -2.53 16.81
N VAL B 533 -53.34 -2.30 16.31
CA VAL B 533 -52.11 -2.42 17.07
C VAL B 533 -51.24 -1.20 16.80
N LEU B 534 -50.02 -1.24 17.34
CA LEU B 534 -49.12 -0.09 17.29
C LEU B 534 -47.72 -0.54 16.90
N TRP B 535 -47.13 -1.49 17.62
CA TRP B 535 -45.84 -2.06 17.23
C TRP B 535 -46.00 -3.50 16.78
N VAL B 536 -45.33 -3.83 15.66
CA VAL B 536 -45.39 -5.16 15.07
C VAL B 536 -43.99 -5.58 14.63
N LYS B 537 -43.68 -6.85 14.84
CA LYS B 537 -42.41 -7.45 14.45
C LYS B 537 -42.69 -8.67 13.56
N VAL B 538 -41.77 -8.96 12.65
CA VAL B 538 -41.91 -10.05 11.70
C VAL B 538 -40.67 -10.92 11.77
N ASN B 539 -40.83 -12.20 11.41
CA ASN B 539 -39.79 -13.23 11.57
C ASN B 539 -39.41 -13.34 13.04
N ILE B 540 -40.32 -13.95 13.80
CA ILE B 540 -40.22 -14.02 15.26
C ILE B 540 -38.99 -14.80 15.65
N ASN B 541 -38.05 -14.13 16.32
CA ASN B 541 -36.74 -14.66 16.70
C ASN B 541 -35.88 -14.99 15.48
N MET B 542 -36.17 -14.34 14.35
CA MET B 542 -35.62 -14.58 13.01
C MET B 542 -35.49 -16.05 12.66
N ASN B 543 -36.50 -16.86 13.02
CA ASN B 543 -36.45 -18.28 12.71
C ASN B 543 -36.64 -18.55 11.22
N GLY B 544 -37.21 -17.60 10.48
CA GLY B 544 -37.20 -17.63 9.05
C GLY B 544 -35.88 -17.13 8.49
N TYR B 545 -35.86 -16.94 7.17
CA TYR B 545 -34.65 -16.59 6.44
C TYR B 545 -34.95 -15.37 5.55
N TYR B 546 -35.17 -14.21 6.17
CA TYR B 546 -35.52 -13.03 5.40
C TYR B 546 -35.32 -11.78 6.25
N ILE B 547 -35.13 -10.66 5.55
CA ILE B 547 -35.03 -9.34 6.14
C ILE B 547 -36.36 -8.62 5.89
N VAL B 548 -36.82 -7.86 6.88
CA VAL B 548 -38.08 -7.13 6.80
C VAL B 548 -37.77 -5.64 6.72
N HIS B 549 -38.29 -4.98 5.69
CA HIS B 549 -38.24 -3.53 5.59
C HIS B 549 -39.62 -2.99 5.95
N TYR B 550 -39.63 -1.95 6.80
CA TYR B 550 -40.87 -1.33 7.23
C TYR B 550 -41.01 0.04 6.57
N ALA B 551 -42.20 0.62 6.69
CA ALA B 551 -42.40 2.00 6.27
C ALA B 551 -41.82 2.94 7.33
N ASP B 552 -41.89 4.25 7.04
CA ASP B 552 -41.37 5.27 7.95
C ASP B 552 -42.10 5.24 9.29
N ASP B 553 -43.43 5.27 9.25
CA ASP B 553 -44.24 5.29 10.47
C ASP B 553 -44.06 4.02 11.28
N ASP B 554 -44.16 2.87 10.62
CA ASP B 554 -44.11 1.59 11.33
C ASP B 554 -42.74 1.33 11.93
N TRP B 555 -41.67 1.77 11.23
CA TRP B 555 -40.31 1.66 11.76
C TRP B 555 -40.16 2.40 13.07
N GLU B 556 -40.65 3.65 13.11
CA GLU B 556 -40.57 4.48 14.31
C GLU B 556 -41.35 3.88 15.47
N ALA B 557 -42.38 3.08 15.18
CA ALA B 557 -43.12 2.39 16.23
C ALA B 557 -42.22 1.42 16.99
N LEU B 558 -41.44 0.63 16.26
CA LEU B 558 -40.52 -0.30 16.91
C LEU B 558 -39.41 0.44 17.65
N ILE B 559 -38.94 1.59 17.12
CA ILE B 559 -37.93 2.37 17.82
C ILE B 559 -38.50 2.99 19.09
N HIS B 560 -39.78 3.37 19.06
CA HIS B 560 -40.43 3.96 20.23
C HIS B 560 -40.58 2.90 21.32
N GLN B 561 -41.07 1.71 20.94
CA GLN B 561 -41.23 0.64 21.91
C GLN B 561 -39.90 0.10 22.39
N LEU B 562 -38.85 0.22 21.56
CA LEU B 562 -37.51 -0.07 22.07
C LEU B 562 -37.10 0.94 23.12
N LYS B 563 -37.60 2.17 23.01
CA LYS B 563 -37.29 3.18 24.02
C LYS B 563 -38.02 2.90 25.33
N ILE B 564 -39.22 2.32 25.27
CA ILE B 564 -40.04 2.15 26.46
C ILE B 564 -40.49 0.70 26.57
N ASN B 565 -40.04 0.03 27.63
CA ASN B 565 -40.27 -1.40 27.85
C ASN B 565 -39.82 -2.21 26.64
N PRO B 566 -38.52 -2.21 26.32
CA PRO B 566 -38.06 -2.93 25.12
C PRO B 566 -38.14 -4.44 25.27
N TYR B 567 -38.28 -4.94 26.49
CA TYR B 567 -38.23 -6.37 26.79
C TYR B 567 -39.52 -7.10 26.43
N VAL B 568 -40.50 -6.38 25.85
CA VAL B 568 -41.65 -6.97 25.18
C VAL B 568 -41.24 -7.97 24.11
N LEU B 569 -40.09 -7.76 23.47
CA LEU B 569 -39.51 -8.66 22.48
C LEU B 569 -38.34 -9.43 23.06
N SER B 570 -38.07 -10.58 22.45
CA SER B 570 -36.92 -11.38 22.81
C SER B 570 -35.64 -10.69 22.37
N ASP B 571 -34.52 -11.16 22.93
CA ASP B 571 -33.21 -10.69 22.49
C ASP B 571 -32.96 -11.01 21.03
N LYS B 572 -33.48 -12.15 20.56
CA LYS B 572 -33.35 -12.54 19.17
C LYS B 572 -34.04 -11.55 18.24
N ASP B 573 -35.31 -11.22 18.54
CA ASP B 573 -36.09 -10.27 17.73
C ASP B 573 -35.39 -8.92 17.67
N ARG B 574 -34.90 -8.45 18.82
CA ARG B 574 -34.19 -7.18 18.91
C ARG B 574 -32.93 -7.21 18.04
N ALA B 575 -32.16 -8.29 18.13
CA ALA B 575 -30.95 -8.41 17.32
C ALA B 575 -31.29 -8.56 15.85
N ASN B 576 -32.40 -9.23 15.53
CA ASN B 576 -32.84 -9.35 14.13
C ASN B 576 -33.09 -7.99 13.52
N LEU B 577 -33.72 -7.09 14.29
CA LEU B 577 -33.99 -5.73 13.81
C LEU B 577 -32.70 -4.97 13.55
N ILE B 578 -31.71 -5.09 14.45
CA ILE B 578 -30.48 -4.31 14.37
C ILE B 578 -29.70 -4.67 13.10
N ASN B 579 -29.53 -5.96 12.85
CA ASN B 579 -28.90 -6.40 11.61
C ASN B 579 -29.85 -6.31 10.42
N ASN B 580 -31.16 -6.20 10.65
CA ASN B 580 -32.05 -5.93 9.53
C ASN B 580 -31.91 -4.49 9.02
N ILE B 581 -31.84 -3.51 9.92
CA ILE B 581 -31.91 -2.12 9.49
C ILE B 581 -30.61 -1.65 8.86
N PHE B 582 -29.48 -1.93 9.53
CA PHE B 582 -28.16 -1.42 9.13
C PHE B 582 -27.81 -1.85 7.72
N GLU B 583 -28.11 -3.10 7.39
CA GLU B 583 -27.94 -3.62 6.03
C GLU B 583 -28.81 -2.84 5.05
N LEU B 584 -30.06 -2.56 5.43
CA LEU B 584 -30.99 -1.81 4.58
C LEU B 584 -30.48 -0.39 4.33
N ALA B 585 -30.04 0.28 5.38
CA ALA B 585 -29.34 1.56 5.24
C ALA B 585 -28.06 1.42 4.42
N GLY B 586 -27.41 0.25 4.48
CA GLY B 586 -26.30 -0.03 3.59
C GLY B 586 -26.67 0.06 2.11
N LEU B 587 -27.85 -0.46 1.75
CA LEU B 587 -28.40 -0.26 0.42
C LEU B 587 -29.13 1.08 0.29
N GLY B 588 -29.09 1.94 1.30
CA GLY B 588 -29.84 3.17 1.29
C GLY B 588 -31.33 3.03 1.39
N LYS B 589 -31.84 1.83 1.67
CA LYS B 589 -33.28 1.59 1.77
C LYS B 589 -33.89 2.40 2.90
N VAL B 590 -33.15 2.60 3.97
CA VAL B 590 -33.53 3.48 5.06
C VAL B 590 -32.36 4.43 5.26
N PRO B 591 -32.60 5.71 5.54
CA PRO B 591 -31.50 6.61 5.91
C PRO B 591 -30.80 6.10 7.16
N LEU B 592 -29.48 6.23 7.17
CA LEU B 592 -28.66 5.53 8.16
C LEU B 592 -28.93 6.02 9.57
N LYS B 593 -29.36 7.30 9.69
CA LYS B 593 -29.67 7.94 10.96
C LYS B 593 -30.68 7.15 11.79
N ARG B 594 -31.64 6.52 11.12
CA ARG B 594 -32.66 5.72 11.82
C ARG B 594 -32.05 4.53 12.54
N ALA B 595 -30.99 3.94 11.98
CA ALA B 595 -30.31 2.82 12.62
C ALA B 595 -29.69 3.25 13.95
N PHE B 596 -28.95 4.36 13.92
CA PHE B 596 -28.42 4.92 15.15
C PHE B 596 -29.53 5.47 16.04
N ASP B 597 -30.65 5.88 15.43
CA ASP B 597 -31.86 6.17 16.19
C ASP B 597 -32.35 4.92 16.91
N LEU B 598 -32.33 3.77 16.24
CA LEU B 598 -32.81 2.52 16.86
C LEU B 598 -31.89 2.08 17.98
N ILE B 599 -30.58 2.10 17.76
CA ILE B 599 -29.62 1.56 18.72
C ILE B 599 -29.53 2.35 20.01
N ASN B 600 -30.14 3.54 20.09
CA ASN B 600 -30.22 4.32 21.32
C ASN B 600 -30.89 3.58 22.48
N TYR B 601 -31.73 2.57 22.21
CA TYR B 601 -32.31 1.73 23.26
C TYR B 601 -31.25 0.96 24.04
N LEU B 602 -30.05 0.77 23.48
CA LEU B 602 -28.96 0.00 24.10
C LEU B 602 -28.53 0.53 25.46
N GLY B 603 -28.88 1.78 25.81
CA GLY B 603 -28.79 2.23 27.19
C GLY B 603 -29.55 1.37 28.19
N ASN B 604 -30.58 0.64 27.76
CA ASN B 604 -31.30 -0.27 28.66
C ASN B 604 -31.10 -1.76 28.36
N GLU B 605 -30.56 -2.13 27.20
CA GLU B 605 -30.40 -3.54 26.85
C GLU B 605 -29.37 -4.22 27.75
N ASN B 606 -29.72 -5.40 28.28
CA ASN B 606 -28.80 -6.21 29.07
C ASN B 606 -28.54 -7.60 28.50
N HIS B 607 -29.23 -7.98 27.42
CA HIS B 607 -28.99 -9.27 26.78
C HIS B 607 -27.83 -9.18 25.81
N THR B 608 -27.02 -10.25 25.77
CA THR B 608 -25.72 -10.18 25.11
C THR B 608 -25.86 -10.12 23.60
N ALA B 609 -26.78 -10.90 23.04
CA ALA B 609 -26.95 -11.04 21.59
C ALA B 609 -27.21 -9.73 20.86
N PRO B 610 -28.15 -8.87 21.29
CA PRO B 610 -28.34 -7.61 20.57
C PRO B 610 -27.16 -6.66 20.68
N ILE B 611 -26.40 -6.70 21.78
CA ILE B 611 -25.29 -5.77 21.95
C ILE B 611 -24.13 -6.11 21.03
N THR B 612 -23.82 -7.41 20.93
CA THR B 612 -22.66 -7.89 20.17
C THR B 612 -22.73 -7.44 18.72
N GLU B 613 -23.89 -7.65 18.10
CA GLU B 613 -24.14 -7.32 16.70
C GLU B 613 -23.88 -5.85 16.41
N ALA B 614 -24.45 -4.96 17.24
CA ALA B 614 -24.34 -3.52 17.01
C ALA B 614 -22.90 -3.05 17.14
N LEU B 615 -22.19 -3.51 18.17
CA LEU B 615 -20.75 -3.23 18.33
C LEU B 615 -19.97 -3.69 17.11
N PHE B 616 -20.30 -4.86 16.58
CA PHE B 616 -19.63 -5.36 15.39
C PHE B 616 -20.04 -4.57 14.16
N GLN B 617 -21.33 -4.25 14.03
CA GLN B 617 -21.79 -3.36 12.97
C GLN B 617 -21.14 -1.98 13.10
N THR B 618 -21.12 -1.45 14.33
CA THR B 618 -20.34 -0.25 14.67
C THR B 618 -18.88 -0.38 14.25
N ASP B 619 -18.25 -1.48 14.66
CA ASP B 619 -16.83 -1.73 14.43
C ASP B 619 -16.50 -1.76 12.94
N LEU B 620 -17.41 -2.31 12.13
CA LEU B 620 -17.20 -2.38 10.69
C LEU B 620 -17.07 -0.99 10.08
N ILE B 621 -17.92 -0.06 10.52
CA ILE B 621 -17.86 1.31 10.02
C ILE B 621 -16.60 2.02 10.51
N TYR B 622 -16.25 1.86 11.80
CA TYR B 622 -15.03 2.46 12.33
C TYR B 622 -13.79 1.89 11.64
N ASN B 623 -13.84 0.62 11.23
CA ASN B 623 -12.73 0.06 10.47
C ASN B 623 -12.78 0.46 9.00
N LEU B 624 -14.00 0.53 8.43
CA LEU B 624 -14.13 0.97 7.04
C LEU B 624 -13.72 2.43 6.88
N LEU B 625 -14.19 3.30 7.78
CA LEU B 625 -13.91 4.73 7.70
C LEU B 625 -12.43 5.03 7.93
N GLU B 626 -11.86 4.42 8.98
CA GLU B 626 -10.45 4.55 9.33
C GLU B 626 -9.52 4.25 8.16
N LYS B 627 -9.88 3.24 7.35
CA LYS B 627 -9.14 2.96 6.13
C LYS B 627 -9.19 4.13 5.16
N LEU B 628 -10.33 4.81 5.05
CA LEU B 628 -10.44 5.95 4.15
C LEU B 628 -9.82 7.22 4.70
N GLY B 629 -9.49 7.27 5.99
CA GLY B 629 -8.81 8.41 6.54
C GLY B 629 -9.67 9.32 7.40
N TYR B 630 -10.96 9.04 7.56
CA TYR B 630 -11.84 9.84 8.42
C TYR B 630 -11.69 9.44 9.90
N MET B 631 -10.44 9.54 10.36
CA MET B 631 -10.07 9.11 11.70
C MET B 631 -10.81 9.92 12.75
N ASP B 632 -10.98 11.21 12.49
CA ASP B 632 -11.77 12.08 13.34
C ASP B 632 -13.21 11.61 13.42
N LEU B 633 -13.85 11.43 12.25
CA LEU B 633 -15.25 10.99 12.20
C LEU B 633 -15.40 9.62 12.82
N ALA B 634 -14.48 8.71 12.52
CA ALA B 634 -14.50 7.38 13.12
C ALA B 634 -14.30 7.45 14.63
N SER B 635 -13.40 8.32 15.09
CA SER B 635 -13.13 8.47 16.52
C SER B 635 -14.38 8.97 17.25
N ARG B 636 -15.17 9.82 16.61
CA ARG B 636 -16.41 10.28 17.22
C ARG B 636 -17.44 9.15 17.28
N LEU B 637 -17.46 8.28 16.26
CA LEU B 637 -18.49 7.25 16.15
C LEU B 637 -18.40 6.24 17.28
N VAL B 638 -17.20 5.77 17.58
CA VAL B 638 -17.01 4.76 18.61
C VAL B 638 -17.34 5.32 20.00
N THR B 639 -17.10 6.62 20.22
CA THR B 639 -17.36 7.21 21.52
C THR B 639 -18.84 7.28 21.82
N ARG B 640 -19.66 7.53 20.79
CA ARG B 640 -21.11 7.55 20.97
C ARG B 640 -21.63 6.18 21.40
N VAL B 641 -20.99 5.10 20.91
CA VAL B 641 -21.38 3.75 21.31
C VAL B 641 -20.97 3.48 22.76
N PHE B 642 -19.74 3.88 23.12
CA PHE B 642 -19.28 3.83 24.50
C PHE B 642 -20.23 4.59 25.40
N LYS B 643 -20.61 5.80 24.98
CA LYS B 643 -21.51 6.65 25.75
C LYS B 643 -22.85 5.98 25.97
N LEU B 644 -23.34 5.26 24.96
CA LEU B 644 -24.56 4.48 25.14
C LEU B 644 -24.34 3.35 26.14
N LEU B 645 -23.21 2.66 26.04
CA LEU B 645 -22.96 1.46 26.84
C LEU B 645 -22.13 1.74 28.08
N GLN B 646 -21.85 3.01 28.39
CA GLN B 646 -20.84 3.40 29.38
C GLN B 646 -21.16 2.85 30.77
N ASN B 647 -22.44 2.81 31.12
CA ASN B 647 -22.87 2.25 32.40
C ASN B 647 -22.65 0.74 32.41
N GLN B 648 -23.02 0.07 31.32
CA GLN B 648 -22.82 -1.37 31.18
C GLN B 648 -21.34 -1.71 31.22
N ILE B 649 -20.54 -1.00 30.41
CA ILE B 649 -19.08 -1.12 30.46
C ILE B 649 -18.55 -0.80 31.86
N GLN B 650 -19.15 0.20 32.51
CA GLN B 650 -18.78 0.50 33.89
C GLN B 650 -19.13 -0.64 34.83
N GLN B 651 -20.31 -1.25 34.64
CA GLN B 651 -20.79 -2.25 35.59
C GLN B 651 -20.08 -3.58 35.47
N GLN B 652 -19.38 -3.83 34.36
CA GLN B 652 -18.76 -5.13 34.15
C GLN B 652 -17.56 -5.33 35.07
N THR B 653 -17.23 -6.59 35.32
CA THR B 653 -16.13 -6.99 36.19
C THR B 653 -14.89 -7.28 35.35
N TRP B 654 -13.88 -7.87 36.00
CA TRP B 654 -12.66 -8.36 35.35
C TRP B 654 -12.35 -9.77 35.83
N THR B 655 -13.30 -10.68 35.67
CA THR B 655 -13.19 -12.02 36.22
C THR B 655 -14.05 -12.98 35.42
N ASP B 656 -13.85 -14.28 35.70
CA ASP B 656 -14.64 -15.36 35.10
C ASP B 656 -15.79 -15.70 36.04
N GLU B 657 -16.88 -14.93 35.92
CA GLU B 657 -18.02 -15.15 36.79
C GLU B 657 -19.31 -14.81 36.07
N GLY B 658 -20.26 -15.75 36.09
CA GLY B 658 -21.60 -15.49 35.62
C GLY B 658 -22.10 -16.58 34.70
N THR B 659 -23.36 -16.41 34.29
CA THR B 659 -23.94 -17.24 33.25
C THR B 659 -23.14 -17.12 31.96
N PRO B 660 -23.19 -18.19 31.10
CA PRO B 660 -22.41 -18.23 29.84
C PRO B 660 -22.47 -17.02 28.93
N SER B 661 -23.68 -16.60 28.54
CA SER B 661 -23.83 -15.43 27.68
C SER B 661 -23.34 -14.17 28.38
N MET B 662 -23.74 -13.98 29.65
CA MET B 662 -23.32 -12.83 30.45
C MET B 662 -21.80 -12.79 30.61
N ARG B 663 -21.16 -13.97 30.69
CA ARG B 663 -19.71 -14.04 30.61
C ARG B 663 -19.19 -13.48 29.30
N GLU B 664 -19.91 -13.72 28.20
CA GLU B 664 -19.42 -13.27 26.89
C GLU B 664 -19.48 -11.76 26.74
N LEU B 665 -20.53 -11.13 27.28
CA LEU B 665 -20.73 -9.70 27.12
C LEU B 665 -19.61 -8.91 27.76
N ARG B 666 -19.03 -9.43 28.85
CA ARG B 666 -17.82 -8.86 29.43
C ARG B 666 -16.68 -8.82 28.42
N SER B 667 -16.38 -9.95 27.79
CA SER B 667 -15.28 -10.00 26.83
C SER B 667 -15.57 -9.18 25.59
N ALA B 668 -16.83 -9.11 25.17
CA ALA B 668 -17.22 -8.25 24.07
C ALA B 668 -17.01 -6.79 24.41
N LEU B 669 -17.62 -6.33 25.52
CA LEU B 669 -17.59 -4.92 25.89
C LEU B 669 -16.18 -4.46 26.25
N LEU B 670 -15.44 -5.25 27.03
CA LEU B 670 -14.11 -4.85 27.47
C LEU B 670 -13.13 -4.78 26.32
N GLU B 671 -13.14 -5.79 25.44
CA GLU B 671 -12.25 -5.79 24.28
C GLU B 671 -12.57 -4.65 23.33
N PHE B 672 -13.83 -4.22 23.28
CA PHE B 672 -14.20 -3.01 22.56
C PHE B 672 -13.54 -1.78 23.15
N ALA B 673 -13.68 -1.60 24.47
CA ALA B 673 -13.21 -0.39 25.13
C ALA B 673 -11.68 -0.30 25.08
N CYS B 674 -11.00 -1.42 25.34
CA CYS B 674 -9.55 -1.40 25.50
C CYS B 674 -8.85 -1.15 24.17
N THR B 675 -9.37 -1.79 23.11
CA THR B 675 -8.83 -1.57 21.77
C THR B 675 -8.89 -0.12 21.36
N HIS B 676 -10.00 0.54 21.67
CA HIS B 676 -10.24 1.90 21.23
C HIS B 676 -9.77 2.90 22.28
N ASN B 677 -9.19 2.40 23.37
CA ASN B 677 -8.64 3.17 24.49
C ASN B 677 -9.68 4.03 25.19
N LEU B 678 -10.96 3.71 25.04
CA LEU B 678 -12.03 4.35 25.77
C LEU B 678 -12.14 3.73 27.15
N GLY B 679 -12.82 4.42 28.05
CA GLY B 679 -12.94 3.98 29.42
C GLY B 679 -11.58 3.91 30.12
N ASN B 680 -11.61 3.33 31.30
CA ASN B 680 -10.39 3.12 32.07
C ASN B 680 -9.84 1.71 31.95
N CYS B 681 -10.39 0.90 31.05
CA CYS B 681 -9.97 -0.49 30.94
C CYS B 681 -8.51 -0.61 30.51
N SER B 682 -8.04 0.30 29.67
CA SER B 682 -6.65 0.28 29.23
C SER B 682 -5.70 0.48 30.39
N THR B 683 -6.06 1.37 31.33
CA THR B 683 -5.28 1.54 32.55
C THR B 683 -5.27 0.26 33.38
N THR B 684 -6.44 -0.37 33.55
CA THR B 684 -6.53 -1.61 34.34
C THR B 684 -5.78 -2.75 33.66
N ALA B 685 -6.07 -2.95 32.37
CA ALA B 685 -5.58 -4.12 31.64
C ALA B 685 -4.07 -4.14 31.58
N MET B 686 -3.46 -2.97 31.42
CA MET B 686 -2.01 -2.86 31.44
C MET B 686 -1.45 -3.29 32.79
N LYS B 687 -2.15 -2.95 33.88
CA LYS B 687 -1.71 -3.35 35.22
C LYS B 687 -1.72 -4.87 35.37
N LEU B 688 -2.81 -5.52 34.94
CA LEU B 688 -2.96 -6.98 35.08
C LEU B 688 -1.88 -7.72 34.32
N PHE B 689 -1.62 -7.28 33.07
CA PHE B 689 -0.49 -7.73 32.28
C PHE B 689 0.82 -7.63 33.06
N ASP B 690 1.10 -6.44 33.61
CA ASP B 690 2.38 -6.16 34.25
C ASP B 690 2.60 -7.05 35.47
N ASP B 691 1.54 -7.27 36.25
CA ASP B 691 1.59 -8.25 37.33
C ASP B 691 1.80 -9.65 36.77
N TRP B 692 1.01 -10.02 35.77
CA TRP B 692 1.15 -11.32 35.10
C TRP B 692 2.51 -11.46 34.44
N MET B 693 3.07 -10.35 33.95
CA MET B 693 4.41 -10.34 33.38
C MET B 693 5.46 -10.83 34.37
N ALA B 694 5.33 -10.43 35.64
CA ALA B 694 6.34 -10.74 36.63
C ALA B 694 6.43 -12.22 36.96
N SER B 695 5.35 -12.98 36.75
CA SER B 695 5.31 -14.37 37.16
C SER B 695 5.97 -15.33 36.17
N ASN B 696 6.55 -14.83 35.07
CA ASN B 696 6.94 -15.69 33.94
C ASN B 696 5.70 -16.37 33.35
N GLY B 697 4.56 -15.68 33.39
CA GLY B 697 3.29 -16.28 33.05
C GLY B 697 2.67 -17.17 34.12
N THR B 698 3.27 -17.25 35.31
CA THR B 698 2.78 -18.18 36.34
C THR B 698 1.39 -17.80 36.83
N GLN B 699 1.12 -16.49 36.95
CA GLN B 699 -0.14 -16.03 37.50
C GLN B 699 -1.32 -16.42 36.61
N SER B 700 -2.43 -16.75 37.24
CA SER B 700 -3.66 -16.95 36.51
C SER B 700 -4.15 -15.63 35.94
N LEU B 701 -5.07 -15.73 34.98
CA LEU B 701 -5.71 -14.57 34.39
C LEU B 701 -7.12 -15.05 34.07
N PRO B 702 -8.12 -14.20 34.27
CA PRO B 702 -9.49 -14.58 33.88
C PRO B 702 -9.58 -14.84 32.38
N THR B 703 -10.10 -16.03 32.04
CA THR B 703 -10.19 -16.46 30.64
C THR B 703 -11.01 -15.50 29.79
N ASP B 704 -12.05 -14.90 30.39
CA ASP B 704 -12.94 -14.01 29.65
C ASP B 704 -12.27 -12.71 29.23
N VAL B 705 -11.14 -12.33 29.84
CA VAL B 705 -10.48 -11.07 29.48
C VAL B 705 -9.12 -11.28 28.85
N MET B 706 -8.58 -12.51 28.86
CA MET B 706 -7.16 -12.80 28.57
C MET B 706 -6.71 -12.23 27.24
N THR B 707 -7.56 -12.38 26.21
CA THR B 707 -7.36 -11.77 24.90
C THR B 707 -7.09 -10.27 24.99
N THR B 708 -7.99 -9.55 25.67
CA THR B 708 -7.90 -8.08 25.77
C THR B 708 -6.63 -7.64 26.48
N VAL B 709 -6.26 -8.33 27.54
CA VAL B 709 -5.06 -8.00 28.31
C VAL B 709 -3.81 -8.21 27.47
N PHE B 710 -3.78 -9.31 26.69
CA PHE B 710 -2.62 -9.60 25.84
C PHE B 710 -2.43 -8.52 24.78
N LYS B 711 -3.54 -8.00 24.24
CA LYS B 711 -3.50 -6.96 23.21
C LYS B 711 -2.84 -5.69 23.73
N VAL B 712 -3.24 -5.27 24.94
CA VAL B 712 -2.75 -4.02 25.50
C VAL B 712 -1.26 -4.12 25.81
N GLY B 713 -0.83 -5.24 26.41
CA GLY B 713 0.58 -5.42 26.68
C GLY B 713 1.42 -5.56 25.42
N ALA B 714 0.80 -6.04 24.34
CA ALA B 714 1.54 -6.28 23.10
C ALA B 714 2.02 -4.98 22.46
N LYS B 715 1.33 -3.86 22.74
CA LYS B 715 1.72 -2.58 22.16
C LYS B 715 3.12 -2.16 22.60
N THR B 716 3.46 -2.43 23.85
CA THR B 716 4.83 -2.25 24.33
C THR B 716 5.77 -3.18 23.58
N ASP B 717 7.00 -2.71 23.36
CA ASP B 717 8.02 -3.57 22.77
C ASP B 717 8.43 -4.68 23.73
N LYS B 718 8.37 -4.40 25.04
CA LYS B 718 8.67 -5.43 26.04
C LYS B 718 7.65 -6.57 25.98
N GLY B 719 6.36 -6.21 25.95
CA GLY B 719 5.32 -7.24 25.94
C GLY B 719 5.33 -8.09 24.69
N TRP B 720 5.47 -7.45 23.52
CA TRP B 720 5.70 -8.19 22.28
C TRP B 720 6.97 -9.04 22.38
N SER B 721 7.99 -8.52 23.07
CA SER B 721 9.22 -9.28 23.28
C SER B 721 8.97 -10.50 24.16
N PHE B 722 8.29 -10.32 25.28
CA PHE B 722 8.04 -11.43 26.19
C PHE B 722 7.03 -12.40 25.60
N LEU B 723 5.96 -11.89 24.99
CA LEU B 723 4.83 -12.72 24.58
C LEU B 723 5.23 -13.72 23.49
N LEU B 724 6.13 -13.33 22.59
CA LEU B 724 6.64 -14.25 21.58
C LEU B 724 7.36 -15.45 22.20
N GLY B 725 8.04 -15.25 23.32
CA GLY B 725 8.70 -16.36 23.99
C GLY B 725 7.72 -17.40 24.53
N LYS B 726 6.57 -16.95 25.04
CA LYS B 726 5.58 -17.88 25.56
C LYS B 726 4.98 -18.74 24.46
N TYR B 727 4.68 -18.13 23.30
CA TYR B 727 4.20 -18.89 22.14
C TYR B 727 5.21 -19.95 21.71
N ILE B 728 6.51 -19.64 21.84
CA ILE B 728 7.54 -20.63 21.58
C ILE B 728 7.52 -21.75 22.61
N SER B 729 7.13 -21.47 23.85
CA SER B 729 7.35 -22.39 24.96
C SER B 729 6.09 -23.11 25.46
N ILE B 730 4.98 -22.40 25.64
CA ILE B 730 3.78 -22.99 26.24
C ILE B 730 3.15 -24.00 25.28
N GLY B 731 2.13 -24.73 25.73
CA GLY B 731 1.45 -25.71 24.93
C GLY B 731 -0.06 -25.56 24.84
N SER B 732 -0.64 -24.79 25.76
CA SER B 732 -2.08 -24.57 25.76
C SER B 732 -2.50 -23.80 24.51
N GLU B 733 -2.82 -24.56 23.44
CA GLU B 733 -2.93 -24.04 22.07
C GLU B 733 -3.91 -22.90 21.94
N ALA B 734 -5.08 -23.01 22.58
CA ALA B 734 -6.05 -21.93 22.59
C ALA B 734 -5.48 -20.67 23.24
N GLU B 735 -4.73 -20.82 24.33
CA GLU B 735 -4.03 -19.69 24.92
C GLU B 735 -3.01 -19.11 23.95
N LYS B 736 -2.24 -19.98 23.27
CA LYS B 736 -1.26 -19.55 22.27
C LYS B 736 -1.94 -18.78 21.14
N ASN B 737 -3.11 -19.25 20.71
CA ASN B 737 -3.86 -18.55 19.66
C ASN B 737 -4.53 -17.29 20.18
N LYS B 738 -4.64 -17.12 21.50
CA LYS B 738 -5.04 -15.85 22.08
C LYS B 738 -3.84 -14.98 22.45
N ILE B 739 -2.62 -15.45 22.17
CA ILE B 739 -1.42 -14.63 22.29
C ILE B 739 -1.06 -13.99 20.97
N LEU B 740 -0.99 -14.83 19.92
CA LEU B 740 -0.64 -14.38 18.57
C LEU B 740 -1.61 -13.33 18.07
N GLU B 741 -2.90 -13.52 18.35
CA GLU B 741 -3.94 -12.56 17.98
C GLU B 741 -3.64 -11.16 18.50
N ALA B 742 -3.10 -11.07 19.71
CA ALA B 742 -2.60 -9.79 20.20
C ALA B 742 -1.33 -9.37 19.48
N LEU B 743 -0.41 -10.31 19.25
CA LEU B 743 0.91 -10.01 18.69
C LEU B 743 0.81 -9.42 17.29
N ALA B 744 -0.20 -9.82 16.52
CA ALA B 744 -0.48 -9.21 15.22
C ALA B 744 -1.38 -8.00 15.34
N SER B 745 -1.79 -7.63 16.55
CA SER B 745 -2.50 -6.38 16.80
C SER B 745 -1.56 -5.27 17.27
N SER B 746 -0.26 -5.43 17.06
CA SER B 746 0.70 -4.40 17.40
C SER B 746 0.69 -3.31 16.34
N GLU B 747 1.53 -2.29 16.53
CA GLU B 747 1.56 -1.15 15.62
C GLU B 747 2.87 -0.99 14.86
N ASP B 748 3.97 -1.56 15.34
CA ASP B 748 5.22 -1.54 14.58
C ASP B 748 5.04 -2.50 13.40
N VAL B 749 5.03 -1.94 12.19
CA VAL B 749 4.78 -2.72 10.98
C VAL B 749 5.86 -3.76 10.75
N ARG B 750 7.09 -3.47 11.18
CA ARG B 750 8.23 -4.38 11.00
C ARG B 750 8.01 -5.70 11.73
N LYS B 751 7.46 -5.63 12.96
CA LYS B 751 7.16 -6.85 13.71
C LYS B 751 6.08 -7.66 13.00
N LEU B 752 5.08 -6.98 12.43
CA LEU B 752 3.99 -7.67 11.74
C LEU B 752 4.49 -8.42 10.51
N TYR B 753 5.40 -7.80 9.73
CA TYR B 753 6.02 -8.49 8.60
C TYR B 753 6.81 -9.71 9.05
N TRP B 754 7.58 -9.56 10.14
CA TRP B 754 8.35 -10.69 10.67
C TRP B 754 7.44 -11.84 11.02
N LEU B 755 6.32 -11.55 11.67
CA LEU B 755 5.30 -12.56 11.95
C LEU B 755 4.77 -13.18 10.67
N MET B 756 4.32 -12.34 9.73
CA MET B 756 3.68 -12.79 8.50
C MET B 756 4.65 -13.59 7.64
N LYS B 757 5.86 -13.06 7.44
CA LYS B 757 6.83 -13.74 6.59
C LYS B 757 7.34 -15.03 7.23
N SER B 758 7.64 -14.99 8.54
CA SER B 758 8.19 -16.16 9.22
C SER B 758 7.21 -17.33 9.24
N SER B 759 5.91 -17.06 9.32
CA SER B 759 4.92 -18.12 9.31
C SER B 759 4.88 -18.84 7.97
N LEU B 760 4.87 -18.07 6.87
CA LEU B 760 4.82 -18.65 5.53
C LEU B 760 6.05 -19.51 5.25
N ASN B 761 7.23 -19.05 5.70
CA ASN B 761 8.43 -19.87 5.64
C ASN B 761 8.43 -20.97 6.71
N GLY B 762 7.60 -20.84 7.74
CA GLY B 762 7.47 -21.87 8.75
C GLY B 762 8.72 -22.05 9.60
N ASP B 763 9.13 -20.99 10.29
CA ASP B 763 10.31 -21.01 11.14
C ASP B 763 9.96 -21.01 12.62
N ASN B 764 9.15 -20.04 13.07
CA ASN B 764 8.76 -19.95 14.47
C ASN B 764 7.25 -19.96 14.68
N PHE B 765 6.47 -20.03 13.62
CA PHE B 765 5.02 -20.21 13.73
C PHE B 765 4.63 -21.38 12.83
N ARG B 766 3.35 -21.47 12.53
CA ARG B 766 2.83 -22.54 11.69
C ARG B 766 2.34 -21.97 10.38
N THR B 767 2.58 -22.71 9.29
CA THR B 767 2.16 -22.29 7.96
C THR B 767 0.64 -22.24 7.81
N GLN B 768 -0.10 -22.91 8.70
CA GLN B 768 -1.55 -22.88 8.74
C GLN B 768 -2.10 -21.64 9.41
N LYS B 769 -1.41 -21.10 10.42
CA LYS B 769 -1.88 -19.91 11.15
C LYS B 769 -1.73 -18.61 10.38
N LEU B 770 -1.11 -18.66 9.19
CA LEU B 770 -0.83 -17.48 8.38
C LEU B 770 -2.11 -16.72 8.05
N SER B 771 -3.19 -17.43 7.73
CA SER B 771 -4.48 -16.79 7.45
C SER B 771 -5.00 -16.01 8.66
N PHE B 772 -4.77 -16.54 9.87
CA PHE B 772 -5.16 -15.81 11.07
C PHE B 772 -4.31 -14.56 11.27
N ILE B 773 -3.02 -14.65 10.95
CA ILE B 773 -2.10 -13.52 11.14
C ILE B 773 -2.48 -12.37 10.22
N ILE B 774 -2.75 -12.68 8.94
CA ILE B 774 -2.98 -11.65 7.93
C ILE B 774 -4.26 -10.88 8.25
N ARG B 775 -5.32 -11.59 8.63
CA ARG B 775 -6.58 -10.95 9.00
C ARG B 775 -6.39 -10.06 10.21
N THR B 776 -5.60 -10.49 11.20
CA THR B 776 -5.27 -9.64 12.33
C THR B 776 -4.49 -8.41 11.90
N VAL B 777 -3.55 -8.60 10.97
CA VAL B 777 -2.76 -7.48 10.44
C VAL B 777 -3.64 -6.52 9.66
N GLY B 778 -4.68 -7.04 9.00
CA GLY B 778 -5.49 -6.24 8.10
C GLY B 778 -6.43 -5.24 8.73
N ARG B 779 -7.22 -5.68 9.72
CA ARG B 779 -8.25 -4.86 10.33
C ARG B 779 -7.67 -3.61 10.95
N HIS B 780 -6.59 -3.78 11.69
CA HIS B 780 -5.90 -2.67 12.31
C HIS B 780 -5.27 -1.85 11.20
N PHE B 781 -5.60 -0.55 11.14
CA PHE B 781 -5.13 0.46 10.19
C PHE B 781 -3.66 0.39 9.81
N PRO B 782 -2.72 0.22 10.76
CA PRO B 782 -1.29 0.22 10.39
C PRO B 782 -0.85 -0.87 9.43
N GLY B 783 -1.55 -2.02 9.39
CA GLY B 783 -1.19 -3.10 8.49
C GLY B 783 -2.15 -3.34 7.36
N HIS B 784 -3.13 -2.45 7.14
CA HIS B 784 -4.17 -2.64 6.13
C HIS B 784 -3.60 -2.79 4.73
N LEU B 785 -2.49 -2.11 4.45
CA LEU B 785 -1.82 -2.21 3.17
C LEU B 785 -0.65 -3.17 3.17
N LEU B 786 -0.02 -3.40 4.33
CA LEU B 786 1.09 -4.34 4.38
C LEU B 786 0.62 -5.76 4.05
N ALA B 787 -0.60 -6.10 4.46
CA ALA B 787 -1.15 -7.42 4.21
C ALA B 787 -1.37 -7.69 2.73
N TRP B 788 -2.14 -6.80 2.06
CA TRP B 788 -2.53 -6.98 0.66
C TRP B 788 -1.31 -7.06 -0.26
N ASP B 789 -0.23 -6.37 0.09
CA ASP B 789 1.06 -6.58 -0.57
C ASP B 789 1.52 -8.02 -0.41
N PHE B 790 1.48 -8.54 0.83
CA PHE B 790 1.95 -9.90 1.13
C PHE B 790 1.17 -10.94 0.34
N VAL B 791 -0.15 -10.75 0.25
CA VAL B 791 -0.97 -11.57 -0.63
C VAL B 791 -0.54 -11.40 -2.07
N LYS B 792 -0.29 -10.15 -2.49
CA LYS B 792 0.11 -9.91 -3.87
C LYS B 792 1.52 -10.41 -4.14
N GLU B 793 2.49 -10.05 -3.30
CA GLU B 793 3.89 -10.29 -3.60
C GLU B 793 4.33 -11.73 -3.32
N ASN B 794 3.52 -12.51 -2.62
CA ASN B 794 3.82 -13.92 -2.37
C ASN B 794 2.65 -14.81 -2.77
N TRP B 795 1.89 -14.39 -3.78
CA TRP B 795 0.70 -15.12 -4.23
C TRP B 795 1.09 -16.46 -4.85
N ASN B 796 2.05 -16.44 -5.78
CA ASN B 796 2.58 -17.65 -6.40
C ASN B 796 3.10 -18.63 -5.36
N LYS B 797 3.83 -18.11 -4.36
CA LYS B 797 4.34 -18.94 -3.29
C LYS B 797 3.22 -19.54 -2.46
N LEU B 798 2.21 -18.73 -2.11
CA LEU B 798 1.10 -19.20 -1.29
C LEU B 798 0.30 -20.28 -2.02
N VAL B 799 0.03 -20.06 -3.30
CA VAL B 799 -0.70 -21.04 -4.10
C VAL B 799 0.08 -22.33 -4.22
N GLN B 800 1.41 -22.23 -4.27
CA GLN B 800 2.21 -23.44 -4.16
C GLN B 800 2.11 -24.03 -2.77
N LYS B 801 2.02 -23.18 -1.74
CA LYS B 801 1.91 -23.66 -0.37
C LYS B 801 0.52 -24.22 -0.05
N PHE B 802 -0.52 -23.76 -0.73
CA PHE B 802 -1.89 -24.12 -0.38
C PHE B 802 -2.73 -24.28 -1.64
N PRO B 803 -3.58 -25.30 -1.68
CA PRO B 803 -4.42 -25.53 -2.87
C PRO B 803 -5.36 -24.36 -3.14
N LEU B 804 -5.42 -23.96 -4.41
CA LEU B 804 -6.28 -22.87 -4.83
C LEU B 804 -7.74 -23.21 -4.57
N GLY B 805 -8.53 -22.18 -4.27
CA GLY B 805 -9.91 -22.33 -3.92
C GLY B 805 -10.19 -22.84 -2.52
N SER B 806 -9.20 -23.40 -1.83
CA SER B 806 -9.28 -23.75 -0.42
C SER B 806 -9.67 -22.54 0.40
N TYR B 807 -10.24 -22.83 1.58
CA TYR B 807 -10.68 -21.83 2.54
C TYR B 807 -9.56 -20.86 2.89
N THR B 808 -8.35 -21.40 3.05
CA THR B 808 -7.10 -20.66 3.20
C THR B 808 -6.93 -19.54 2.18
N ILE B 809 -6.93 -19.90 0.90
CA ILE B 809 -6.76 -18.93 -0.19
C ILE B 809 -7.90 -17.92 -0.17
N GLN B 810 -9.14 -18.40 -0.06
CA GLN B 810 -10.31 -17.53 -0.10
C GLN B 810 -10.32 -16.57 1.08
N ASN B 811 -10.00 -17.06 2.28
CA ASN B 811 -9.92 -16.21 3.45
C ASN B 811 -8.80 -15.18 3.32
N ILE B 812 -7.65 -15.60 2.80
CA ILE B 812 -6.51 -14.69 2.61
C ILE B 812 -6.88 -13.56 1.65
N VAL B 813 -7.68 -13.88 0.64
CA VAL B 813 -8.11 -12.88 -0.32
C VAL B 813 -9.07 -11.89 0.32
N ALA B 814 -10.21 -12.40 0.81
CA ALA B 814 -11.29 -11.52 1.25
C ALA B 814 -10.91 -10.73 2.50
N GLY B 815 -10.22 -11.37 3.45
CA GLY B 815 -9.83 -10.68 4.67
C GLY B 815 -8.84 -9.55 4.44
N SER B 816 -8.01 -9.65 3.40
CA SER B 816 -7.19 -8.51 3.03
C SER B 816 -8.01 -7.45 2.31
N THR B 817 -8.90 -7.87 1.41
CA THR B 817 -9.61 -6.97 0.52
C THR B 817 -11.07 -6.75 0.93
N TYR B 818 -11.40 -6.84 2.22
CA TYR B 818 -12.79 -6.57 2.60
C TYR B 818 -12.98 -5.19 3.22
N LEU B 819 -11.89 -4.46 3.49
CA LEU B 819 -11.99 -3.14 4.09
C LEU B 819 -11.64 -2.02 3.11
N PHE B 820 -11.33 -2.38 1.86
CA PHE B 820 -11.14 -1.36 0.84
C PHE B 820 -12.47 -0.70 0.49
N SER B 821 -12.40 0.57 0.05
CA SER B 821 -13.64 1.30 -0.22
C SER B 821 -13.48 2.35 -1.32
N THR B 822 -12.46 2.29 -2.14
CA THR B 822 -12.26 3.23 -3.23
C THR B 822 -12.22 2.49 -4.55
N LYS B 823 -12.67 3.17 -5.61
CA LYS B 823 -12.71 2.56 -6.94
C LYS B 823 -11.30 2.23 -7.44
N THR B 824 -10.32 3.08 -7.11
CA THR B 824 -8.92 2.84 -7.47
C THR B 824 -8.41 1.53 -6.89
N HIS B 825 -8.81 1.22 -5.66
CA HIS B 825 -8.37 -0.01 -5.00
C HIS B 825 -8.95 -1.23 -5.68
N LEU B 826 -10.21 -1.15 -6.13
CA LEU B 826 -10.83 -2.23 -6.88
C LEU B 826 -10.05 -2.54 -8.15
N SER B 827 -9.59 -1.50 -8.85
CA SER B 827 -8.76 -1.68 -10.04
C SER B 827 -7.43 -2.35 -9.69
N GLU B 828 -6.80 -1.91 -8.59
CA GLU B 828 -5.56 -2.52 -8.09
C GLU B 828 -5.74 -4.01 -7.81
N VAL B 829 -6.90 -4.38 -7.26
CA VAL B 829 -7.22 -5.78 -6.96
C VAL B 829 -7.53 -6.54 -8.23
N GLN B 830 -8.63 -6.14 -8.91
CA GLN B 830 -9.13 -6.82 -10.10
C GLN B 830 -8.08 -6.99 -11.18
N ALA B 831 -7.30 -5.93 -11.44
CA ALA B 831 -6.23 -6.03 -12.42
C ALA B 831 -5.13 -6.98 -11.98
N PHE B 832 -4.86 -7.05 -10.65
CA PHE B 832 -3.85 -7.98 -10.14
C PHE B 832 -4.23 -9.41 -10.46
N PHE B 833 -5.52 -9.73 -10.36
CA PHE B 833 -5.98 -11.09 -10.66
C PHE B 833 -5.97 -11.37 -12.15
N GLU B 834 -6.28 -10.37 -12.98
CA GLU B 834 -6.36 -10.54 -14.43
C GLU B 834 -5.02 -10.95 -15.02
N ASN B 835 -3.94 -10.29 -14.59
CA ASN B 835 -2.60 -10.63 -15.08
C ASN B 835 -2.19 -12.02 -14.65
N GLN B 836 -2.59 -12.43 -13.43
CA GLN B 836 -2.23 -13.74 -12.88
C GLN B 836 -2.80 -14.86 -13.74
N SER B 837 -4.10 -15.10 -13.66
CA SER B 837 -4.71 -16.12 -14.50
C SER B 837 -6.21 -15.83 -14.61
N GLU B 838 -6.79 -16.20 -15.76
CA GLU B 838 -8.22 -16.03 -15.97
C GLU B 838 -9.04 -16.88 -15.01
N ALA B 839 -8.57 -18.10 -14.70
CA ALA B 839 -9.24 -18.95 -13.72
C ALA B 839 -9.28 -18.27 -12.37
N THR B 840 -8.21 -17.55 -12.02
CA THR B 840 -8.18 -16.73 -10.82
C THR B 840 -9.27 -15.67 -10.83
N PHE B 841 -9.50 -15.02 -11.99
CA PHE B 841 -10.58 -14.02 -12.08
C PHE B 841 -11.96 -14.67 -12.04
N ARG B 842 -12.08 -15.91 -12.54
CA ARG B 842 -13.33 -16.64 -12.41
C ARG B 842 -13.58 -17.07 -10.97
N LEU B 843 -12.50 -17.34 -10.22
CA LEU B 843 -12.51 -17.74 -8.80
C LEU B 843 -13.41 -16.83 -7.99
N ARG B 844 -14.55 -17.38 -7.55
CA ARG B 844 -15.65 -16.56 -7.09
C ARG B 844 -15.28 -15.75 -5.85
N CYS B 845 -14.34 -16.26 -5.06
CA CYS B 845 -13.62 -15.53 -4.03
C CYS B 845 -13.09 -14.19 -4.52
N VAL B 846 -12.53 -14.12 -5.73
CA VAL B 846 -12.18 -12.81 -6.27
C VAL B 846 -13.44 -12.10 -6.76
N GLN B 847 -14.39 -12.84 -7.35
CA GLN B 847 -15.64 -12.24 -7.81
C GLN B 847 -16.47 -11.74 -6.64
N GLU B 848 -16.57 -12.58 -5.59
CA GLU B 848 -17.02 -12.18 -4.26
C GLU B 848 -16.32 -10.91 -3.81
N ALA B 849 -14.99 -10.94 -3.75
CA ALA B 849 -14.20 -9.88 -3.11
C ALA B 849 -14.35 -8.55 -3.83
N LEU B 850 -14.33 -8.58 -5.16
CA LEU B 850 -14.59 -7.38 -5.96
C LEU B 850 -15.96 -6.82 -5.65
N GLU B 851 -16.97 -7.71 -5.59
CA GLU B 851 -18.34 -7.31 -5.31
C GLU B 851 -18.48 -6.65 -3.94
N VAL B 852 -17.65 -7.05 -2.97
CA VAL B 852 -17.63 -6.39 -1.67
C VAL B 852 -17.17 -4.94 -1.82
N ILE B 853 -16.03 -4.76 -2.51
CA ILE B 853 -15.40 -3.45 -2.68
C ILE B 853 -16.36 -2.49 -3.37
N GLN B 854 -17.12 -3.00 -4.34
CA GLN B 854 -18.20 -2.26 -4.97
C GLN B 854 -19.22 -1.80 -3.93
N LEU B 855 -19.81 -2.77 -3.20
CA LEU B 855 -20.82 -2.47 -2.20
C LEU B 855 -20.29 -1.57 -1.10
N ASN B 856 -19.06 -1.87 -0.63
CA ASN B 856 -18.44 -1.09 0.44
C ASN B 856 -18.14 0.35 0.02
N ILE B 857 -18.11 0.63 -1.29
CA ILE B 857 -18.13 1.99 -1.80
C ILE B 857 -19.53 2.61 -1.70
N GLN B 858 -20.57 1.86 -2.11
CA GLN B 858 -21.92 2.44 -2.19
C GLN B 858 -22.44 2.82 -0.81
N TRP B 859 -22.07 2.04 0.22
CA TRP B 859 -22.28 2.45 1.59
C TRP B 859 -21.66 3.81 1.87
N MET B 860 -20.46 4.05 1.32
CA MET B 860 -19.83 5.37 1.44
C MET B 860 -20.56 6.41 0.61
N GLU B 861 -20.80 6.11 -0.67
CA GLU B 861 -21.48 7.05 -1.56
C GLU B 861 -22.89 7.37 -1.09
N LYS B 862 -23.57 6.38 -0.52
CA LYS B 862 -24.94 6.58 -0.05
C LYS B 862 -25.01 7.07 1.39
N ASN B 863 -23.91 7.04 2.17
CA ASN B 863 -24.04 7.38 3.58
C ASN B 863 -22.95 8.31 4.13
N LEU B 864 -21.74 8.34 3.55
CA LEU B 864 -20.61 9.06 4.13
C LEU B 864 -20.88 10.55 4.29
N LYS B 865 -21.63 11.14 3.35
CA LYS B 865 -22.03 12.53 3.48
C LYS B 865 -23.15 12.71 4.51
N SER B 866 -24.08 11.76 4.57
CA SER B 866 -25.19 11.84 5.53
C SER B 866 -24.68 11.81 6.97
N LEU B 867 -23.74 10.91 7.24
CA LEU B 867 -23.12 10.84 8.56
C LEU B 867 -22.32 12.09 8.90
N THR B 868 -21.82 12.85 7.91
CA THR B 868 -20.90 13.96 8.14
C THR B 868 -21.48 15.05 9.05
N TRP B 869 -22.81 15.17 9.10
CA TRP B 869 -23.49 15.88 10.17
C TRP B 869 -23.70 14.93 11.36
N TRP B 870 -22.59 14.61 12.02
CA TRP B 870 -22.60 13.81 13.26
C TRP B 870 -21.60 14.37 14.29
N LEU B 871 -21.86 15.60 14.71
CA LEU B 871 -21.18 16.35 15.81
C LEU B 871 -19.71 16.06 16.16
C1 NAG C . -6.73 51.81 -3.16
C2 NAG C . -5.76 52.84 -2.62
C3 NAG C . -6.07 53.11 -1.15
C4 NAG C . -7.55 53.46 -0.97
C5 NAG C . -8.46 52.49 -1.76
C6 NAG C . -9.91 52.93 -1.80
C7 NAG C . -3.54 52.89 -3.68
C8 NAG C . -2.16 52.27 -3.72
N2 NAG C . -4.38 52.37 -2.77
O3 NAG C . -5.23 54.18 -0.71
O4 NAG C . -7.95 53.33 0.40
O5 NAG C . -8.02 52.35 -3.12
O6 NAG C . -10.74 51.87 -2.28
O7 NAG C . -3.85 53.81 -4.42
C1 NAG C . -7.56 54.49 1.17
C2 NAG C . -8.60 54.75 2.26
C3 NAG C . -8.14 55.89 3.18
C4 NAG C . -6.70 55.68 3.65
C5 NAG C . -5.78 55.33 2.48
C6 NAG C . -4.39 54.94 2.91
C7 NAG C . -11.04 55.03 2.35
C8 NAG C . -12.28 55.38 1.57
N2 NAG C . -9.89 55.05 1.67
O3 NAG C . -8.98 55.97 4.33
O4 NAG C . -6.25 56.89 4.24
O5 NAG C . -6.31 54.21 1.76
O6 NAG C . -3.78 54.07 1.96
O7 NAG C . -11.08 54.76 3.55
C1 BMA C . -5.87 56.71 5.62
C2 BMA C . -4.62 57.59 5.87
C3 BMA C . -4.25 57.60 7.36
C4 BMA C . -5.49 57.84 8.26
C5 BMA C . -6.61 56.85 7.90
C6 BMA C . -7.87 57.01 8.76
O2 BMA C . -4.87 58.93 5.50
O3 BMA C . -3.24 58.56 7.66
O4 BMA C . -5.13 57.69 9.62
O5 BMA C . -6.94 57.03 6.51
O6 BMA C . -8.52 58.22 8.43
C1 NAG D . 18.52 53.83 3.25
C2 NAG D . 19.85 53.83 4.03
C3 NAG D . 20.15 55.24 4.55
C4 NAG D . 20.03 56.27 3.43
C5 NAG D . 18.70 56.14 2.70
C6 NAG D . 18.60 57.06 1.50
C7 NAG D . 20.88 52.40 5.73
C8 NAG D . 20.64 51.44 6.87
N2 NAG D . 19.79 52.88 5.14
O3 NAG D . 21.48 55.26 5.06
O4 NAG D . 20.18 57.61 3.92
O5 NAG D . 18.58 54.81 2.20
O6 NAG D . 18.91 58.40 1.83
O7 NAG D . 22.02 52.72 5.39
C1 NAG D . 21.54 58.13 3.99
C2 NAG D . 22.06 58.65 2.60
C3 NAG D . 23.39 59.38 2.75
C4 NAG D . 23.32 60.45 3.84
C5 NAG D . 22.88 59.79 5.13
C6 NAG D . 22.76 60.74 6.30
C7 NAG D . 22.96 56.48 1.83
C8 NAG D . 22.96 55.48 0.72
N2 NAG D . 22.19 57.57 1.65
O3 NAG D . 23.67 59.93 1.47
O4 NAG D . 24.58 61.07 4.07
O5 NAG D . 21.58 59.21 4.94
O6 NAG D . 24.03 61.21 6.73
O7 NAG D . 23.65 56.33 2.84
C1 BMA D . 24.95 62.07 3.06
C2 BMA D . 23.78 63.07 2.87
C3 BMA D . 24.10 63.86 1.59
C4 BMA D . 25.48 64.55 1.67
C5 BMA D . 26.60 63.57 2.16
C6 BMA D . 27.94 64.28 2.45
O2 BMA D . 23.71 64.00 3.94
O3 BMA D . 23.04 64.80 1.21
O4 BMA D . 25.84 65.06 0.40
O5 BMA D . 26.16 62.83 3.35
O6 BMA D . 28.80 63.39 3.13
C1 MAN D . 23.24 66.11 1.78
C2 MAN D . 21.84 66.64 2.15
C3 MAN D . 21.04 67.00 0.89
C4 MAN D . 21.85 67.89 -0.08
C5 MAN D . 23.19 67.21 -0.39
C6 MAN D . 24.11 68.06 -1.25
O2 MAN D . 21.90 67.84 2.93
O3 MAN D . 19.78 67.65 1.19
O4 MAN D . 21.12 68.09 -1.29
O5 MAN D . 23.88 66.97 0.86
O6 MAN D . 23.63 68.05 -2.59
C1 NAG E . 31.93 38.80 -32.59
C2 NAG E . 32.65 37.46 -32.70
C3 NAG E . 32.68 37.01 -34.17
C4 NAG E . 31.25 36.96 -34.71
C5 NAG E . 30.57 38.32 -34.49
C6 NAG E . 29.13 38.35 -34.91
C7 NAG E . 34.93 38.40 -32.45
C8 NAG E . 36.21 38.29 -31.69
N2 NAG E . 33.97 37.52 -32.12
O3 NAG E . 33.31 35.73 -34.27
O4 NAG E . 31.15 36.63 -36.09
O5 NAG E . 30.60 38.68 -33.09
O6 NAG E . 28.45 39.44 -34.29
O7 NAG E . 34.78 39.22 -33.35
C1 NAG E . 31.01 35.21 -36.37
C2 NAG E . 30.28 34.86 -37.68
C3 NAG E . 30.42 33.38 -38.00
C4 NAG E . 31.89 33.00 -38.08
C5 NAG E . 32.56 33.36 -36.76
C6 NAG E . 34.06 33.11 -36.76
C7 NAG E . 27.83 34.65 -37.15
C8 NAG E . 26.49 35.28 -37.42
N2 NAG E . 28.88 35.28 -37.72
O3 NAG E . 29.71 33.10 -39.20
O4 NAG E . 31.99 31.58 -38.23
O5 NAG E . 32.36 34.73 -36.43
O6 NAG E . 34.37 31.82 -37.25
O7 NAG E . 27.95 33.67 -36.40
C1 BMA E . 31.91 31.16 -39.61
C2 BMA E . 32.45 29.76 -39.68
C3 BMA E . 32.26 29.21 -41.08
C4 BMA E . 30.78 29.28 -41.49
C5 BMA E . 30.29 30.73 -41.39
C6 BMA E . 28.79 30.88 -41.67
O2 BMA E . 31.73 28.92 -38.81
O3 BMA E . 32.73 27.88 -41.18
O4 BMA E . 30.63 28.83 -42.82
O5 BMA E . 30.53 31.21 -40.06
O6 BMA E . 28.07 30.07 -40.75
C1 NAG F . 50.29 6.69 -29.60
C2 NAG F . 50.54 5.45 -30.47
C3 NAG F . 49.76 5.54 -31.80
C4 NAG F . 48.73 6.66 -31.93
C5 NAG F . 48.66 7.64 -30.76
C6 NAG F . 47.33 8.35 -30.58
C7 NAG F . 52.58 4.44 -31.47
C8 NAG F . 54.07 4.63 -31.61
N2 NAG F . 51.96 5.37 -30.74
O3 NAG F . 49.14 4.28 -32.01
O4 NAG F . 49.20 7.42 -33.04
O5 NAG F . 48.96 6.95 -29.56
O6 NAG F . 47.55 9.76 -30.59
O7 NAG F . 52.01 3.46 -31.95
C1 NAG F . 48.29 6.92 -34.07
C2 NAG F . 48.34 7.87 -35.28
C3 NAG F . 47.26 7.50 -36.26
C4 NAG F . 47.44 6.03 -36.67
C5 NAG F . 47.64 5.07 -35.49
C6 NAG F . 48.15 3.71 -35.91
C7 NAG F . 49.33 9.99 -34.53
C8 NAG F . 49.04 11.40 -34.11
N2 NAG F . 48.25 9.26 -34.87
O3 NAG F . 47.33 8.36 -37.38
O4 NAG F . 46.22 5.59 -37.24
O5 NAG F . 48.58 5.55 -34.52
O6 NAG F . 47.10 2.86 -36.31
O7 NAG F . 50.45 9.51 -34.48
C1 BMA F . 46.35 5.68 -38.65
C2 BMA F . 45.30 4.72 -39.16
C3 BMA F . 45.18 4.80 -40.67
C4 BMA F . 45.08 6.31 -41.10
C5 BMA F . 46.17 7.21 -40.45
C6 BMA F . 45.95 8.70 -40.69
O2 BMA F . 44.07 5.07 -38.60
O3 BMA F . 44.03 4.05 -41.20
O4 BMA F . 45.17 6.41 -42.49
O5 BMA F . 46.12 7.01 -39.06
O6 BMA F . 45.91 8.96 -42.08
C1 MAN F . 43.95 2.60 -40.96
C2 MAN F . 43.00 2.43 -39.70
C3 MAN F . 43.45 1.29 -38.79
C4 MAN F . 43.89 0.11 -39.64
C5 MAN F . 45.18 0.44 -40.38
C6 MAN F . 45.41 -0.48 -41.58
O2 MAN F . 41.67 2.08 -40.10
O3 MAN F . 42.41 0.89 -37.89
O4 MAN F . 44.10 -1.03 -38.81
O5 MAN F . 45.24 1.90 -40.81
O6 MAN F . 46.70 -0.21 -42.15
C1 NAG G . 44.44 12.45 6.04
C2 NAG G . 45.09 13.84 6.21
C3 NAG G . 46.23 13.99 5.20
C4 NAG G . 47.23 12.85 5.37
C5 NAG G . 46.52 11.50 5.24
C6 NAG G . 47.43 10.33 5.49
C7 NAG G . 43.56 15.53 7.10
C8 NAG G . 42.58 16.62 6.77
N2 NAG G . 44.13 14.91 6.06
O3 NAG G . 46.85 15.26 5.40
O4 NAG G . 48.27 12.93 4.39
O5 NAG G . 45.44 11.42 6.19
O6 NAG G . 48.59 10.38 4.68
O7 NAG G . 43.82 15.22 8.26
C1 NAG G . 49.39 13.63 4.99
C2 NAG G . 50.74 13.18 4.41
C3 NAG G . 51.88 14.05 4.97
C4 NAG G . 51.55 15.54 4.85
C5 NAG G . 50.18 15.83 5.43
C6 NAG G . 49.76 17.27 5.23
C7 NAG G . 51.92 11.04 4.07
C8 NAG G . 52.02 9.60 4.49
N2 NAG G . 50.99 11.77 4.70
O3 NAG G . 53.09 13.77 4.27
O4 NAG G . 52.51 16.27 5.62
O5 NAG G . 49.20 15.02 4.76
O6 NAG G . 49.90 17.67 3.87
O7 NAG G . 52.66 11.52 3.22
C1 BMA G . 53.57 16.75 4.78
C2 BMA G . 54.90 16.34 5.44
C3 BMA G . 56.07 16.81 4.57
C4 BMA G . 55.89 16.38 3.09
C5 BMA G . 54.48 16.75 2.54
C6 BMA G . 54.24 16.17 1.15
O2 BMA G . 54.99 14.94 5.53
O3 BMA G . 57.31 16.33 5.07
O4 BMA G . 56.89 17.00 2.29
O5 BMA G . 53.48 16.24 3.44
O6 BMA G . 53.06 16.77 0.60
C1 NAG H . -11.28 40.37 -13.30
C2 NAG H . -11.45 40.50 -14.84
C3 NAG H . -12.87 40.11 -15.28
C4 NAG H . -13.32 38.78 -14.69
C5 NAG H . -13.11 38.76 -13.18
C6 NAG H . -13.39 37.42 -12.53
C7 NAG H . -10.81 42.18 -16.50
C8 NAG H . -10.54 43.63 -16.77
N2 NAG H . -11.16 41.86 -15.25
O3 NAG H . -12.92 40.01 -16.70
O4 NAG H . -14.66 38.53 -15.12
O5 NAG H . -11.75 39.08 -12.87
O6 NAG H . -14.05 36.54 -13.43
O7 NAG H . -10.67 41.33 -17.38
C1 NAG H . -15.82 39.11 -14.44
C2 NAG H . -17.09 39.29 -15.36
C3 NAG H . -18.40 39.44 -14.55
C4 NAG H . -18.48 38.50 -13.36
C5 NAG H . -17.21 38.61 -12.54
C6 NAG H . -17.18 37.68 -11.35
C7 NAG H . -16.34 41.50 -16.40
C8 NAG H . -16.68 42.38 -17.57
N2 NAG H . -17.02 40.34 -16.37
O3 NAG H . -19.53 39.24 -15.41
O4 NAG H . -19.60 38.85 -12.55
O5 NAG H . -16.12 38.23 -13.38
O6 NAG H . -17.26 36.32 -11.76
O7 NAG H . -15.40 41.77 -15.64
C1 NAG I . -41.32 -44.25 1.82
C2 NAG I . -42.51 -43.25 1.59
C3 NAG I . -42.97 -43.24 0.12
C4 NAG I . -41.79 -43.12 -0.83
C5 NAG I . -40.78 -44.21 -0.52
C6 NAG I . -39.58 -44.19 -1.43
C7 NAG I . -44.22 -44.62 2.85
C8 NAG I . -45.41 -44.50 3.74
N2 NAG I . -43.66 -43.45 2.48
O3 NAG I . -43.85 -42.14 -0.09
O4 NAG I . -42.25 -43.27 -2.17
O5 NAG I . -40.31 -44.04 0.82
O6 NAG I . -39.98 -44.14 -2.80
O7 NAG I . -43.76 -45.72 2.53
C1 NAG I . -42.25 -42.01 -2.88
C2 NAG I . -42.30 -42.27 -4.39
C3 NAG I . -42.37 -40.96 -5.17
C4 NAG I . -43.50 -40.07 -4.66
C5 NAG I . -43.38 -39.89 -3.14
C6 NAG I . -44.49 -39.08 -2.52
C7 NAG I . -41.27 -43.96 -5.83
C8 NAG I . -40.00 -44.69 -6.18
N2 NAG I . -41.17 -43.06 -4.85
O3 NAG I . -42.52 -41.27 -6.54
O4 NAG I . -43.38 -38.78 -5.26
O5 NAG I . -43.36 -41.17 -2.49
O6 NAG I . -45.77 -39.67 -2.78
O7 NAG I . -42.32 -44.17 -6.42
C1 BMA I . -43.94 -38.68 -6.58
C2 BMA I . -44.09 -37.22 -6.98
C3 BMA I . -44.71 -37.15 -8.38
C4 BMA I . -43.86 -37.92 -9.39
C5 BMA I . -43.66 -39.37 -8.91
C6 BMA I . -42.73 -40.20 -9.80
O2 BMA I . -42.81 -36.60 -7.09
O3 BMA I . -44.91 -35.81 -8.82
O4 BMA I . -44.49 -37.94 -10.65
O5 BMA I . -43.11 -39.36 -7.56
O6 BMA I . -41.39 -39.73 -9.68
C1 NAG J . -32.57 -7.54 32.04
C2 NAG J . -32.68 -8.56 33.18
C3 NAG J . -34.08 -9.18 33.19
C4 NAG J . -35.13 -8.08 33.29
C5 NAG J . -34.94 -7.09 32.14
C6 NAG J . -35.89 -5.91 32.20
C7 NAG J . -30.60 -9.63 33.89
C8 NAG J . -30.54 -8.57 34.95
N2 NAG J . -31.66 -9.59 33.08
O3 NAG J . -34.21 -10.12 34.25
O4 NAG J . -36.46 -8.60 33.24
O5 NAG J . -33.61 -6.55 32.17
O6 NAG J . -35.41 -4.91 33.09
O7 NAG J . -29.74 -10.51 33.80
C1 NAG J . -37.12 -8.62 34.54
C2 NAG J . -38.68 -8.38 34.41
C3 NAG J . -39.47 -8.82 35.66
C4 NAG J . -38.93 -10.09 36.29
C5 NAG J . -37.44 -9.96 36.46
C6 NAG J . -36.79 -11.15 37.13
C7 NAG J . -40.09 -6.50 33.63
C8 NAG J . -40.17 -5.02 33.43
N2 NAG J . -38.94 -6.97 34.14
O3 NAG J . -40.84 -9.02 35.29
O4 NAG J . -39.52 -10.26 37.57
O5 NAG J . -36.87 -9.86 35.16
O6 NAG J . -37.67 -11.70 38.11
O7 NAG J . -41.01 -7.25 33.32
C1 NAG K . -12.30 1.72 36.41
C2 NAG K . -12.29 2.61 37.64
C3 NAG K . -13.07 1.95 38.79
C4 NAG K . -14.48 1.60 38.29
C5 NAG K . -14.38 0.75 37.02
C6 NAG K . -15.72 0.45 36.39
C7 NAG K . -10.00 2.16 38.56
C8 NAG K . -8.66 2.77 38.77
N2 NAG K . -10.92 2.96 38.01
O3 NAG K . -13.15 2.83 39.90
O4 NAG K . -15.29 1.00 39.30
O5 NAG K . -13.63 1.46 36.03
O6 NAG K . -16.50 -0.41 37.21
O7 NAG K . -10.26 1.03 38.95
C1 NAG K . -16.33 1.93 39.69
C2 NAG K . -17.43 1.34 40.55
C3 NAG K . -18.47 2.41 40.90
C4 NAG K . -17.78 3.57 41.61
C5 NAG K . -16.63 4.12 40.76
C6 NAG K . -15.80 5.16 41.49
C7 NAG K . -17.56 -1.05 39.94
C8 NAG K . -18.39 -2.11 39.28
N2 NAG K . -18.10 0.18 39.96
O3 NAG K . -19.51 1.87 41.70
O4 NAG K . -18.71 4.60 41.92
O5 NAG K . -15.73 3.07 40.35
O6 NAG K . -15.29 4.64 42.71
O7 NAG K . -16.44 -1.27 40.38
C1 NAG L . -24.13 -62.63 -3.62
C2 NAG L . -24.71 -64.00 -3.43
C3 NAG L . -25.55 -63.98 -2.14
C4 NAG L . -24.72 -63.41 -0.98
C5 NAG L . -23.85 -62.19 -1.37
C6 NAG L . -22.80 -61.84 -0.35
C7 NAG L . -26.63 -65.00 -4.81
C8 NAG L . -27.11 -65.09 -6.24
N2 NAG L . -25.49 -64.32 -4.63
O3 NAG L . -25.98 -65.30 -1.82
O4 NAG L . -25.57 -62.99 0.10
O5 NAG L . -23.17 -62.39 -2.62
O6 NAG L . -22.01 -62.97 -0.04
O7 NAG L . -27.29 -65.48 -3.89
C1 NAG L . -25.81 -64.01 1.11
C2 NAG L . -26.34 -63.53 2.47
C3 NAG L . -26.59 -64.73 3.38
C4 NAG L . -27.60 -65.67 2.73
C5 NAG L . -27.15 -66.11 1.34
C6 NAG L . -28.24 -66.85 0.57
C7 NAG L . -24.37 -62.72 3.80
C8 NAG L . -23.77 -61.48 4.39
N2 NAG L . -25.51 -62.52 3.12
O3 NAG L . -27.05 -64.28 4.64
O4 NAG L . -27.75 -66.83 3.54
O5 NAG L . -26.76 -64.98 0.52
O6 NAG L . -27.90 -66.96 -0.81
O7 NAG L . -23.82 -63.82 3.90
C1 NAG M . -13.20 48.29 -19.86
C2 NAG M . -14.16 48.91 -18.78
C3 NAG M . -15.59 49.09 -19.31
C4 NAG M . -15.63 49.61 -20.74
C5 NAG M . -14.67 48.82 -21.61
C6 NAG M . -14.69 49.21 -23.07
C7 NAG M . -14.16 46.86 -17.29
C8 NAG M . -14.26 46.44 -15.87
N2 NAG M . -14.17 48.19 -17.50
O3 NAG M . -16.30 49.99 -18.46
O4 NAG M . -16.95 49.49 -21.26
O5 NAG M . -13.35 49.00 -21.09
O6 NAG M . -15.97 48.96 -23.65
O7 NAG M . -14.00 46.03 -18.19
C1 NAG N . 28.52 3.46 25.08
C2 NAG N . 29.96 3.89 24.81
C3 NAG N . 30.89 2.78 25.30
C4 NAG N . 30.60 2.51 26.78
C5 NAG N . 29.12 2.27 27.06
C6 NAG N . 28.80 2.29 28.54
C7 NAG N . 31.25 4.36 22.65
C8 NAG N . 31.01 4.80 21.22
N2 NAG N . 30.13 4.23 23.40
O3 NAG N . 32.27 3.12 25.20
O4 NAG N . 31.37 1.38 27.22
O5 NAG N . 28.31 3.31 26.47
O6 NAG N . 29.37 1.17 29.21
O7 NAG N . 32.37 4.09 23.07
C1 NAG O . 6.64 27.63 26.28
C2 NAG O . 5.84 28.52 27.22
C3 NAG O . 4.44 28.77 26.63
C4 NAG O . 4.56 29.31 25.20
C5 NAG O . 5.50 28.45 24.35
C6 NAG O . 5.81 29.08 23.02
C7 NAG O . 6.67 28.10 29.50
C8 NAG O . 6.39 27.45 30.82
N2 NAG O . 5.73 27.96 28.56
O3 NAG O . 3.73 29.69 27.44
O4 NAG O . 3.27 29.32 24.60
O5 NAG O . 6.76 28.26 25.01
O6 NAG O . 6.51 30.32 23.18
O7 NAG O . 7.72 28.69 29.28
C1 NAG P . 37.73 49.65 -6.54
C2 NAG P . 38.22 48.47 -5.71
C3 NAG P . 39.74 48.48 -5.67
C4 NAG P . 40.32 48.48 -7.08
C5 NAG P . 39.68 49.54 -7.99
C6 NAG P . 39.98 49.30 -9.45
C7 NAG P . 36.49 48.00 -4.01
C8 NAG P . 36.16 48.05 -2.56
N2 NAG P . 37.69 48.47 -4.36
O3 NAG P . 40.18 47.34 -4.95
O4 NAG P . 41.72 48.74 -7.01
O5 NAG P . 38.24 49.54 -7.88
O6 NAG P . 39.34 48.12 -9.90
O7 NAG P . 35.68 47.60 -4.86
C1 NAG Q . 12.98 7.42 -25.75
C2 NAG Q . 11.82 6.53 -26.21
C3 NAG Q . 11.33 6.98 -27.58
C4 NAG Q . 11.04 8.48 -27.61
C5 NAG Q . 12.23 9.27 -27.06
C6 NAG Q . 11.97 10.75 -26.94
C7 NAG Q . 12.15 4.31 -25.18
C8 NAG Q . 12.63 2.90 -25.40
N2 NAG Q . 12.23 5.13 -26.24
O3 NAG Q . 10.15 6.24 -27.92
O4 NAG Q . 10.79 8.91 -28.95
O5 NAG Q . 12.56 8.79 -25.75
O6 NAG Q . 13.12 11.45 -26.47
O7 NAG Q . 11.73 4.69 -24.09
C1 NAG R . 25.66 35.84 18.30
C2 NAG R . 26.97 35.85 19.15
C3 NAG R . 27.32 37.28 19.58
C4 NAG R . 27.21 38.28 18.44
C5 NAG R . 25.83 38.16 17.81
C6 NAG R . 25.60 39.15 16.68
C7 NAG R . 27.79 34.35 20.90
C8 NAG R . 27.41 33.52 22.10
N2 NAG R . 26.79 35.00 20.31
O3 NAG R . 28.64 37.29 20.11
O4 NAG R . 27.36 39.60 18.95
O5 NAG R . 25.75 36.85 17.26
O6 NAG R . 26.68 39.14 15.76
O7 NAG R . 28.94 34.41 20.49
C13 WC3 S . 12.53 30.41 -12.92
C15 WC3 S . 14.48 31.11 -11.88
C17 WC3 S . 16.49 30.41 -10.89
C20 WC3 S . 19.11 28.50 -9.02
C21 WC3 S . 18.83 28.79 -7.68
C24 WC3 S . 17.75 29.62 -7.37
C02 WC3 S . 11.11 30.29 -12.55
C04 WC3 S . 10.22 30.71 -15.20
C05 WC3 S . 8.75 30.27 -13.25
C06 WC3 S . 7.77 29.16 -13.80
C07 WC3 S . 8.37 28.07 -14.42
C08 WC3 S . 7.62 27.05 -14.96
C09 WC3 S . 6.25 27.13 -14.87
C11 WC3 S . 6.37 29.18 -13.79
C12 WC3 S . 5.58 30.32 -13.17
C16 WC3 S . 15.12 30.54 -10.79
C18 WC3 S . 17.26 29.84 -9.70
C19 WC3 S . 18.32 29.01 -10.01
C23 WC3 S . 19.97 26.90 -6.81
C25 WC3 S . 16.95 30.14 -8.38
C27 WC3 S . 16.47 31.46 -12.99
C29 WC3 S . 16.92 31.40 -15.48
C30 WC3 S . 16.02 30.21 -15.82
C31 WC3 S . 17.70 32.07 -16.40
C32 WC3 S . 18.37 33.04 -15.72
C33 WC3 S . 19.35 34.06 -16.29
N03 WC3 S . 10.12 30.41 -13.72
N10 WC3 S . 5.66 28.16 -14.31
N26 WC3 S . 17.13 30.89 -11.97
N28 WC3 S . 17.12 31.91 -14.26
N34 WC3 S . 18.03 32.94 -14.43
N35 WC3 S . 15.15 31.51 -12.95
O01 WC3 S . 11.13 30.08 -11.31
O14 WC3 S . 13.09 31.21 -11.89
O22 WC3 S . 19.62 28.25 -6.66
H131 WC3 S . 12.65 30.90 -13.88
H132 WC3 S . 13.01 29.44 -12.94
H201 WC3 S . 19.97 27.89 -9.27
H241 WC3 S . 17.53 29.85 -6.33
H043 WC3 S . 9.29 30.42 -15.69
H041 WC3 S . 11.04 30.16 -15.62
H042 WC3 S . 10.38 31.77 -15.34
H052 WC3 S . 8.83 30.10 -12.19
H051 WC3 S . 8.28 31.22 -13.44
H071 WC3 S . 9.45 28.02 -14.48
H081 WC3 S . 8.09 26.21 -15.45
H091 WC3 S . 5.63 26.32 -15.26
H121 WC3 S . 6.24 31.15 -12.96
H123 WC3 S . 4.80 30.65 -13.86
H122 WC3 S . 5.11 29.98 -12.25
H161 WC3 S . 14.58 30.21 -9.92
H191 WC3 S . 18.52 28.76 -11.05
H233 WC3 S . 19.12 26.35 -7.17
H232 WC3 S . 20.79 26.82 -7.52
H231 WC3 S . 20.29 26.49 -5.85
H251 WC3 S . 16.12 30.79 -8.14
H302 WC3 S . 16.44 29.67 -16.66
H301 WC3 S . 15.96 29.55 -14.95
H303 WC3 S . 15.03 30.57 -16.06
H311 WC3 S . 17.77 31.85 -17.46
H331 WC3 S . 20.28 33.55 -16.55
H333 WC3 S . 19.56 34.82 -15.55
H332 WC3 S . 18.93 34.51 -17.18
ZN ZN T . 19.25 31.59 -12.78
C1 NAG U . 14.19 57.43 -35.97
C2 NAG U . 15.56 56.78 -35.55
C3 NAG U . 16.72 57.26 -36.43
C4 NAG U . 16.37 57.32 -37.92
C5 NAG U . 15.05 58.03 -38.12
C6 NAG U . 14.62 58.15 -39.58
C7 NAG U . 15.16 57.13 -33.04
C8 NAG U . 15.93 57.40 -31.78
N2 NAG U . 15.92 56.97 -34.14
O3 NAG U . 17.86 56.40 -36.28
O4 NAG U . 17.39 57.98 -38.66
O5 NAG U . 14.03 57.36 -37.39
O6 NAG U . 13.29 58.63 -39.65
O7 NAG U . 13.95 57.00 -33.04
C1 NAG V . 9.53 -50.87 8.31
C2 NAG V . 9.54 -51.79 9.57
C3 NAG V . 10.80 -51.52 10.35
C4 NAG V . 12.04 -51.81 9.52
C5 NAG V . 12.05 -50.92 8.27
C6 NAG V . 13.22 -51.25 7.36
C7 NAG V . 7.15 -52.17 10.44
C8 NAG V . 6.65 -52.59 9.09
N2 NAG V . 8.42 -51.70 10.50
O3 NAG V . 10.77 -52.25 11.57
O4 NAG V . 13.19 -51.53 10.30
O5 NAG V . 10.83 -51.07 7.52
O6 NAG V . 14.45 -51.06 8.04
O7 NAG V . 6.40 -52.10 11.42
C1 NAG W . 5.54 -52.76 -8.85
C2 NAG W . 6.75 -51.97 -8.34
C3 NAG W . 7.99 -52.31 -9.18
C4 NAG W . 8.22 -53.80 -9.20
C5 NAG W . 6.96 -54.53 -9.67
C6 NAG W . 7.08 -56.04 -9.62
C7 NAG W . 6.62 -49.76 -7.27
C8 NAG W . 6.31 -48.31 -7.48
N2 NAG W . 6.49 -50.54 -8.35
O3 NAG W . 9.12 -51.63 -8.63
O4 NAG W . 9.31 -54.13 -10.06
O5 NAG W . 5.84 -54.18 -8.85
O6 NAG W . 8.35 -56.46 -10.10
O7 NAG W . 7.00 -50.21 -6.20
C1 NAG X . 9.62 -19.52 32.41
C2 NAG X . 11.13 -19.60 32.59
C3 NAG X . 11.74 -20.50 31.51
C4 NAG X . 11.05 -21.86 31.51
C5 NAG X . 9.55 -21.68 31.37
C6 NAG X . 8.78 -22.98 31.46
C7 NAG X . 11.95 -17.52 33.65
C8 NAG X . 12.59 -16.19 33.42
N2 NAG X . 11.74 -18.27 32.56
O3 NAG X . 13.14 -20.65 31.75
O4 NAG X . 11.53 -22.66 30.44
O5 NAG X . 9.06 -20.85 32.43
O6 NAG X . 9.32 -23.96 30.57
O7 NAG X . 11.61 -17.90 34.77
C1 NAG Y . 6.09 -42.45 -3.96
C2 NAG Y . 5.36 -41.93 -5.20
C3 NAG Y . 6.26 -42.02 -6.41
C4 NAG Y . 7.58 -41.29 -6.16
C5 NAG Y . 8.24 -41.82 -4.89
C6 NAG Y . 9.48 -41.03 -4.50
C7 NAG Y . 3.97 -43.98 -5.52
C8 NAG Y . 2.57 -44.47 -5.74
N2 NAG Y . 4.10 -42.64 -5.42
O3 NAG Y . 5.59 -41.45 -7.54
O4 NAG Y . 8.46 -41.43 -7.27
O5 NAG Y . 7.34 -41.72 -3.79
O6 NAG Y . 9.16 -39.78 -3.94
O7 NAG Y . 4.93 -44.74 -5.50
C1 NAG Z . -31.64 -50.67 25.49
C2 NAG Z . -32.87 -49.79 25.77
C3 NAG Z . -34.16 -50.58 25.50
C4 NAG Z . -34.15 -51.10 24.07
C5 NAG Z . -32.89 -51.92 23.80
C6 NAG Z . -32.76 -52.34 22.35
C7 NAG Z . -32.25 -48.11 27.47
C8 NAG Z . -32.35 -47.71 28.90
N2 NAG Z . -32.87 -49.24 27.12
O3 NAG Z . -35.28 -49.74 25.73
O4 NAG Z . -35.31 -51.91 23.83
O5 NAG Z . -31.71 -51.17 24.12
O6 NAG Z . -33.18 -51.31 21.47
O7 NAG Z . -31.59 -47.46 26.64
C1 NAG AA . -23.88 -12.57 -11.46
C2 NAG AA . -24.06 -11.42 -12.44
C3 NAG AA . -24.48 -11.96 -13.81
C4 NAG AA . -23.52 -13.05 -14.28
C5 NAG AA . -23.30 -14.12 -13.19
C6 NAG AA . -22.19 -15.09 -13.50
C7 NAG AA . -26.22 -10.35 -11.61
C8 NAG AA . -26.99 -11.64 -11.76
N2 NAG AA . -24.91 -10.34 -11.96
O3 NAG AA . -24.49 -10.90 -14.75
O4 NAG AA . -24.02 -13.68 -15.45
O5 NAG AA . -22.93 -13.49 -11.95
O6 NAG AA . -20.99 -14.68 -12.87
O7 NAG AA . -26.78 -9.34 -11.20
C13 WC3 BA . -14.83 -32.62 4.67
C15 WC3 BA . -16.12 -33.13 6.62
C17 WC3 BA . -17.07 -31.83 8.35
C20 WC3 BA . -15.56 -30.01 11.31
C21 WC3 BA . -16.26 -28.81 11.28
C24 WC3 BA . -17.23 -28.56 10.31
C02 WC3 BA . -13.36 -32.45 4.21
C04 WC3 BA . -14.09 -31.39 1.98
C05 WC3 BA . -11.54 -31.67 2.43
C06 WC3 BA . -11.09 -30.40 1.63
C07 WC3 BA . -11.66 -29.18 2.05
C08 WC3 BA . -11.45 -28.03 1.34
C09 WC3 BA . -10.70 -28.11 0.19
C11 WC3 BA . -10.42 -30.41 0.37
C12 WC3 BA . -9.71 -31.55 -0.42
C16 WC3 BA . -15.95 -32.20 7.61
C18 WC3 BA . -16.80 -30.75 9.41
C19 WC3 BA . -15.82 -30.97 10.36
C23 WC3 BA . -15.09 -26.85 11.81
C25 WC3 BA . -17.50 -29.54 9.35
C27 WC3 BA . -18.39 -33.35 7.17
C29 WC3 BA . -20.24 -33.95 5.64
C30 WC3 BA . -19.71 -33.24 4.40
C31 WC3 BA . -21.43 -34.63 5.66
C32 WC3 BA . -21.60 -35.14 6.91
C33 WC3 BA . -22.82 -35.97 7.28
N03 WC3 BA . -13.00 -31.82 2.87
N10 WC3 BA . -10.23 -29.27 -0.24
N26 WC3 BA . -18.25 -32.41 8.12
N28 WC3 BA . -19.69 -34.00 6.85
N34 WC3 BA . -20.56 -34.73 7.67
N35 WC3 BA . -17.32 -33.68 6.43
O01 WC3 BA . -12.53 -32.86 4.97
O14 WC3 BA . -14.96 -33.46 5.83
O22 WC3 BA . -15.99 -27.83 12.25
H131 WC3 BA . -15.40 -33.06 3.85
H132 WC3 BA . -15.24 -31.64 4.90
H201 WC3 BA . -14.81 -30.18 12.07
H241 WC3 BA . -17.77 -27.63 10.31
H043 WC3 BA . -13.68 -31.01 1.05
H041 WC3 BA . -14.66 -30.60 2.47
H042 WC3 BA . -14.75 -32.23 1.77
H052 WC3 BA . -10.93 -31.71 3.33
H051 WC3 BA . -11.31 -32.53 1.80
H071 WC3 BA . -12.27 -29.16 2.95
H081 WC3 BA . -11.84 -27.08 1.68
H091 WC3 BA . -10.48 -27.21 -0.39
H121 WC3 BA . -9.07 -32.11 0.26
H123 WC3 BA . -10.45 -32.21 -0.85
H122 WC3 BA . -9.10 -31.11 -1.20
H161 WC3 BA . -15.00 -31.75 7.81
H191 WC3 BA . -15.26 -31.90 10.34
H233 WC3 BA . -14.31 -27.31 11.21
H232 WC3 BA . -15.62 -26.12 11.21
H231 WC3 BA . -14.63 -26.35 12.66
H251 WC3 BA . -18.23 -29.35 8.59
H302 WC3 BA . -20.52 -33.08 3.69
H301 WC3 BA . -19.29 -32.28 4.69
H303 WC3 BA . -18.93 -33.85 3.93
H311 WC3 BA . -22.11 -34.76 4.81
H331 WC3 BA . -23.64 -35.31 7.57
H333 WC3 BA . -22.58 -36.63 8.11
H332 WC3 BA . -23.13 -36.56 6.42
ZN ZN CA . -20.08 -32.54 9.52
#